data_2XCZ
# 
_entry.id   2XCZ 
# 
_audit_conform.dict_name       mmcif_pdbx.dic 
_audit_conform.dict_version    5.383 
_audit_conform.dict_location   http://mmcif.pdb.org/dictionaries/ascii/mmcif_pdbx.dic 
# 
loop_
_database_2.database_id 
_database_2.database_code 
_database_2.pdbx_database_accession 
_database_2.pdbx_DOI 
PDB   2XCZ         pdb_00002xcz 10.2210/pdb2xcz/pdb 
PDBE  EBI-43744    ?            ?                   
WWPDB D_1290043744 ?            ?                   
# 
_pdbx_database_status.status_code                     REL 
_pdbx_database_status.entry_id                        2XCZ 
_pdbx_database_status.deposit_site                    PDBE 
_pdbx_database_status.process_site                    PDBE 
_pdbx_database_status.SG_entry                        . 
_pdbx_database_status.recvd_initial_deposition_date   2010-04-27 
_pdbx_database_status.pdb_format_compatible           Y 
_pdbx_database_status.status_code_sf                  REL 
_pdbx_database_status.status_code_mr                  ? 
_pdbx_database_status.status_code_cs                  ? 
_pdbx_database_status.methods_development_category    ? 
_pdbx_database_status.status_code_nmr_data            ? 
# 
loop_
_audit_author.name 
_audit_author.pdbx_ordinal 
'Wasiel, A.A.'         1 
'Rozeboom, H.J.'       2 
'Hauke, D.'            3 
'Baas, B.J.'           4 
'Zandvoort, E.'        5 
'Quax, W.J.'           6 
'Thunnissen, A.M.W.H.' 7 
'Poelarends, G.J.'     8 
# 
_citation.id                        primary 
_citation.title                     
;Structural and Functional Characterization of a Macrophage Migration Inhibitory Factor Homologue from the Marine Cyanobacterium Prochlorococcus Marinus.
;
_citation.journal_abbrev            Biochemistry 
_citation.journal_volume            49 
_citation.page_first                7572 
_citation.page_last                 ? 
_citation.year                      2010 
_citation.journal_id_ASTM           BICHAW 
_citation.country                   US 
_citation.journal_id_ISSN           0006-2960 
_citation.journal_id_CSD            0033 
_citation.book_publisher            ? 
_citation.pdbx_database_id_PubMed   20715791 
_citation.pdbx_database_id_DOI      10.1021/BI1008276 
# 
loop_
_citation_author.citation_id 
_citation_author.name 
_citation_author.ordinal 
_citation_author.identifier_ORCID 
primary 'Wasiel, A.A.'         1 ? 
primary 'Rozeboom, H.J.'       2 ? 
primary 'Hauke, D.'            3 ? 
primary 'Baas, B.J.'           4 ? 
primary 'Zandvoort, E.'        5 ? 
primary 'Quax, W.J.'           6 ? 
primary 'Thunnissen, A.M.W.H.' 7 ? 
primary 'Poelarends, G.J.'     8 ? 
# 
_cell.entry_id           2XCZ 
_cell.length_a           52.450 
_cell.length_b           52.450 
_cell.length_c           63.990 
_cell.angle_alpha        90.00 
_cell.angle_beta         90.00 
_cell.angle_gamma        120.00 
_cell.Z_PDB              6 
_cell.pdbx_unique_axis   ? 
# 
_symmetry.entry_id                         2XCZ 
_symmetry.space_group_name_H-M             'P 63' 
_symmetry.pdbx_full_space_group_name_H-M   ? 
_symmetry.cell_setting                     ? 
_symmetry.Int_Tables_number                173 
# 
loop_
_entity.id 
_entity.type 
_entity.src_method 
_entity.pdbx_description 
_entity.formula_weight 
_entity.pdbx_number_of_molecules 
_entity.pdbx_ec 
_entity.pdbx_mutation 
_entity.pdbx_fragment 
_entity.details 
1 polymer     man 'POSSIBLE ATLS1-LIKE LIGHT-INDUCIBLE PROTEIN' 12380.046 1   ? ? ? ? 
2 non-polymer syn 'DI(HYDROXYETHYL)ETHER'                       106.120   1   ? ? ? ? 
3 water       nat water                                         18.015    114 ? ? ? ? 
# 
_entity_name_com.entity_id   1 
_entity_name_com.name        'MACROPHAGE MIGRATION INHIBITORY FACTOR, MIF' 
# 
_entity_poly.entity_id                      1 
_entity_poly.type                           'polypeptide(L)' 
_entity_poly.nstd_linkage                   no 
_entity_poly.nstd_monomer                   no 
_entity_poly.pdbx_seq_one_letter_code       
;MPLINIQASVPAVADANSLLQELSSKLAELLGKPEKYVMTSLQCGVPMTFSGNTEPTCYVEVKSIGALDGSRTQEVSELV
CGHIEQNLGIPADRIYIGFEDVPARLWGWNGSTFG
;
_entity_poly.pdbx_seq_one_letter_code_can   
;MPLINIQASVPAVADANSLLQELSSKLAELLGKPEKYVMTSLQCGVPMTFSGNTEPTCYVEVKSIGALDGSRTQEVSELV
CGHIEQNLGIPADRIYIGFEDVPARLWGWNGSTFG
;
_entity_poly.pdbx_strand_id                 A 
_entity_poly.pdbx_target_identifier         ? 
# 
loop_
_entity_poly_seq.entity_id 
_entity_poly_seq.num 
_entity_poly_seq.mon_id 
_entity_poly_seq.hetero 
1 1   MET n 
1 2   PRO n 
1 3   LEU n 
1 4   ILE n 
1 5   ASN n 
1 6   ILE n 
1 7   GLN n 
1 8   ALA n 
1 9   SER n 
1 10  VAL n 
1 11  PRO n 
1 12  ALA n 
1 13  VAL n 
1 14  ALA n 
1 15  ASP n 
1 16  ALA n 
1 17  ASN n 
1 18  SER n 
1 19  LEU n 
1 20  LEU n 
1 21  GLN n 
1 22  GLU n 
1 23  LEU n 
1 24  SER n 
1 25  SER n 
1 26  LYS n 
1 27  LEU n 
1 28  ALA n 
1 29  GLU n 
1 30  LEU n 
1 31  LEU n 
1 32  GLY n 
1 33  LYS n 
1 34  PRO n 
1 35  GLU n 
1 36  LYS n 
1 37  TYR n 
1 38  VAL n 
1 39  MET n 
1 40  THR n 
1 41  SER n 
1 42  LEU n 
1 43  GLN n 
1 44  CYS n 
1 45  GLY n 
1 46  VAL n 
1 47  PRO n 
1 48  MET n 
1 49  THR n 
1 50  PHE n 
1 51  SER n 
1 52  GLY n 
1 53  ASN n 
1 54  THR n 
1 55  GLU n 
1 56  PRO n 
1 57  THR n 
1 58  CYS n 
1 59  TYR n 
1 60  VAL n 
1 61  GLU n 
1 62  VAL n 
1 63  LYS n 
1 64  SER n 
1 65  ILE n 
1 66  GLY n 
1 67  ALA n 
1 68  LEU n 
1 69  ASP n 
1 70  GLY n 
1 71  SER n 
1 72  ARG n 
1 73  THR n 
1 74  GLN n 
1 75  GLU n 
1 76  VAL n 
1 77  SER n 
1 78  GLU n 
1 79  LEU n 
1 80  VAL n 
1 81  CYS n 
1 82  GLY n 
1 83  HIS n 
1 84  ILE n 
1 85  GLU n 
1 86  GLN n 
1 87  ASN n 
1 88  LEU n 
1 89  GLY n 
1 90  ILE n 
1 91  PRO n 
1 92  ALA n 
1 93  ASP n 
1 94  ARG n 
1 95  ILE n 
1 96  TYR n 
1 97  ILE n 
1 98  GLY n 
1 99  PHE n 
1 100 GLU n 
1 101 ASP n 
1 102 VAL n 
1 103 PRO n 
1 104 ALA n 
1 105 ARG n 
1 106 LEU n 
1 107 TRP n 
1 108 GLY n 
1 109 TRP n 
1 110 ASN n 
1 111 GLY n 
1 112 SER n 
1 113 THR n 
1 114 PHE n 
1 115 GLY n 
# 
_entity_src_gen.entity_id                          1 
_entity_src_gen.pdbx_src_id                        1 
_entity_src_gen.pdbx_alt_source_flag               sample 
_entity_src_gen.pdbx_seq_type                      ? 
_entity_src_gen.pdbx_beg_seq_num                   ? 
_entity_src_gen.pdbx_end_seq_num                   ? 
_entity_src_gen.gene_src_common_name               ? 
_entity_src_gen.gene_src_genus                     ? 
_entity_src_gen.pdbx_gene_src_gene                 ? 
_entity_src_gen.gene_src_species                   ? 
_entity_src_gen.gene_src_strain                    'MIT 9313' 
_entity_src_gen.gene_src_tissue                    ? 
_entity_src_gen.gene_src_tissue_fraction           ? 
_entity_src_gen.gene_src_details                   ? 
_entity_src_gen.pdbx_gene_src_fragment             ? 
_entity_src_gen.pdbx_gene_src_scientific_name      'PROCHLOROCOCCUS MARINUS' 
_entity_src_gen.pdbx_gene_src_ncbi_taxonomy_id     74547 
_entity_src_gen.pdbx_gene_src_variant              ? 
_entity_src_gen.pdbx_gene_src_cell_line            ? 
_entity_src_gen.pdbx_gene_src_atcc                 ? 
_entity_src_gen.pdbx_gene_src_organ                ? 
_entity_src_gen.pdbx_gene_src_organelle            ? 
_entity_src_gen.pdbx_gene_src_cell                 ? 
_entity_src_gen.pdbx_gene_src_cellular_location    ? 
_entity_src_gen.host_org_common_name               ? 
_entity_src_gen.pdbx_host_org_scientific_name      'ESCHERICHIA COLI' 
_entity_src_gen.pdbx_host_org_ncbi_taxonomy_id     469008 
_entity_src_gen.host_org_genus                     ? 
_entity_src_gen.pdbx_host_org_gene                 ? 
_entity_src_gen.pdbx_host_org_organ                ? 
_entity_src_gen.host_org_species                   ? 
_entity_src_gen.pdbx_host_org_tissue               ? 
_entity_src_gen.pdbx_host_org_tissue_fraction      ? 
_entity_src_gen.pdbx_host_org_strain               'BL21(DE3)' 
_entity_src_gen.pdbx_host_org_variant              ? 
_entity_src_gen.pdbx_host_org_cell_line            ? 
_entity_src_gen.pdbx_host_org_atcc                 ? 
_entity_src_gen.pdbx_host_org_culture_collection   ? 
_entity_src_gen.pdbx_host_org_cell                 ? 
_entity_src_gen.pdbx_host_org_organelle            ? 
_entity_src_gen.pdbx_host_org_cellular_location    ? 
_entity_src_gen.pdbx_host_org_vector_type          PLASMID 
_entity_src_gen.pdbx_host_org_vector               ? 
_entity_src_gen.host_org_details                   ? 
_entity_src_gen.expression_system_id               ? 
_entity_src_gen.plasmid_name                       PET20B 
_entity_src_gen.plasmid_details                    ? 
_entity_src_gen.pdbx_description                   ? 
# 
_struct_ref.id                         1 
_struct_ref.db_name                    UNP 
_struct_ref.db_code                    Q7V867_PROMM 
_struct_ref.entity_id                  1 
_struct_ref.pdbx_seq_one_letter_code   ? 
_struct_ref.pdbx_align_begin           ? 
_struct_ref.pdbx_db_accession          Q7V867 
_struct_ref.pdbx_db_isoform            ? 
# 
_struct_ref_seq.align_id                      1 
_struct_ref_seq.ref_id                        1 
_struct_ref_seq.pdbx_PDB_id_code              2XCZ 
_struct_ref_seq.pdbx_strand_id                A 
_struct_ref_seq.seq_align_beg                 1 
_struct_ref_seq.pdbx_seq_align_beg_ins_code   ? 
_struct_ref_seq.seq_align_end                 115 
_struct_ref_seq.pdbx_seq_align_end_ins_code   ? 
_struct_ref_seq.pdbx_db_accession             Q7V867 
_struct_ref_seq.db_align_beg                  1 
_struct_ref_seq.pdbx_db_align_beg_ins_code    ? 
_struct_ref_seq.db_align_end                  115 
_struct_ref_seq.pdbx_db_align_end_ins_code    ? 
_struct_ref_seq.pdbx_auth_seq_align_beg       0 
_struct_ref_seq.pdbx_auth_seq_align_end       114 
# 
loop_
_chem_comp.id 
_chem_comp.type 
_chem_comp.mon_nstd_flag 
_chem_comp.name 
_chem_comp.pdbx_synonyms 
_chem_comp.formula 
_chem_comp.formula_weight 
ALA 'L-peptide linking' y ALANINE                 ? 'C3 H7 N O2'     89.093  
ARG 'L-peptide linking' y ARGININE                ? 'C6 H15 N4 O2 1' 175.209 
ASN 'L-peptide linking' y ASPARAGINE              ? 'C4 H8 N2 O3'    132.118 
ASP 'L-peptide linking' y 'ASPARTIC ACID'         ? 'C4 H7 N O4'     133.103 
CYS 'L-peptide linking' y CYSTEINE                ? 'C3 H7 N O2 S'   121.158 
GLN 'L-peptide linking' y GLUTAMINE               ? 'C5 H10 N2 O3'   146.144 
GLU 'L-peptide linking' y 'GLUTAMIC ACID'         ? 'C5 H9 N O4'     147.129 
GLY 'peptide linking'   y GLYCINE                 ? 'C2 H5 N O2'     75.067  
HIS 'L-peptide linking' y HISTIDINE               ? 'C6 H10 N3 O2 1' 156.162 
HOH non-polymer         . WATER                   ? 'H2 O'           18.015  
ILE 'L-peptide linking' y ISOLEUCINE              ? 'C6 H13 N O2'    131.173 
LEU 'L-peptide linking' y LEUCINE                 ? 'C6 H13 N O2'    131.173 
LYS 'L-peptide linking' y LYSINE                  ? 'C6 H15 N2 O2 1' 147.195 
MET 'L-peptide linking' y METHIONINE              ? 'C5 H11 N O2 S'  149.211 
PEG non-polymer         . 'DI(HYDROXYETHYL)ETHER' ? 'C4 H10 O3'      106.120 
PHE 'L-peptide linking' y PHENYLALANINE           ? 'C9 H11 N O2'    165.189 
PRO 'L-peptide linking' y PROLINE                 ? 'C5 H9 N O2'     115.130 
SER 'L-peptide linking' y SERINE                  ? 'C3 H7 N O3'     105.093 
THR 'L-peptide linking' y THREONINE               ? 'C4 H9 N O3'     119.119 
TRP 'L-peptide linking' y TRYPTOPHAN              ? 'C11 H12 N2 O2'  204.225 
TYR 'L-peptide linking' y TYROSINE                ? 'C9 H11 N O3'    181.189 
VAL 'L-peptide linking' y VALINE                  ? 'C5 H11 N O2'    117.146 
# 
_exptl.entry_id          2XCZ 
_exptl.method            'X-RAY DIFFRACTION' 
_exptl.crystals_number   1 
# 
_exptl_crystal.id                    1 
_exptl_crystal.density_meas          ? 
_exptl_crystal.density_Matthews      1.94 
_exptl_crystal.density_percent_sol   37 
_exptl_crystal.description           NONE 
_exptl_crystal.preparation           ? 
# 
_exptl_crystal_grow.crystal_id      1 
_exptl_crystal_grow.method          'VAPOR DIFFUSION, HANGING DROP' 
_exptl_crystal_grow.temp            298 
_exptl_crystal_grow.temp_details    ? 
_exptl_crystal_grow.pH              7.5 
_exptl_crystal_grow.pdbx_pH_range   ? 
_exptl_crystal_grow.pdbx_details    
'42% PEG300, 0.2 M SODIUM CHLORIDE, 0.1 M HEPES PH 7.5, VAPOR DIFFUSION, HANGING DROP,TEMPERATURE 298 K' 
# 
_diffrn.id                               1 
_diffrn.ambient_temp                     110 
_diffrn.ambient_temp_details             ? 
_diffrn.crystal_id                       1 
_diffrn.pdbx_serial_crystal_experiment   ? 
# 
_diffrn_detector.diffrn_id              1 
_diffrn_detector.detector               'IMAGE PLATE' 
_diffrn_detector.type                   'MACSCIENCE DIP2030H' 
_diffrn_detector.pdbx_collection_date   2009-01-26 
_diffrn_detector.details                MIRRORS 
# 
_diffrn_radiation.diffrn_id                        1 
_diffrn_radiation.wavelength_id                    1 
_diffrn_radiation.pdbx_monochromatic_or_laue_m_l   M 
_diffrn_radiation.monochromator                    ? 
_diffrn_radiation.pdbx_diffrn_protocol             'SINGLE WAVELENGTH' 
_diffrn_radiation.pdbx_scattering_type             x-ray 
# 
_diffrn_radiation_wavelength.id           1 
_diffrn_radiation_wavelength.wavelength   1.5418 
_diffrn_radiation_wavelength.wt           1.0 
# 
_diffrn_source.diffrn_id                   1 
_diffrn_source.source                      'ROTATING ANODE' 
_diffrn_source.type                        'ENRAF-NONIUS FR591' 
_diffrn_source.pdbx_synchrotron_site       ? 
_diffrn_source.pdbx_synchrotron_beamline   ? 
_diffrn_source.pdbx_wavelength             1.5418 
_diffrn_source.pdbx_wavelength_list        ? 
# 
_reflns.pdbx_diffrn_id               1 
_reflns.pdbx_ordinal                 1 
_reflns.entry_id                     2XCZ 
_reflns.observed_criterion_sigma_I   -3.0 
_reflns.observed_criterion_sigma_F   ? 
_reflns.d_resolution_low             26.20 
_reflns.d_resolution_high            1.63 
_reflns.number_obs                   12309 
_reflns.number_all                   ? 
_reflns.percent_possible_obs         98.7 
_reflns.pdbx_Rmerge_I_obs            0.07 
_reflns.pdbx_Rsym_value              ? 
_reflns.pdbx_netI_over_sigmaI        15.30 
_reflns.B_iso_Wilson_estimate        15.1 
_reflns.pdbx_redundancy              5.6 
# 
_reflns_shell.pdbx_diffrn_id         1 
_reflns_shell.pdbx_ordinal           1 
_reflns_shell.d_res_high             1.63 
_reflns_shell.d_res_low              1.72 
_reflns_shell.percent_possible_all   91.3 
_reflns_shell.Rmerge_I_obs           0.26 
_reflns_shell.pdbx_Rsym_value        ? 
_reflns_shell.meanI_over_sigI_obs    6.40 
_reflns_shell.pdbx_redundancy        4.4 
# 
_refine.pdbx_refine_id                           'X-RAY DIFFRACTION' 
_refine.entry_id                                 2XCZ 
_refine.pdbx_diffrn_id                           1 
_refine.pdbx_TLS_residual_ADP_flag               ? 
_refine.ls_number_reflns_obs                     11702 
_refine.ls_number_reflns_all                     ? 
_refine.pdbx_ls_sigma_I                          ? 
_refine.pdbx_ls_sigma_F                          ? 
_refine.pdbx_data_cutoff_high_absF               ? 
_refine.pdbx_data_cutoff_low_absF                ? 
_refine.pdbx_data_cutoff_high_rms_absF           ? 
_refine.ls_d_res_low                             26.22 
_refine.ls_d_res_high                            1.64 
_refine.ls_percent_reflns_obs                    99.69 
_refine.ls_R_factor_obs                          0.16604 
_refine.ls_R_factor_all                          ? 
_refine.ls_R_factor_R_work                       0.16377 
_refine.ls_R_factor_R_free                       0.21277 
_refine.ls_R_factor_R_free_error                 ? 
_refine.ls_R_factor_R_free_error_details         ? 
_refine.ls_percent_reflns_R_free                 4.8 
_refine.ls_number_reflns_R_free                  590 
_refine.ls_number_parameters                     ? 
_refine.ls_number_restraints                     ? 
_refine.occupancy_min                            ? 
_refine.occupancy_max                            ? 
_refine.correlation_coeff_Fo_to_Fc               0.965 
_refine.correlation_coeff_Fo_to_Fc_free          0.945 
_refine.B_iso_mean                               16.213 
_refine.aniso_B[1][1]                            0.00 
_refine.aniso_B[2][2]                            0.00 
_refine.aniso_B[3][3]                            0.00 
_refine.aniso_B[1][2]                            0.00 
_refine.aniso_B[1][3]                            0.00 
_refine.aniso_B[2][3]                            0.00 
_refine.solvent_model_details                    'BABINET MODEL WITH MASK' 
_refine.solvent_model_param_ksol                 ? 
_refine.solvent_model_param_bsol                 ? 
_refine.pdbx_solvent_vdw_probe_radii             1.40 
_refine.pdbx_solvent_ion_probe_radii             0.80 
_refine.pdbx_solvent_shrinkage_radii             0.80 
_refine.pdbx_ls_cross_valid_method               THROUGHOUT 
_refine.details                                  'HYDROGENS HAVE BEEN ADDED IN THE RIDING POSITIONS.' 
_refine.pdbx_starting_model                      'PDB ENTRIES 1GIF, 1GCZ, 1FIM, 1UIZ.' 
_refine.pdbx_method_to_determine_struct          'MOLECULAR REPLACEMENT' 
_refine.pdbx_isotropic_thermal_model             ? 
_refine.pdbx_stereochemistry_target_values       'MAXIMUM LIKELIHOOD' 
_refine.pdbx_stereochem_target_val_spec_case     ? 
_refine.pdbx_R_Free_selection_details            RANDOM 
_refine.pdbx_overall_ESU_R                       0.098 
_refine.pdbx_overall_ESU_R_Free                  0.103 
_refine.overall_SU_ML                            0.069 
_refine.pdbx_overall_phase_error                 ? 
_refine.overall_SU_B                             2.020 
_refine.overall_SU_R_Cruickshank_DPI             ? 
_refine.pdbx_overall_SU_R_free_Cruickshank_DPI   ? 
_refine.pdbx_overall_SU_R_Blow_DPI               ? 
_refine.pdbx_overall_SU_R_free_Blow_DPI          ? 
# 
_refine_hist.pdbx_refine_id                   'X-RAY DIFFRACTION' 
_refine_hist.cycle_id                         LAST 
_refine_hist.pdbx_number_atoms_protein        858 
_refine_hist.pdbx_number_atoms_nucleic_acid   0 
_refine_hist.pdbx_number_atoms_ligand         7 
_refine_hist.number_atoms_solvent             114 
_refine_hist.number_atoms_total               979 
_refine_hist.d_res_high                       1.64 
_refine_hist.d_res_low                        26.22 
# 
loop_
_refine_ls_restr.type 
_refine_ls_restr.dev_ideal 
_refine_ls_restr.dev_ideal_target 
_refine_ls_restr.weight 
_refine_ls_restr.number 
_refine_ls_restr.pdbx_refine_id 
_refine_ls_restr.pdbx_restraint_function 
r_bond_refined_d             0.010  0.022  ? 892  'X-RAY DIFFRACTION' ? 
r_bond_other_d               ?      ?      ? ?    'X-RAY DIFFRACTION' ? 
r_angle_refined_deg          1.157  1.975  ? 1213 'X-RAY DIFFRACTION' ? 
r_angle_other_deg            ?      ?      ? ?    'X-RAY DIFFRACTION' ? 
r_dihedral_angle_1_deg       5.524  5.000  ? 117  'X-RAY DIFFRACTION' ? 
r_dihedral_angle_2_deg       40.747 25.833 ? 36   'X-RAY DIFFRACTION' ? 
r_dihedral_angle_3_deg       12.321 15.000 ? 146  'X-RAY DIFFRACTION' ? 
r_dihedral_angle_4_deg       7.735  15.000 ? 3    'X-RAY DIFFRACTION' ? 
r_chiral_restr               0.085  0.200  ? 139  'X-RAY DIFFRACTION' ? 
r_gen_planes_refined         0.005  0.021  ? 666  'X-RAY DIFFRACTION' ? 
r_gen_planes_other           ?      ?      ? ?    'X-RAY DIFFRACTION' ? 
r_nbd_refined                ?      ?      ? ?    'X-RAY DIFFRACTION' ? 
r_nbd_other                  ?      ?      ? ?    'X-RAY DIFFRACTION' ? 
r_nbtor_refined              ?      ?      ? ?    'X-RAY DIFFRACTION' ? 
r_nbtor_other                ?      ?      ? ?    'X-RAY DIFFRACTION' ? 
r_xyhbond_nbd_refined        ?      ?      ? ?    'X-RAY DIFFRACTION' ? 
r_xyhbond_nbd_other          ?      ?      ? ?    'X-RAY DIFFRACTION' ? 
r_metal_ion_refined          ?      ?      ? ?    'X-RAY DIFFRACTION' ? 
r_metal_ion_other            ?      ?      ? ?    'X-RAY DIFFRACTION' ? 
r_symmetry_vdw_refined       ?      ?      ? ?    'X-RAY DIFFRACTION' ? 
r_symmetry_vdw_other         ?      ?      ? ?    'X-RAY DIFFRACTION' ? 
r_symmetry_hbond_refined     ?      ?      ? ?    'X-RAY DIFFRACTION' ? 
r_symmetry_hbond_other       ?      ?      ? ?    'X-RAY DIFFRACTION' ? 
r_symmetry_metal_ion_refined ?      ?      ? ?    'X-RAY DIFFRACTION' ? 
r_symmetry_metal_ion_other   ?      ?      ? ?    'X-RAY DIFFRACTION' ? 
r_mcbond_it                  0.563  1.500  ? 571  'X-RAY DIFFRACTION' ? 
r_mcbond_other               ?      ?      ? ?    'X-RAY DIFFRACTION' ? 
r_mcangle_it                 1.149  2.000  ? 922  'X-RAY DIFFRACTION' ? 
r_mcangle_other              ?      ?      ? ?    'X-RAY DIFFRACTION' ? 
r_scbond_it                  2.086  3.000  ? 321  'X-RAY DIFFRACTION' ? 
r_scbond_other               ?      ?      ? ?    'X-RAY DIFFRACTION' ? 
r_scangle_it                 3.607  4.500  ? 289  'X-RAY DIFFRACTION' ? 
r_scangle_other              ?      ?      ? ?    'X-RAY DIFFRACTION' ? 
r_long_range_B_refined       ?      ?      ? ?    'X-RAY DIFFRACTION' ? 
r_long_range_B_other         ?      ?      ? ?    'X-RAY DIFFRACTION' ? 
r_rigid_bond_restr           ?      ?      ? ?    'X-RAY DIFFRACTION' ? 
r_sphericity_free            ?      ?      ? ?    'X-RAY DIFFRACTION' ? 
r_sphericity_bonded          ?      ?      ? ?    'X-RAY DIFFRACTION' ? 
# 
_refine_ls_shell.pdbx_refine_id                   'X-RAY DIFFRACTION' 
_refine_ls_shell.pdbx_total_number_of_bins_used   20 
_refine_ls_shell.d_res_high                       1.639 
_refine_ls_shell.d_res_low                        1.682 
_refine_ls_shell.number_reflns_R_work             828 
_refine_ls_shell.R_factor_R_work                  0.232 
_refine_ls_shell.percent_reflns_obs               96.70 
_refine_ls_shell.R_factor_R_free                  0.246 
_refine_ls_shell.R_factor_R_free_error            ? 
_refine_ls_shell.percent_reflns_R_free            ? 
_refine_ls_shell.number_reflns_R_free             51 
_refine_ls_shell.number_reflns_all                ? 
_refine_ls_shell.R_factor_all                     ? 
# 
_struct.entry_id                  2XCZ 
_struct.title                     
'Crystal Structure of macrophage migration inhibitory factor homologue from Prochlorococcus marinus' 
_struct.pdbx_model_details        ? 
_struct.pdbx_CASP_flag            ? 
_struct.pdbx_model_type_details   ? 
# 
_struct_keywords.entry_id        2XCZ 
_struct_keywords.pdbx_keywords   'IMMUNE SYSTEM' 
_struct_keywords.text            'CYTOKINE, TAUTOMERASE, IMMUNE SYSTEM, CYANOBACTERIUM' 
# 
loop_
_struct_asym.id 
_struct_asym.pdbx_blank_PDB_chainid_flag 
_struct_asym.pdbx_modified 
_struct_asym.entity_id 
_struct_asym.details 
A N N 1 ? 
B N N 2 ? 
C N N 3 ? 
# 
loop_
_struct_conf.conf_type_id 
_struct_conf.id 
_struct_conf.pdbx_PDB_helix_id 
_struct_conf.beg_label_comp_id 
_struct_conf.beg_label_asym_id 
_struct_conf.beg_label_seq_id 
_struct_conf.pdbx_beg_PDB_ins_code 
_struct_conf.end_label_comp_id 
_struct_conf.end_label_asym_id 
_struct_conf.end_label_seq_id 
_struct_conf.pdbx_end_PDB_ins_code 
_struct_conf.beg_auth_comp_id 
_struct_conf.beg_auth_asym_id 
_struct_conf.beg_auth_seq_id 
_struct_conf.end_auth_comp_id 
_struct_conf.end_auth_asym_id 
_struct_conf.end_auth_seq_id 
_struct_conf.pdbx_PDB_helix_class 
_struct_conf.details 
_struct_conf.pdbx_PDB_helix_length 
HELX_P HELX_P1 1 ASP A 15  ? GLY A 32  ? ASP A 14  GLY A 31  1 ? 18 
HELX_P HELX_P2 2 PRO A 34  ? VAL A 38  ? PRO A 33  VAL A 37  5 ? 5  
HELX_P HELX_P3 3 SER A 71  ? GLY A 89  ? SER A 70  GLY A 88  1 ? 19 
HELX_P HELX_P4 4 PRO A 91  ? ASP A 93  ? PRO A 90  ASP A 92  5 ? 3  
HELX_P HELX_P5 5 PRO A 103 ? LEU A 106 ? PRO A 102 LEU A 105 5 ? 4  
# 
_struct_conf_type.id          HELX_P 
_struct_conf_type.criteria    ? 
_struct_conf_type.reference   ? 
# 
loop_
_struct_sheet.id 
_struct_sheet.type 
_struct_sheet.number_strands 
_struct_sheet.details 
AA ? 4 ? 
AB ? 2 ? 
# 
loop_
_struct_sheet_order.sheet_id 
_struct_sheet_order.range_id_1 
_struct_sheet_order.range_id_2 
_struct_sheet_order.offset 
_struct_sheet_order.sense 
AA 1 2 ? parallel      
AA 2 3 ? anti-parallel 
AA 3 4 ? parallel      
AB 1 2 ? anti-parallel 
# 
loop_
_struct_sheet_range.sheet_id 
_struct_sheet_range.id 
_struct_sheet_range.beg_label_comp_id 
_struct_sheet_range.beg_label_asym_id 
_struct_sheet_range.beg_label_seq_id 
_struct_sheet_range.pdbx_beg_PDB_ins_code 
_struct_sheet_range.end_label_comp_id 
_struct_sheet_range.end_label_asym_id 
_struct_sheet_range.end_label_seq_id 
_struct_sheet_range.pdbx_end_PDB_ins_code 
_struct_sheet_range.beg_auth_comp_id 
_struct_sheet_range.beg_auth_asym_id 
_struct_sheet_range.beg_auth_seq_id 
_struct_sheet_range.end_auth_comp_id 
_struct_sheet_range.end_auth_asym_id 
_struct_sheet_range.end_auth_seq_id 
AA 1 MET A 39  ? GLN A 43  ? MET A 38  GLN A 42  
AA 2 LEU A 3   ? ALA A 8   ? LEU A 2   ALA A 7   
AA 3 CYS A 58  ? SER A 64  ? CYS A 57  SER A 63  
AA 4 ILE A 95  ? ASP A 101 ? ILE A 94  ASP A 100 
AB 1 GLY A 108 ? TRP A 109 ? GLY A 107 TRP A 108 
AB 2 SER A 112 ? THR A 113 ? SER A 111 THR A 112 
# 
loop_
_pdbx_struct_sheet_hbond.sheet_id 
_pdbx_struct_sheet_hbond.range_id_1 
_pdbx_struct_sheet_hbond.range_id_2 
_pdbx_struct_sheet_hbond.range_1_label_atom_id 
_pdbx_struct_sheet_hbond.range_1_label_comp_id 
_pdbx_struct_sheet_hbond.range_1_label_asym_id 
_pdbx_struct_sheet_hbond.range_1_label_seq_id 
_pdbx_struct_sheet_hbond.range_1_PDB_ins_code 
_pdbx_struct_sheet_hbond.range_1_auth_atom_id 
_pdbx_struct_sheet_hbond.range_1_auth_comp_id 
_pdbx_struct_sheet_hbond.range_1_auth_asym_id 
_pdbx_struct_sheet_hbond.range_1_auth_seq_id 
_pdbx_struct_sheet_hbond.range_2_label_atom_id 
_pdbx_struct_sheet_hbond.range_2_label_comp_id 
_pdbx_struct_sheet_hbond.range_2_label_asym_id 
_pdbx_struct_sheet_hbond.range_2_label_seq_id 
_pdbx_struct_sheet_hbond.range_2_PDB_ins_code 
_pdbx_struct_sheet_hbond.range_2_auth_atom_id 
_pdbx_struct_sheet_hbond.range_2_auth_comp_id 
_pdbx_struct_sheet_hbond.range_2_auth_asym_id 
_pdbx_struct_sheet_hbond.range_2_auth_seq_id 
AA 1 2 N SER A 41  ? N SER A 40  O ILE A 4   ? O ILE A 3   
AA 2 3 N GLN A 7   ? N GLN A 6   O TYR A 59  ? O TYR A 58  
AA 3 4 N VAL A 60  ? N VAL A 59  O TYR A 96  ? O TYR A 95  
AB 1 2 N TRP A 109 ? N TRP A 108 O SER A 112 ? O SER A 111 
# 
_struct_site.id                   AC1 
_struct_site.pdbx_evidence_code   Software 
_struct_site.pdbx_auth_asym_id    A 
_struct_site.pdbx_auth_comp_id    PEG 
_struct_site.pdbx_auth_seq_id     1115 
_struct_site.pdbx_auth_ins_code   ? 
_struct_site.pdbx_num_residues    4 
_struct_site.details              'BINDING SITE FOR RESIDUE PEG A 1115' 
# 
loop_
_struct_site_gen.id 
_struct_site_gen.site_id 
_struct_site_gen.pdbx_num_res 
_struct_site_gen.label_comp_id 
_struct_site_gen.label_asym_id 
_struct_site_gen.label_seq_id 
_struct_site_gen.pdbx_auth_ins_code 
_struct_site_gen.auth_comp_id 
_struct_site_gen.auth_asym_id 
_struct_site_gen.auth_seq_id 
_struct_site_gen.label_atom_id 
_struct_site_gen.label_alt_id 
_struct_site_gen.symmetry 
_struct_site_gen.details 
1 AC1 4 PRO A 2   ? PRO A 1   . ? 1_555 ? 
2 AC1 4 LYS A 33  ? LYS A 32  . ? 1_555 ? 
3 AC1 4 ILE A 65  ? ILE A 64  . ? 1_555 ? 
4 AC1 4 TRP A 107 ? TRP A 106 . ? 1_555 ? 
# 
_atom_sites.entry_id                    2XCZ 
_atom_sites.fract_transf_matrix[1][1]   -0.00443674 
_atom_sites.fract_transf_matrix[1][2]   0.01750815 
_atom_sites.fract_transf_matrix[1][3]   0.01258842 
_atom_sites.fract_transf_matrix[2][1]   -0.01705142 
_atom_sites.fract_transf_matrix[2][2]   0.01303770 
_atom_sites.fract_transf_matrix[2][3]   -0.00489161 
_atom_sites.fract_transf_matrix[3][1]   -0.00929892 
_atom_sites.fract_transf_matrix[3][2]   -0.00879952 
_atom_sites.fract_transf_matrix[3][3]   0.00896112 
_atom_sites.fract_transf_vector[1]      0.322140 
_atom_sites.fract_transf_vector[2]      0.439536 
_atom_sites.fract_transf_vector[3]      0.048718 
# 
loop_
_atom_type.symbol 
C 
N 
O 
S 
# 
loop_
_atom_site.group_PDB 
_atom_site.id 
_atom_site.type_symbol 
_atom_site.label_atom_id 
_atom_site.label_alt_id 
_atom_site.label_comp_id 
_atom_site.label_asym_id 
_atom_site.label_entity_id 
_atom_site.label_seq_id 
_atom_site.pdbx_PDB_ins_code 
_atom_site.Cartn_x 
_atom_site.Cartn_y 
_atom_site.Cartn_z 
_atom_site.occupancy 
_atom_site.B_iso_or_equiv 
_atom_site.pdbx_formal_charge 
_atom_site.auth_seq_id 
_atom_site.auth_comp_id 
_atom_site.auth_asym_id 
_atom_site.auth_atom_id 
_atom_site.pdbx_PDB_model_num 
ATOM   1   N N   . PRO A 1 2   ? 1.856   10.245  2.307   1.00 10.66 ? 1    PRO A N   1 
ATOM   2   C CA  . PRO A 1 2   ? 1.699   9.068   1.462   1.00 9.80  ? 1    PRO A CA  1 
ATOM   3   C C   . PRO A 1 2   ? 0.388   8.336   1.692   1.00 9.66  ? 1    PRO A C   1 
ATOM   4   O O   . PRO A 1 2   ? -0.265  8.499   2.726   1.00 10.29 ? 1    PRO A O   1 
ATOM   5   C CB  . PRO A 1 2   ? 2.852   8.153   1.905   1.00 10.29 ? 1    PRO A CB  1 
ATOM   6   C CG  . PRO A 1 2   ? 3.823   9.066   2.589   1.00 12.06 ? 1    PRO A CG  1 
ATOM   7   C CD  . PRO A 1 2   ? 2.993   10.102  3.233   1.00 10.34 ? 1    PRO A CD  1 
ATOM   8   N N   . LEU A 1 3   ? 0.042   7.509   0.725   1.00 8.98  ? 2    LEU A N   1 
ATOM   9   C CA  . LEU A 1 3   ? -1.194  6.737   0.741   1.00 9.13  ? 2    LEU A CA  1 
ATOM   10  C C   . LEU A 1 3   ? -0.862  5.340   0.255   1.00 8.50  ? 2    LEU A C   1 
ATOM   11  O O   . LEU A 1 3   ? -0.153  5.170   -0.739  1.00 8.25  ? 2    LEU A O   1 
ATOM   12  C CB  . LEU A 1 3   ? -2.216  7.377   -0.209  1.00 8.88  ? 2    LEU A CB  1 
ATOM   13  C CG  . LEU A 1 3   ? -3.518  6.619   -0.455  1.00 9.96  ? 2    LEU A CG  1 
ATOM   14  C CD1 . LEU A 1 3   ? -4.456  6.651   0.731   1.00 10.09 ? 2    LEU A CD1 1 
ATOM   15  C CD2 . LEU A 1 3   ? -4.198  7.198   -1.687  1.00 9.32  ? 2    LEU A CD2 1 
ATOM   16  N N   . ILE A 1 4   ? -1.340  4.339   0.991   1.00 8.38  ? 3    ILE A N   1 
ATOM   17  C CA  . ILE A 1 4   ? -1.287  2.956   0.525   1.00 8.52  ? 3    ILE A CA  1 
ATOM   18  C C   . ILE A 1 4   ? -2.630  2.245   0.754   1.00 7.87  ? 3    ILE A C   1 
ATOM   19  O O   . ILE A 1 4   ? -3.045  2.012   1.889   1.00 8.13  ? 3    ILE A O   1 
ATOM   20  C CB  . ILE A 1 4   ? -0.071  2.199   1.105   1.00 8.64  ? 3    ILE A CB  1 
ATOM   21  C CG1 . ILE A 1 4   ? -0.007  0.757   0.567   1.00 8.20  ? 3    ILE A CG1 1 
ATOM   22  C CG2 . ILE A 1 4   ? -0.031  2.293   2.658   1.00 8.19  ? 3    ILE A CG2 1 
ATOM   23  C CD1 . ILE A 1 4   ? 1.363   0.100   0.753   1.00 10.02 ? 3    ILE A CD1 1 
ATOM   24  N N   . ASN A 1 5   ? -3.289  1.898   -0.352  1.00 8.02  ? 4    ASN A N   1 
ATOM   25  C CA  . ASN A 1 5   ? -4.584  1.224   -0.312  1.00 8.03  ? 4    ASN A CA  1 
ATOM   26  C C   . ASN A 1 5   ? -4.412  -0.203  -0.827  1.00 8.79  ? 4    ASN A C   1 
ATOM   27  O O   . ASN A 1 5   ? -3.940  -0.403  -1.947  1.00 9.48  ? 4    ASN A O   1 
ATOM   28  C CB  . ASN A 1 5   ? -5.593  1.990   -1.185  1.00 7.42  ? 4    ASN A CB  1 
ATOM   29  C CG  . ASN A 1 5   ? -6.032  3.313   -0.580  1.00 9.68  ? 4    ASN A CG  1 
ATOM   30  O OD1 . ASN A 1 5   ? -6.249  3.436   0.636   1.00 9.55  ? 4    ASN A OD1 1 
ATOM   31  N ND2 . ASN A 1 5   ? -6.206  4.307   -1.446  1.00 9.22  ? 4    ASN A ND2 1 
ATOM   32  N N   . ILE A 1 6   ? -4.770  -1.194  -0.010  1.00 8.43  ? 5    ILE A N   1 
ATOM   33  C CA  . ILE A 1 6   ? -4.620  -2.595  -0.407  1.00 9.40  ? 5    ILE A CA  1 
ATOM   34  C C   . ILE A 1 6   ? -5.982  -3.208  -0.662  1.00 9.45  ? 5    ILE A C   1 
ATOM   35  O O   . ILE A 1 6   ? -6.906  -3.062  0.142   1.00 10.08 ? 5    ILE A O   1 
ATOM   36  C CB  . ILE A 1 6   ? -3.874  -3.422  0.675   1.00 9.24  ? 5    ILE A CB  1 
ATOM   37  C CG1 . ILE A 1 6   ? -2.489  -2.821  0.989   1.00 10.54 ? 5    ILE A CG1 1 
ATOM   38  C CG2 . ILE A 1 6   ? -3.685  -4.867  0.216   1.00 9.67  ? 5    ILE A CG2 1 
ATOM   39  C CD1 . ILE A 1 6   ? -1.949  -3.244  2.370   1.00 13.47 ? 5    ILE A CD1 1 
ATOM   40  N N   . GLN A 1 7   ? -6.101  -3.891  -1.790  1.00 9.89  ? 6    GLN A N   1 
ATOM   41  C CA  . GLN A 1 7   ? -7.313  -4.613  -2.157  1.00 10.76 ? 6    GLN A CA  1 
ATOM   42  C C   . GLN A 1 7   ? -6.916  -6.086  -2.341  1.00 10.77 ? 6    GLN A C   1 
ATOM   43  O O   . GLN A 1 7   ? -6.138  -6.427  -3.241  1.00 11.11 ? 6    GLN A O   1 
ATOM   44  C CB  . GLN A 1 7   ? -7.866  -3.992  -3.440  1.00 11.03 ? 6    GLN A CB  1 
ATOM   45  C CG  . GLN A 1 7   ? -9.001  -4.721  -4.118  1.00 13.68 ? 6    GLN A CG  1 
ATOM   46  C CD  . GLN A 1 7   ? -9.076  -4.364  -5.589  1.00 17.76 ? 6    GLN A CD  1 
ATOM   47  O OE1 . GLN A 1 7   ? -8.704  -5.161  -6.451  1.00 20.42 ? 6    GLN A OE1 1 
ATOM   48  N NE2 . GLN A 1 7   ? -9.521  -3.144  -5.883  1.00 19.84 ? 6    GLN A NE2 1 
ATOM   49  N N   . ALA A 1 8   ? -7.427  -6.964  -1.478  1.00 10.25 ? 7    ALA A N   1 
ATOM   50  C CA  . ALA A 1 8   ? -6.943  -8.353  -1.493  1.00 10.55 ? 7    ALA A CA  1 
ATOM   51  C C   . ALA A 1 8   ? -8.078  -9.343  -1.655  1.00 10.42 ? 7    ALA A C   1 
ATOM   52  O O   . ALA A 1 8   ? -9.201  -9.060  -1.250  1.00 10.70 ? 7    ALA A O   1 
ATOM   53  C CB  . ALA A 1 8   ? -6.125  -8.663  -0.229  1.00 10.45 ? 7    ALA A CB  1 
ATOM   54  N N   . SER A 1 9   ? -7.766  -10.497 -2.237  1.00 10.68 ? 8    SER A N   1 
ATOM   55  C CA  . SER A 1 9   ? -8.747  -11.547 -2.474  1.00 11.50 ? 8    SER A CA  1 
ATOM   56  C C   . SER A 1 9   ? -8.983  -12.443 -1.259  1.00 12.55 ? 8    SER A C   1 
ATOM   57  O O   . SER A 1 9   ? -10.044 -13.080 -1.143  1.00 12.72 ? 8    SER A O   1 
ATOM   58  C CB  . SER A 1 9   ? -8.344  -12.400 -3.679  1.00 10.83 ? 8    SER A CB  1 
ATOM   59  O OG  . SER A 1 9   ? -7.215  -13.211 -3.382  1.00 10.71 ? 8    SER A OG  1 
ATOM   60  N N   . VAL A 1 10  ? -8.003  -12.488 -0.359  1.00 13.34 ? 9    VAL A N   1 
ATOM   61  C CA  . VAL A 1 10  ? -8.080  -13.364 0.827   1.00 14.31 ? 9    VAL A CA  1 
ATOM   62  C C   . VAL A 1 10  ? -9.122  -12.863 1.833   1.00 14.57 ? 9    VAL A C   1 
ATOM   63  O O   . VAL A 1 10  ? -9.507  -11.697 1.816   1.00 14.33 ? 9    VAL A O   1 
ATOM   64  C CB  . VAL A 1 10  ? -6.710  -13.515 1.530   1.00 14.72 ? 9    VAL A CB  1 
ATOM   65  C CG1 . VAL A 1 10  ? -5.675  -14.111 0.593   1.00 15.55 ? 9    VAL A CG1 1 
ATOM   66  C CG2 . VAL A 1 10  ? -6.241  -12.181 2.096   1.00 13.24 ? 9    VAL A CG2 1 
ATOM   67  N N   . PRO A 1 11  ? -9.593  -13.742 2.735   1.00 15.03 ? 10   PRO A N   1 
ATOM   68  C CA  . PRO A 1 11  ? -10.593 -13.285 3.700   1.00 15.55 ? 10   PRO A CA  1 
ATOM   69  C C   . PRO A 1 11  ? -10.076 -12.210 4.662   1.00 15.40 ? 10   PRO A C   1 
ATOM   70  O O   . PRO A 1 11  ? -8.862  -12.095 4.862   1.00 15.63 ? 10   PRO A O   1 
ATOM   71  C CB  . PRO A 1 11  ? -10.913 -14.561 4.482   1.00 15.60 ? 10   PRO A CB  1 
ATOM   72  C CG  . PRO A 1 11  ? -10.582 -15.659 3.538   1.00 15.43 ? 10   PRO A CG  1 
ATOM   73  C CD  . PRO A 1 11  ? -9.382  -15.199 2.801   1.00 15.27 ? 10   PRO A CD  1 
ATOM   74  N N   . ALA A 1 12  ? -10.986 -11.439 5.251   1.00 15.48 ? 11   ALA A N   1 
ATOM   75  C CA  . ALA A 1 12  ? -10.613 -10.419 6.239   1.00 16.46 ? 11   ALA A CA  1 
ATOM   76  C C   . ALA A 1 12  ? -9.779  -11.011 7.374   1.00 16.92 ? 11   ALA A C   1 
ATOM   77  O O   . ALA A 1 12  ? -9.975  -12.166 7.751   1.00 17.62 ? 11   ALA A O   1 
ATOM   78  C CB  . ALA A 1 12  ? -11.841 -9.734  6.770   1.00 16.17 ? 11   ALA A CB  1 
ATOM   79  N N   . VAL A 1 13  ? -8.824  -10.240 7.891   1.00 17.14 ? 12   VAL A N   1 
ATOM   80  C CA  . VAL A 1 13  ? -7.972  -10.719 8.991   1.00 17.37 ? 12   VAL A CA  1 
ATOM   81  C C   . VAL A 1 13  ? -8.217  -9.956  10.301  1.00 17.86 ? 12   VAL A C   1 
ATOM   82  O O   . VAL A 1 13  ? -8.449  -8.743  10.306  1.00 17.93 ? 12   VAL A O   1 
ATOM   83  C CB  . VAL A 1 13  ? -6.465  -10.743 8.643   1.00 17.45 ? 12   VAL A CB  1 
ATOM   84  C CG1 . VAL A 1 13  ? -6.200  -11.685 7.477   1.00 18.05 ? 12   VAL A CG1 1 
ATOM   85  C CG2 . VAL A 1 13  ? -5.953  -9.344  8.323   1.00 18.38 ? 12   VAL A CG2 1 
ATOM   86  N N   . ALA A 1 14  ? -8.194  -10.688 11.414  1.00 18.04 ? 13   ALA A N   1 
ATOM   87  C CA  . ALA A 1 14  ? -8.447  -10.096 12.722  1.00 17.90 ? 13   ALA A CA  1 
ATOM   88  C C   . ALA A 1 14  ? -7.439  -8.995  13.077  1.00 17.86 ? 13   ALA A C   1 
ATOM   89  O O   . ALA A 1 14  ? -7.805  -8.012  13.744  1.00 18.28 ? 13   ALA A O   1 
ATOM   90  C CB  . ALA A 1 14  ? -8.479  -11.184 13.801  1.00 18.28 ? 13   ALA A CB  1 
ATOM   91  N N   . ASP A 1 15  ? -6.196  -9.135  12.601  1.00 17.26 ? 14   ASP A N   1 
ATOM   92  C CA  . ASP A 1 15  ? -5.121  -8.194  12.918  1.00 17.78 ? 14   ASP A CA  1 
ATOM   93  C C   . ASP A 1 15  ? -4.891  -7.114  11.852  1.00 16.79 ? 14   ASP A C   1 
ATOM   94  O O   . ASP A 1 15  ? -3.788  -6.580  11.747  1.00 17.09 ? 14   ASP A O   1 
ATOM   95  C CB  . ASP A 1 15  ? -3.812  -8.933  13.230  1.00 18.31 ? 14   ASP A CB  1 
ATOM   96  C CG  . ASP A 1 15  ? -3.303  -9.771  12.063  1.00 21.27 ? 14   ASP A CG  1 
ATOM   97  O OD1 . ASP A 1 15  ? -4.087  -10.082 11.131  1.00 23.37 ? 14   ASP A OD1 1 
ATOM   98  O OD2 . ASP A 1 15  ? -2.098  -10.125 12.085  1.00 24.66 ? 14   ASP A OD2 1 
ATOM   99  N N   . ALA A 1 16  ? -5.933  -6.783  11.085  1.00 16.68 ? 15   ALA A N   1 
ATOM   100 C CA  . ALA A 1 16  ? -5.846  -5.706  10.079  1.00 16.34 ? 15   ALA A CA  1 
ATOM   101 C C   . ALA A 1 16  ? -5.246  -4.410  10.651  1.00 16.62 ? 15   ALA A C   1 
ATOM   102 O O   . ALA A 1 16  ? -4.336  -3.822  10.057  1.00 15.97 ? 15   ALA A O   1 
ATOM   103 C CB  . ALA A 1 16  ? -7.212  -5.441  9.468   1.00 16.16 ? 15   ALA A CB  1 
ATOM   104 N N   . ASN A 1 17  ? -5.719  -3.978  11.822  1.00 16.83 ? 16   ASN A N   1 
ATOM   105 C CA  . ASN A 1 17  ? -5.203  -2.729  12.412  1.00 17.60 ? 16   ASN A CA  1 
ATOM   106 C C   . ASN A 1 17  ? -3.696  -2.758  12.667  1.00 17.30 ? 16   ASN A C   1 
ATOM   107 O O   . ASN A 1 17  ? -2.983  -1.804  12.297  1.00 16.78 ? 16   ASN A O   1 
ATOM   108 C CB  . ASN A 1 17  ? -5.967  -2.336  13.689  1.00 17.90 ? 16   ASN A CB  1 
ATOM   109 C CG  . ASN A 1 17  ? -7.429  -1.972  13.425  1.00 20.25 ? 16   ASN A CG  1 
ATOM   110 O OD1 . ASN A 1 17  ? -7.884  -1.892  12.265  1.00 24.37 ? 16   ASN A OD1 1 
ATOM   111 N ND2 . ASN A 1 17  ? -8.175  -1.735  14.509  1.00 20.37 ? 16   ASN A ND2 1 
ATOM   112 N N   . SER A 1 18  ? -3.218  -3.850  13.275  1.00 17.05 ? 17   SER A N   1 
ATOM   113 C CA  A SER A 1 18  ? -1.798  -4.031  13.590  0.50 17.32 ? 17   SER A CA  1 
ATOM   114 C CA  B SER A 1 18  ? -1.797  -4.007  13.590  0.50 17.15 ? 17   SER A CA  1 
ATOM   115 C C   . SER A 1 18  ? -0.964  -4.071  12.313  1.00 16.74 ? 17   SER A C   1 
ATOM   116 O O   . SER A 1 18  ? 0.066   -3.386  12.197  1.00 16.82 ? 17   SER A O   1 
ATOM   117 C CB  A SER A 1 18  ? -1.606  -5.320  14.403  0.50 17.31 ? 17   SER A CB  1 
ATOM   118 C CB  B SER A 1 18  ? -1.574  -5.257  14.446  0.50 17.11 ? 17   SER A CB  1 
ATOM   119 O OG  A SER A 1 18  ? -0.297  -5.847  14.251  0.50 19.42 ? 17   SER A OG  1 
ATOM   120 O OG  B SER A 1 18  ? -2.222  -5.137  15.699  0.50 18.24 ? 17   SER A OG  1 
ATOM   121 N N   . LEU A 1 19  ? -1.428  -4.877  11.362  1.00 16.12 ? 18   LEU A N   1 
ATOM   122 C CA  . LEU A 1 19  ? -0.808  -5.017  10.046  1.00 15.13 ? 18   LEU A CA  1 
ATOM   123 C C   . LEU A 1 19  ? -0.627  -3.644  9.375   1.00 13.81 ? 18   LEU A C   1 
ATOM   124 O O   . LEU A 1 19  ? 0.461   -3.330  8.872   1.00 13.59 ? 18   LEU A O   1 
ATOM   125 C CB  . LEU A 1 19  ? -1.689  -5.926  9.181   1.00 15.47 ? 18   LEU A CB  1 
ATOM   126 C CG  . LEU A 1 19  ? -1.358  -6.383  7.766   1.00 16.48 ? 18   LEU A CG  1 
ATOM   127 C CD1 . LEU A 1 19  ? -2.295  -7.523  7.401   1.00 16.99 ? 18   LEU A CD1 1 
ATOM   128 C CD2 . LEU A 1 19  ? -1.492  -5.252  6.760   1.00 15.74 ? 18   LEU A CD2 1 
ATOM   129 N N   . LEU A 1 20  ? -1.693  -2.841  9.367   1.00 13.62 ? 19   LEU A N   1 
ATOM   130 C CA  . LEU A 1 20  ? -1.659  -1.510  8.748   1.00 12.62 ? 19   LEU A CA  1 
ATOM   131 C C   . LEU A 1 20  ? -0.771  -0.541  9.525   1.00 13.16 ? 19   LEU A C   1 
ATOM   132 O O   . LEU A 1 20  ? -0.035  0.250   8.930   1.00 12.45 ? 19   LEU A O   1 
ATOM   133 C CB  . LEU A 1 20  ? -3.076  -0.943  8.619   1.00 12.32 ? 19   LEU A CB  1 
ATOM   134 C CG  . LEU A 1 20  ? -3.973  -1.623  7.569   1.00 11.39 ? 19   LEU A CG  1 
ATOM   135 C CD1 . LEU A 1 20  ? -5.388  -1.052  7.627   1.00 11.47 ? 19   LEU A CD1 1 
ATOM   136 C CD2 . LEU A 1 20  ? -3.408  -1.516  6.141   1.00 12.96 ? 19   LEU A CD2 1 
ATOM   137 N N   . GLN A 1 21  ? -0.821  -0.609  10.856  1.00 13.35 ? 20   GLN A N   1 
ATOM   138 C CA  . GLN A 1 21  ? 0.028   0.254   11.670  1.00 14.64 ? 20   GLN A CA  1 
ATOM   139 C C   . GLN A 1 21  ? 1.512   -0.029  11.438  1.00 14.63 ? 20   GLN A C   1 
ATOM   140 O O   . GLN A 1 21  ? 2.328   0.887   11.341  1.00 14.64 ? 20   GLN A O   1 
ATOM   141 C CB  . GLN A 1 21  ? -0.326  0.089   13.153  1.00 15.14 ? 20   GLN A CB  1 
ATOM   142 C CG  . GLN A 1 21  ? -1.641  0.743   13.545  1.00 17.33 ? 20   GLN A CG  1 
ATOM   143 C CD  . GLN A 1 21  ? -2.121  0.290   14.916  1.00 21.12 ? 20   GLN A CD  1 
ATOM   144 O OE1 . GLN A 1 21  ? -2.303  -0.905  15.167  1.00 23.41 ? 20   GLN A OE1 1 
ATOM   145 N NE2 . GLN A 1 21  ? -2.352  1.245   15.801  1.00 24.34 ? 20   GLN A NE2 1 
ATOM   146 N N   . GLU A 1 22  ? 1.858   -1.305  11.338  1.00 15.42 ? 21   GLU A N   1 
ATOM   147 C CA  . GLU A 1 22  ? 3.231   -1.683  11.055  1.00 16.22 ? 21   GLU A CA  1 
ATOM   148 C C   . GLU A 1 22  ? 3.644   -1.215  9.658   1.00 15.40 ? 21   GLU A C   1 
ATOM   149 O O   . GLU A 1 22  ? 4.710   -0.636  9.488   1.00 15.09 ? 21   GLU A O   1 
ATOM   150 C CB  . GLU A 1 22  ? 3.411   -3.183  11.204  1.00 17.24 ? 21   GLU A CB  1 
ATOM   151 C CG  . GLU A 1 22  ? 4.858   -3.634  11.087  1.00 21.69 ? 21   GLU A CG  1 
ATOM   152 C CD  . GLU A 1 22  ? 4.998   -5.141  11.027  1.00 25.61 ? 21   GLU A CD  1 
ATOM   153 O OE1 . GLU A 1 22  ? 5.993   -5.620  10.444  1.00 30.52 ? 21   GLU A OE1 1 
ATOM   154 O OE2 . GLU A 1 22  ? 4.114   -5.851  11.546  1.00 27.75 ? 21   GLU A OE2 1 
ATOM   155 N N   . LEU A 1 23  ? 2.792   -1.466  8.667   1.00 14.38 ? 22   LEU A N   1 
ATOM   156 C CA  . LEU A 1 23  ? 3.021   -0.947  7.320   1.00 13.66 ? 22   LEU A CA  1 
ATOM   157 C C   . LEU A 1 23  ? 3.187   0.590   7.272   1.00 13.05 ? 22   LEU A C   1 
ATOM   158 O O   . LEU A 1 23  ? 4.032   1.116   6.529   1.00 12.83 ? 22   LEU A O   1 
ATOM   159 C CB  . LEU A 1 23  ? 1.896   -1.418  6.390   1.00 13.75 ? 22   LEU A CB  1 
ATOM   160 C CG  . LEU A 1 23  ? 1.988   -0.995  4.925   1.00 14.31 ? 22   LEU A CG  1 
ATOM   161 C CD1 . LEU A 1 23  ? 3.309   -1.426  4.303   1.00 14.64 ? 22   LEU A CD1 1 
ATOM   162 C CD2 . LEU A 1 23  ? 0.798   -1.540  4.144   1.00 15.02 ? 22   LEU A CD2 1 
ATOM   163 N N   . SER A 1 24  ? 2.374   1.292   8.062   1.00 12.33 ? 23   SER A N   1 
ATOM   164 C CA  . SER A 1 24  ? 2.379   2.746   8.137   1.00 13.06 ? 23   SER A CA  1 
ATOM   165 C C   . SER A 1 24  ? 3.731   3.305   8.606   1.00 13.75 ? 23   SER A C   1 
ATOM   166 O O   . SER A 1 24  ? 4.290   4.207   7.973   1.00 13.55 ? 23   SER A O   1 
ATOM   167 C CB  . SER A 1 24  ? 1.251   3.220   9.062   1.00 12.99 ? 23   SER A CB  1 
ATOM   168 O OG  . SER A 1 24  ? 1.269   4.625   9.215   1.00 12.39 ? 23   SER A OG  1 
ATOM   169 N N   . SER A 1 25  ? 4.250   2.779   9.714   1.00 14.68 ? 24   SER A N   1 
ATOM   170 C CA  . SER A 1 25  ? 5.553   3.233   10.231  1.00 15.67 ? 24   SER A CA  1 
ATOM   171 C C   . SER A 1 25  ? 6.718   2.896   9.289   1.00 15.16 ? 24   SER A C   1 
ATOM   172 O O   . SER A 1 25  ? 7.591   3.734   9.065   1.00 14.71 ? 24   SER A O   1 
ATOM   173 C CB  . SER A 1 25  ? 5.810   2.688   11.632  1.00 15.98 ? 24   SER A CB  1 
ATOM   174 O OG  . SER A 1 25  ? 5.447   1.329   11.694  1.00 20.05 ? 24   SER A OG  1 
ATOM   175 N N   . LYS A 1 26  ? 6.708   1.681   8.740   1.00 15.08 ? 25   LYS A N   1 
ATOM   176 C CA  . LYS A 1 26  ? 7.722   1.254   7.772   1.00 14.84 ? 25   LYS A CA  1 
ATOM   177 C C   . LYS A 1 26  ? 7.737   2.129   6.528   1.00 14.87 ? 25   LYS A C   1 
ATOM   178 O O   . LYS A 1 26  ? 8.810   2.546   6.064   1.00 14.40 ? 25   LYS A O   1 
ATOM   179 C CB  . LYS A 1 26  ? 7.535   -0.221  7.401   1.00 15.50 ? 25   LYS A CB  1 
ATOM   180 C CG  . LYS A 1 26  ? 7.788   -1.132  8.608   1.00 17.76 ? 25   LYS A CG  1 
ATOM   181 C CD  . LYS A 1 26  ? 7.827   -2.600  8.258   1.00 21.03 ? 25   LYS A CD  1 
ATOM   182 C CE  . LYS A 1 26  ? 8.530   -3.355  9.381   1.00 23.33 ? 25   LYS A CE  1 
ATOM   183 N NZ  . LYS A 1 26  ? 8.553   -4.814  9.126   1.00 25.81 ? 25   LYS A NZ  1 
ATOM   184 N N   . LEU A 1 27  ? 6.547   2.418   6.000   1.00 13.49 ? 26   LEU A N   1 
ATOM   185 C CA  . LEU A 1 27  ? 6.439   3.288   4.835   1.00 13.69 ? 26   LEU A CA  1 
ATOM   186 C C   . LEU A 1 27  ? 6.880   4.726   5.122   1.00 13.46 ? 26   LEU A C   1 
ATOM   187 O O   . LEU A 1 27  ? 7.546   5.352   4.292   1.00 13.90 ? 26   LEU A O   1 
ATOM   188 C CB  . LEU A 1 27  ? 5.039   3.223   4.196   1.00 13.32 ? 26   LEU A CB  1 
ATOM   189 C CG  . LEU A 1 27  ? 4.916   3.929   2.833   1.00 13.58 ? 26   LEU A CG  1 
ATOM   190 C CD1 . LEU A 1 27  ? 5.753   3.225   1.751   1.00 11.68 ? 26   LEU A CD1 1 
ATOM   191 C CD2 . LEU A 1 27  ? 3.457   4.027   2.389   1.00 13.89 ? 26   LEU A CD2 1 
ATOM   192 N N   . ALA A 1 28  ? 6.529   5.251   6.293   1.00 14.28 ? 27   ALA A N   1 
ATOM   193 C CA  . ALA A 1 28  ? 6.987   6.600   6.666   1.00 14.82 ? 27   ALA A CA  1 
ATOM   194 C C   . ALA A 1 28  ? 8.522   6.680   6.638   1.00 15.06 ? 27   ALA A C   1 
ATOM   195 O O   . ALA A 1 28  ? 9.099   7.610   6.067   1.00 15.21 ? 27   ALA A O   1 
ATOM   196 C CB  . ALA A 1 28  ? 6.459   6.990   8.033   1.00 14.52 ? 27   ALA A CB  1 
ATOM   197 N N   . GLU A 1 29  ? 9.165   5.692   7.249   1.00 15.90 ? 28   GLU A N   1 
ATOM   198 C CA  . GLU A 1 29  ? 10.609  5.691   7.362   1.00 17.31 ? 28   GLU A CA  1 
ATOM   199 C C   . GLU A 1 29  ? 11.256  5.582   5.991   1.00 16.79 ? 28   GLU A C   1 
ATOM   200 O O   . GLU A 1 29  ? 12.181  6.337   5.680   1.00 17.56 ? 28   GLU A O   1 
ATOM   201 C CB  . GLU A 1 29  ? 11.089  4.564   8.270   1.00 17.73 ? 28   GLU A CB  1 
ATOM   202 C CG  . GLU A 1 29  ? 12.526  4.781   8.732   1.00 22.54 ? 28   GLU A CG  1 
ATOM   203 C CD  . GLU A 1 29  ? 13.382  3.533   8.661   1.00 27.05 ? 28   GLU A CD  1 
ATOM   204 O OE1 . GLU A 1 29  ? 12.854  2.444   8.315   1.00 29.09 ? 28   GLU A OE1 1 
ATOM   205 O OE2 . GLU A 1 29  ? 14.595  3.651   8.951   1.00 27.88 ? 28   GLU A OE2 1 
ATOM   206 N N   . LEU A 1 30  ? 10.762  4.664   5.161   1.00 16.42 ? 29   LEU A N   1 
ATOM   207 C CA  . LEU A 1 30  ? 11.332  4.472   3.831   1.00 15.83 ? 29   LEU A CA  1 
ATOM   208 C C   . LEU A 1 30  ? 11.201  5.713   2.948   1.00 16.11 ? 29   LEU A C   1 
ATOM   209 O O   . LEU A 1 30  ? 12.150  6.085   2.237   1.00 16.26 ? 29   LEU A O   1 
ATOM   210 C CB  . LEU A 1 30  ? 10.728  3.240   3.137   1.00 15.61 ? 29   LEU A CB  1 
ATOM   211 C CG  . LEU A 1 30  ? 11.202  2.926   1.707   1.00 16.16 ? 29   LEU A CG  1 
ATOM   212 C CD1 . LEU A 1 30  ? 12.736  2.818   1.625   1.00 16.80 ? 29   LEU A CD1 1 
ATOM   213 C CD2 . LEU A 1 30  ? 10.542  1.653   1.174   1.00 15.53 ? 29   LEU A CD2 1 
ATOM   214 N N   . LEU A 1 31  ? 10.029  6.349   2.982   1.00 15.77 ? 30   LEU A N   1 
ATOM   215 C CA  . LEU A 1 31  ? 9.781   7.539   2.164   1.00 15.67 ? 30   LEU A CA  1 
ATOM   216 C C   . LEU A 1 31  ? 10.333  8.837   2.758   1.00 16.18 ? 30   LEU A C   1 
ATOM   217 O O   . LEU A 1 31  ? 10.312  9.885   2.104   1.00 16.24 ? 30   LEU A O   1 
ATOM   218 C CB  . LEU A 1 31  ? 8.288   7.685   1.871   1.00 15.17 ? 30   LEU A CB  1 
ATOM   219 C CG  . LEU A 1 31  ? 7.663   6.561   1.042   1.00 14.38 ? 30   LEU A CG  1 
ATOM   220 C CD1 . LEU A 1 31  ? 6.200   6.905   0.797   1.00 14.13 ? 30   LEU A CD1 1 
ATOM   221 C CD2 . LEU A 1 31  ? 8.402   6.366   -0.276  1.00 15.89 ? 30   LEU A CD2 1 
ATOM   222 N N   . GLY A 1 32  ? 10.804  8.779   3.998   1.00 16.65 ? 31   GLY A N   1 
ATOM   223 C CA  . GLY A 1 32  ? 11.290  9.986   4.668   1.00 17.73 ? 31   GLY A CA  1 
ATOM   224 C C   . GLY A 1 32  ? 10.171  10.988  4.954   1.00 18.20 ? 31   GLY A C   1 
ATOM   225 O O   . GLY A 1 32  ? 10.389  12.203  4.929   1.00 19.15 ? 31   GLY A O   1 
ATOM   226 N N   . LYS A 1 33  ? 8.973   10.474  5.218   1.00 18.47 ? 32   LYS A N   1 
ATOM   227 C CA  . LYS A 1 33  ? 7.817   11.298  5.559   1.00 18.68 ? 32   LYS A CA  1 
ATOM   228 C C   . LYS A 1 33  ? 7.436   11.114  7.024   1.00 18.64 ? 32   LYS A C   1 
ATOM   229 O O   . LYS A 1 33  ? 7.546   10.005  7.556   1.00 18.77 ? 32   LYS A O   1 
ATOM   230 C CB  . LYS A 1 33  ? 6.622   10.918  4.676   1.00 18.87 ? 32   LYS A CB  1 
ATOM   231 C CG  . LYS A 1 33  ? 6.846   11.146  3.202   1.00 19.64 ? 32   LYS A CG  1 
ATOM   232 C CD  . LYS A 1 33  ? 6.168   12.409  2.721   1.00 19.60 ? 32   LYS A CD  1 
ATOM   233 C CE  . LYS A 1 33  ? 6.335   12.570  1.224   1.00 19.35 ? 32   LYS A CE  1 
ATOM   234 N NZ  . LYS A 1 33  ? 5.462   13.662  0.683   1.00 21.96 ? 32   LYS A NZ  1 
ATOM   235 N N   . PRO A 1 34  ? 6.981   12.199  7.683   1.00 18.57 ? 33   PRO A N   1 
ATOM   236 C CA  . PRO A 1 34  ? 6.407   12.048  9.013   1.00 18.31 ? 33   PRO A CA  1 
ATOM   237 C C   . PRO A 1 34  ? 5.229   11.079  8.950   1.00 18.00 ? 33   PRO A C   1 
ATOM   238 O O   . PRO A 1 34  ? 4.377   11.197  8.038   1.00 17.98 ? 33   PRO A O   1 
ATOM   239 C CB  . PRO A 1 34  ? 5.901   13.462  9.357   1.00 18.40 ? 33   PRO A CB  1 
ATOM   240 C CG  . PRO A 1 34  ? 6.583   14.381  8.419   1.00 19.03 ? 33   PRO A CG  1 
ATOM   241 C CD  . PRO A 1 34  ? 6.871   13.583  7.177   1.00 18.97 ? 33   PRO A CD  1 
ATOM   242 N N   . GLU A 1 35  ? 5.173   10.130  9.883   1.00 17.24 ? 34   GLU A N   1 
ATOM   243 C CA  . GLU A 1 35  ? 4.073   9.171   9.885   1.00 17.04 ? 34   GLU A CA  1 
ATOM   244 C C   . GLU A 1 35  ? 2.698   9.819   10.030  1.00 17.04 ? 34   GLU A C   1 
ATOM   245 O O   . GLU A 1 35  ? 1.704   9.243   9.585   1.00 16.96 ? 34   GLU A O   1 
ATOM   246 C CB  . GLU A 1 35  ? 4.251   8.070   10.920  1.00 16.95 ? 34   GLU A CB  1 
ATOM   247 C CG  . GLU A 1 35  ? 3.362   6.871   10.596  1.00 17.84 ? 34   GLU A CG  1 
ATOM   248 C CD  . GLU A 1 35  ? 3.389   5.791   11.640  1.00 20.03 ? 34   GLU A CD  1 
ATOM   249 O OE1 . GLU A 1 35  ? 2.498   4.924   11.599  1.00 18.12 ? 34   GLU A OE1 1 
ATOM   250 O OE2 . GLU A 1 35  ? 4.296   5.802   12.503  1.00 22.22 ? 34   GLU A OE2 1 
ATOM   251 N N   . LYS A 1 36  ? 2.652   11.010  10.634  1.00 16.51 ? 35   LYS A N   1 
ATOM   252 C CA  . LYS A 1 36  ? 1.423   11.812  10.682  1.00 16.72 ? 35   LYS A CA  1 
ATOM   253 C C   . LYS A 1 36  ? 0.692   11.807  9.332   1.00 15.72 ? 35   LYS A C   1 
ATOM   254 O O   . LYS A 1 36  ? -0.540  11.716  9.291   1.00 16.05 ? 35   LYS A O   1 
ATOM   255 C CB  . LYS A 1 36  ? 1.728   13.259  11.080  1.00 17.22 ? 35   LYS A CB  1 
ATOM   256 C CG  . LYS A 1 36  ? 0.494   14.132  11.206  1.00 20.08 ? 35   LYS A CG  1 
ATOM   257 C CD  . LYS A 1 36  ? 0.887   15.593  11.313  1.00 24.22 ? 35   LYS A CD  1 
ATOM   258 C CE  . LYS A 1 36  ? -0.325  16.518  11.334  1.00 26.42 ? 35   LYS A CE  1 
ATOM   259 N NZ  . LYS A 1 36  ? -1.171  16.290  12.537  1.00 28.90 ? 35   LYS A NZ  1 
ATOM   260 N N   . TYR A 1 37  ? 1.459   11.888  8.248   1.00 15.00 ? 36   TYR A N   1 
ATOM   261 C CA  . TYR A 1 37  ? 0.883   12.074  6.910   1.00 14.28 ? 36   TYR A CA  1 
ATOM   262 C C   . TYR A 1 37  ? 0.638   10.788  6.132   1.00 13.04 ? 36   TYR A C   1 
ATOM   263 O O   . TYR A 1 37  ? 0.190   10.833  4.992   1.00 11.24 ? 36   TYR A O   1 
ATOM   264 C CB  . TYR A 1 37  ? 1.729   13.041  6.089   1.00 15.01 ? 36   TYR A CB  1 
ATOM   265 C CG  . TYR A 1 37  ? 1.701   14.444  6.660   1.00 18.57 ? 36   TYR A CG  1 
ATOM   266 C CD1 . TYR A 1 37  ? 0.545   15.226  6.586   1.00 20.31 ? 36   TYR A CD1 1 
ATOM   267 C CD2 . TYR A 1 37  ? 2.812   14.970  7.303   1.00 23.15 ? 36   TYR A CD2 1 
ATOM   268 C CE1 . TYR A 1 37  ? 0.501   16.517  7.138   1.00 23.83 ? 36   TYR A CE1 1 
ATOM   269 C CE2 . TYR A 1 37  ? 2.783   16.263  7.857   1.00 24.57 ? 36   TYR A CE2 1 
ATOM   270 C CZ  . TYR A 1 37  ? 1.626   17.027  7.769   1.00 25.61 ? 36   TYR A CZ  1 
ATOM   271 O OH  . TYR A 1 37  ? 1.603   18.300  8.315   1.00 28.24 ? 36   TYR A OH  1 
ATOM   272 N N   . VAL A 1 38  ? 0.895   9.648   6.755   1.00 11.99 ? 37   VAL A N   1 
ATOM   273 C CA  . VAL A 1 38  ? 0.670   8.369   6.067   1.00 10.59 ? 37   VAL A CA  1 
ATOM   274 C C   . VAL A 1 38  ? -0.750  7.863   6.283   1.00 9.92  ? 37   VAL A C   1 
ATOM   275 O O   . VAL A 1 38  ? -1.210  7.716   7.424   1.00 9.30  ? 37   VAL A O   1 
ATOM   276 C CB  . VAL A 1 38  ? 1.672   7.269   6.535   1.00 10.59 ? 37   VAL A CB  1 
ATOM   277 C CG1 . VAL A 1 38  ? 1.364   5.919   5.875   1.00 11.10 ? 37   VAL A CG1 1 
ATOM   278 C CG2 . VAL A 1 38  ? 3.098   7.680   6.251   1.00 11.02 ? 37   VAL A CG2 1 
ATOM   279 N N   . MET A 1 39  ? -1.425  7.557   5.172   1.00 8.86  ? 38   MET A N   1 
ATOM   280 C CA  . MET A 1 39  ? -2.763  6.968   5.209   1.00 8.76  ? 38   MET A CA  1 
ATOM   281 C C   . MET A 1 39  ? -2.719  5.576   4.615   1.00 9.03  ? 38   MET A C   1 
ATOM   282 O O   . MET A 1 39  ? -2.099  5.361   3.572   1.00 9.32  ? 38   MET A O   1 
ATOM   283 C CB  . MET A 1 39  ? -3.745  7.835   4.417   1.00 8.45  ? 38   MET A CB  1 
ATOM   284 C CG  . MET A 1 39  ? -5.200  7.348   4.473   1.00 10.40 ? 38   MET A CG  1 
ATOM   285 S SD  . MET A 1 39  ? -6.376  8.490   3.718   1.00 9.86  ? 38   MET A SD  1 
ATOM   286 C CE  . MET A 1 39  ? -6.444  9.766   4.970   1.00 9.41  ? 38   MET A CE  1 
ATOM   287 N N   . THR A 1 40  ? -3.393  4.628   5.262   1.00 9.34  ? 39   THR A N   1 
ATOM   288 C CA  . THR A 1 40  ? -3.390  3.240   4.784   1.00 8.66  ? 39   THR A CA  1 
ATOM   289 C C   . THR A 1 40  ? -4.802  2.664   4.787   1.00 8.61  ? 39   THR A C   1 
ATOM   290 O O   . THR A 1 40  ? -5.673  3.136   5.517   1.00 8.07  ? 39   THR A O   1 
ATOM   291 C CB  . THR A 1 40  ? -2.481  2.285   5.641   1.00 9.07  ? 39   THR A CB  1 
ATOM   292 O OG1 . THR A 1 40  ? -3.159  1.922   6.852   1.00 9.33  ? 39   THR A OG1 1 
ATOM   293 C CG2 . THR A 1 40  ? -1.123  2.920   5.989   1.00 9.07  ? 39   THR A CG2 1 
ATOM   294 N N   . SER A 1 41  ? -5.017  1.648   3.965   1.00 8.57  ? 40   SER A N   1 
ATOM   295 C CA  . SER A 1 41  ? -6.258  0.866   4.038   1.00 9.63  ? 40   SER A CA  1 
ATOM   296 C C   . SER A 1 41  ? -6.061  -0.576  3.602   1.00 10.20 ? 40   SER A C   1 
ATOM   297 O O   . SER A 1 41  ? -5.131  -0.898  2.852   1.00 10.28 ? 40   SER A O   1 
ATOM   298 C CB  . SER A 1 41  ? -7.365  1.513   3.198   1.00 9.88  ? 40   SER A CB  1 
ATOM   299 O OG  . SER A 1 41  ? -7.109  1.410   1.819   1.00 9.81  ? 40   SER A OG  1 
ATOM   300 N N   . LEU A 1 42  ? -6.957  -1.441  4.084   1.00 10.36 ? 41   LEU A N   1 
ATOM   301 C CA  . LEU A 1 42  ? -6.977  -2.851  3.699   1.00 11.10 ? 41   LEU A CA  1 
ATOM   302 C C   . LEU A 1 42  ? -8.409  -3.320  3.484   1.00 11.71 ? 41   LEU A C   1 
ATOM   303 O O   . LEU A 1 42  ? -9.211  -3.402  4.434   1.00 12.23 ? 41   LEU A O   1 
ATOM   304 C CB  . LEU A 1 42  ? -6.313  -3.717  4.782   1.00 10.86 ? 41   LEU A CB  1 
ATOM   305 C CG  . LEU A 1 42  ? -6.327  -5.239  4.551   1.00 10.36 ? 41   LEU A CG  1 
ATOM   306 C CD1 . LEU A 1 42  ? -5.610  -5.632  3.255   1.00 11.75 ? 41   LEU A CD1 1 
ATOM   307 C CD2 . LEU A 1 42  ? -5.739  -5.969  5.764   1.00 12.04 ? 41   LEU A CD2 1 
ATOM   308 N N   . GLN A 1 43  ? -8.716  -3.630  2.229   1.00 11.75 ? 42   GLN A N   1 
ATOM   309 C CA  A GLN A 1 43  ? -10.005 -4.202  1.864   0.50 12.64 ? 42   GLN A CA  1 
ATOM   310 C CA  B GLN A 1 43  ? -10.002 -4.199  1.852   0.50 12.70 ? 42   GLN A CA  1 
ATOM   311 C C   . GLN A 1 43  ? -9.809  -5.647  1.425   1.00 12.69 ? 42   GLN A C   1 
ATOM   312 O O   . GLN A 1 43  ? -9.277  -5.922  0.336   1.00 13.03 ? 42   GLN A O   1 
ATOM   313 C CB  A GLN A 1 43  ? -10.671 -3.383  0.755   0.50 12.66 ? 42   GLN A CB  1 
ATOM   314 C CB  B GLN A 1 43  ? -10.629 -3.395  0.713   0.50 12.67 ? 42   GLN A CB  1 
ATOM   315 C CG  A GLN A 1 43  ? -12.082 -3.853  0.391   0.50 13.09 ? 42   GLN A CG  1 
ATOM   316 C CG  B GLN A 1 43  ? -11.209 -2.063  1.140   0.50 13.61 ? 42   GLN A CG  1 
ATOM   317 C CD  A GLN A 1 43  ? -13.007 -3.917  1.596   0.50 15.52 ? 42   GLN A CD  1 
ATOM   318 C CD  B GLN A 1 43  ? -11.940 -1.349  0.015   0.50 14.46 ? 42   GLN A CD  1 
ATOM   319 O OE1 A GLN A 1 43  ? -13.067 -2.984  2.395   0.50 16.93 ? 42   GLN A OE1 1 
ATOM   320 O OE1 B GLN A 1 43  ? -12.765 -1.941  -0.681  0.50 16.22 ? 42   GLN A OE1 1 
ATOM   321 N NE2 A GLN A 1 43  ? -13.729 -5.025  1.732   0.50 14.94 ? 42   GLN A NE2 1 
ATOM   322 N NE2 B GLN A 1 43  ? -11.651 -0.066  -0.158  0.50 14.50 ? 42   GLN A NE2 1 
ATOM   323 N N   . CYS A 1 44  ? -10.231 -6.574  2.281   1.00 13.22 ? 43   CYS A N   1 
ATOM   324 C CA  . CYS A 1 44  ? -10.143 -7.994  1.963   1.00 14.01 ? 43   CYS A CA  1 
ATOM   325 C C   . CYS A 1 44  ? -11.471 -8.532  1.404   1.00 13.73 ? 43   CYS A C   1 
ATOM   326 O O   . CYS A 1 44  ? -12.477 -7.804  1.330   1.00 14.38 ? 43   CYS A O   1 
ATOM   327 C CB  . CYS A 1 44  ? -9.735  -8.785  3.212   1.00 13.96 ? 43   CYS A CB  1 
ATOM   328 S SG  . CYS A 1 44  ? -8.046  -8.487  3.773   1.00 16.62 ? 43   CYS A SG  1 
ATOM   329 N N   . GLY A 1 45  ? -11.455 -9.807  1.016   1.00 12.87 ? 44   GLY A N   1 
ATOM   330 C CA  . GLY A 1 45  ? -12.629 -10.504 0.515   1.00 12.66 ? 44   GLY A CA  1 
ATOM   331 C C   . GLY A 1 45  ? -13.160 -10.068 -0.842  1.00 12.28 ? 44   GLY A C   1 
ATOM   332 O O   . GLY A 1 45  ? -14.313 -10.334 -1.180  1.00 13.05 ? 44   GLY A O   1 
ATOM   333 N N   . VAL A 1 46  ? -12.323 -9.399  -1.629  1.00 11.17 ? 45   VAL A N   1 
ATOM   334 C CA  . VAL A 1 46  ? -12.717 -8.916  -2.948  1.00 10.82 ? 45   VAL A CA  1 
ATOM   335 C C   . VAL A 1 46  ? -12.502 -10.010 -4.003  1.00 10.69 ? 45   VAL A C   1 
ATOM   336 O O   . VAL A 1 46  ? -11.412 -10.585 -4.098  1.00 9.95  ? 45   VAL A O   1 
ATOM   337 C CB  . VAL A 1 46  ? -11.874 -7.681  -3.339  1.00 10.67 ? 45   VAL A CB  1 
ATOM   338 C CG1 . VAL A 1 46  ? -12.315 -7.131  -4.694  1.00 10.79 ? 45   VAL A CG1 1 
ATOM   339 C CG2 . VAL A 1 46  ? -11.958 -6.618  -2.254  1.00 11.31 ? 45   VAL A CG2 1 
ATOM   340 N N   . PRO A 1 47  ? -13.552 -10.339 -4.768  1.00 10.83 ? 46   PRO A N   1 
ATOM   341 C CA  . PRO A 1 47  ? -13.371 -11.268 -5.873  1.00 10.91 ? 46   PRO A CA  1 
ATOM   342 C C   . PRO A 1 47  ? -12.318 -10.732 -6.846  1.00 10.89 ? 46   PRO A C   1 
ATOM   343 O O   . PRO A 1 47  ? -12.434 -9.597  -7.352  1.00 11.11 ? 46   PRO A O   1 
ATOM   344 C CB  . PRO A 1 47  ? -14.765 -11.308 -6.524  1.00 10.91 ? 46   PRO A CB  1 
ATOM   345 C CG  . PRO A 1 47  ? -15.677 -11.034 -5.393  1.00 11.23 ? 46   PRO A CG  1 
ATOM   346 C CD  . PRO A 1 47  ? -14.970 -9.991  -4.581  1.00 10.90 ? 46   PRO A CD  1 
ATOM   347 N N   . MET A 1 48  ? -11.287 -11.531 -7.075  1.00 10.59 ? 47   MET A N   1 
ATOM   348 C CA  . MET A 1 48  ? -10.191 -11.139 -7.966  1.00 10.30 ? 47   MET A CA  1 
ATOM   349 C C   . MET A 1 48  ? -9.695  -12.338 -8.746  1.00 10.94 ? 47   MET A C   1 
ATOM   350 O O   . MET A 1 48  ? -9.785  -13.478 -8.272  1.00 11.28 ? 47   MET A O   1 
ATOM   351 C CB  . MET A 1 48  ? -9.017  -10.594 -7.153  1.00 10.47 ? 47   MET A CB  1 
ATOM   352 C CG  . MET A 1 48  ? -9.314  -9.285  -6.465  1.00 10.46 ? 47   MET A CG  1 
ATOM   353 S SD  . MET A 1 48  ? -7.864  -8.601  -5.675  1.00 12.14 ? 47   MET A SD  1 
ATOM   354 C CE  . MET A 1 48  ? -6.839  -8.199  -7.097  1.00 10.38 ? 47   MET A CE  1 
ATOM   355 N N   . THR A 1 49  ? -9.186  -12.087 -9.943  1.00 11.14 ? 48   THR A N   1 
ATOM   356 C CA  . THR A 1 49  ? -8.354  -13.074 -10.628 1.00 11.68 ? 48   THR A CA  1 
ATOM   357 C C   . THR A 1 49  ? -6.972  -12.488 -10.915 1.00 11.73 ? 48   THR A C   1 
ATOM   358 O O   . THR A 1 49  ? -6.805  -11.274 -11.017 1.00 11.35 ? 48   THR A O   1 
ATOM   359 C CB  . THR A 1 49  ? -8.980  -13.600 -11.944 1.00 12.07 ? 48   THR A CB  1 
ATOM   360 O OG1 . THR A 1 49  ? -8.966  -12.573 -12.943 1.00 12.10 ? 48   THR A OG1 1 
ATOM   361 C CG2 . THR A 1 49  ? -10.404 -14.076 -11.715 1.00 13.17 ? 48   THR A CG2 1 
ATOM   362 N N   . PHE A 1 50  ? -5.978  -13.363 -11.022 1.00 11.51 ? 49   PHE A N   1 
ATOM   363 C CA  . PHE A 1 50  ? -4.681  -12.987 -11.569 1.00 12.19 ? 49   PHE A CA  1 
ATOM   364 C C   . PHE A 1 50  ? -4.177  -14.193 -12.357 1.00 13.25 ? 49   PHE A C   1 
ATOM   365 O O   . PHE A 1 50  ? -4.296  -15.332 -11.885 1.00 13.62 ? 49   PHE A O   1 
ATOM   366 C CB  . PHE A 1 50  ? -3.687  -12.585 -10.472 1.00 11.59 ? 49   PHE A CB  1 
ATOM   367 C CG  . PHE A 1 50  ? -2.375  -12.093 -11.008 1.00 12.32 ? 49   PHE A CG  1 
ATOM   368 C CD1 . PHE A 1 50  ? -2.332  -11.053 -11.941 1.00 12.79 ? 49   PHE A CD1 1 
ATOM   369 C CD2 . PHE A 1 50  ? -1.182  -12.688 -10.610 1.00 14.23 ? 49   PHE A CD2 1 
ATOM   370 C CE1 . PHE A 1 50  ? -1.125  -10.593 -12.449 1.00 13.08 ? 49   PHE A CE1 1 
ATOM   371 C CE2 . PHE A 1 50  ? 0.037   -12.241 -11.115 1.00 15.26 ? 49   PHE A CE2 1 
ATOM   372 C CZ  . PHE A 1 50  ? 0.068   -11.187 -12.037 1.00 15.23 ? 49   PHE A CZ  1 
ATOM   373 N N   . SER A 1 51  ? -3.663  -13.936 -13.556 1.00 13.86 ? 50   SER A N   1 
ATOM   374 C CA  . SER A 1 51  ? -3.196  -15.003 -14.451 1.00 15.11 ? 50   SER A CA  1 
ATOM   375 C C   . SER A 1 51  ? -4.346  -15.962 -14.789 1.00 15.62 ? 50   SER A C   1 
ATOM   376 O O   . SER A 1 51  ? -4.131  -17.154 -15.057 1.00 15.75 ? 50   SER A O   1 
ATOM   377 C CB  . SER A 1 51  ? -2.030  -15.783 -13.811 1.00 15.44 ? 50   SER A CB  1 
ATOM   378 O OG  . SER A 1 51  ? -1.042  -14.932 -13.260 1.00 16.53 ? 50   SER A OG  1 
ATOM   379 N N   . GLY A 1 52  ? -5.568  -15.458 -14.741 1.00 15.77 ? 51   GLY A N   1 
ATOM   380 C CA  . GLY A 1 52  ? -6.752  -16.269 -15.055 1.00 16.39 ? 51   GLY A CA  1 
ATOM   381 C C   . GLY A 1 52  ? -7.317  -17.110 -13.925 1.00 16.98 ? 51   GLY A C   1 
ATOM   382 O O   . GLY A 1 52  ? -8.333  -17.768 -14.107 1.00 17.39 ? 51   GLY A O   1 
ATOM   383 N N   . ASN A 1 53  ? -6.687  -17.083 -12.750 1.00 17.37 ? 52   ASN A N   1 
ATOM   384 C CA  . ASN A 1 53  ? -7.170  -17.891 -11.618 1.00 17.45 ? 52   ASN A CA  1 
ATOM   385 C C   . ASN A 1 53  ? -7.433  -17.102 -10.322 1.00 17.23 ? 52   ASN A C   1 
ATOM   386 O O   . ASN A 1 53  ? -7.002  -15.959 -10.185 1.00 16.58 ? 52   ASN A O   1 
ATOM   387 C CB  . ASN A 1 53  ? -6.242  -19.096 -11.376 1.00 17.82 ? 52   ASN A CB  1 
ATOM   388 C CG  . ASN A 1 53  ? -4.940  -18.712 -10.698 1.00 18.99 ? 52   ASN A CG  1 
ATOM   389 O OD1 . ASN A 1 53  ? -4.937  -18.186 -9.586  1.00 21.49 ? 52   ASN A OD1 1 
ATOM   390 N ND2 . ASN A 1 53  ? -3.820  -18.984 -11.365 1.00 21.12 ? 52   ASN A ND2 1 
ATOM   391 N N   . THR A 1 54  ? -8.128  -17.735 -9.381  1.00 16.43 ? 53   THR A N   1 
ATOM   392 C CA  . THR A 1 54  ? -8.599  -17.077 -8.154  1.00 15.93 ? 53   THR A CA  1 
ATOM   393 C C   . THR A 1 54  ? -7.744  -17.389 -6.929  1.00 15.61 ? 53   THR A C   1 
ATOM   394 O O   . THR A 1 54  ? -8.177  -17.196 -5.792  1.00 16.24 ? 53   THR A O   1 
ATOM   395 C CB  . THR A 1 54  ? -10.072 -17.433 -7.856  1.00 16.10 ? 53   THR A CB  1 
ATOM   396 O OG1 . THR A 1 54  ? -10.248 -18.858 -7.953  1.00 16.38 ? 53   THR A OG1 1 
ATOM   397 C CG2 . THR A 1 54  ? -10.994 -16.755 -8.865  1.00 16.47 ? 53   THR A CG2 1 
ATOM   398 N N   . GLU A 1 55  ? -6.527  -17.857 -7.155  1.00 15.46 ? 54   GLU A N   1 
ATOM   399 C CA  . GLU A 1 55  ? -5.586  -18.006 -6.052  1.00 15.23 ? 54   GLU A CA  1 
ATOM   400 C C   . GLU A 1 55  ? -5.315  -16.649 -5.381  1.00 14.48 ? 54   GLU A C   1 
ATOM   401 O O   . GLU A 1 55  ? -5.496  -15.588 -6.019  1.00 14.63 ? 54   GLU A O   1 
ATOM   402 C CB  . GLU A 1 55  ? -4.290  -18.665 -6.533  1.00 15.12 ? 54   GLU A CB  1 
ATOM   403 C CG  . GLU A 1 55  ? -4.449  -20.184 -6.738  1.00 18.29 ? 54   GLU A CG  1 
ATOM   404 C CD  . GLU A 1 55  ? -4.752  -20.916 -5.433  1.00 19.97 ? 54   GLU A CD  1 
ATOM   405 O OE1 . GLU A 1 55  ? -3.810  -21.147 -4.634  1.00 21.90 ? 54   GLU A OE1 1 
ATOM   406 O OE2 . GLU A 1 55  ? -5.930  -21.254 -5.196  1.00 19.43 ? 54   GLU A OE2 1 
ATOM   407 N N   . PRO A 1 56  ? -4.916  -16.666 -4.093  1.00 13.72 ? 55   PRO A N   1 
ATOM   408 C CA  . PRO A 1 56  ? -4.649  -15.445 -3.330  1.00 13.20 ? 55   PRO A CA  1 
ATOM   409 C C   . PRO A 1 56  ? -3.896  -14.418 -4.171  1.00 12.55 ? 55   PRO A C   1 
ATOM   410 O O   . PRO A 1 56  ? -2.867  -14.739 -4.764  1.00 12.46 ? 55   PRO A O   1 
ATOM   411 C CB  . PRO A 1 56  ? -3.802  -15.943 -2.156  1.00 13.83 ? 55   PRO A CB  1 
ATOM   412 C CG  . PRO A 1 56  ? -4.351  -17.322 -1.913  1.00 12.80 ? 55   PRO A CG  1 
ATOM   413 C CD  . PRO A 1 56  ? -4.723  -17.878 -3.264  1.00 13.23 ? 55   PRO A CD  1 
ATOM   414 N N   . THR A 1 57  ? -4.460  -13.212 -4.243  1.00 12.22 ? 56   THR A N   1 
ATOM   415 C CA  . THR A 1 57  ? -3.877  -12.137 -5.050  1.00 11.84 ? 56   THR A CA  1 
ATOM   416 C C   . THR A 1 57  ? -4.233  -10.773 -4.459  1.00 11.55 ? 56   THR A C   1 
ATOM   417 O O   . THR A 1 57  ? -5.152  -10.657 -3.636  1.00 10.43 ? 56   THR A O   1 
ATOM   418 C CB  . THR A 1 57  ? -4.285  -12.243 -6.521  1.00 11.86 ? 56   THR A CB  1 
ATOM   419 O OG1 . THR A 1 57  ? -3.565  -11.262 -7.278  1.00 12.12 ? 56   THR A OG1 1 
ATOM   420 C CG2 . THR A 1 57  ? -5.776  -12.034 -6.700  1.00 12.36 ? 56   THR A CG2 1 
ATOM   421 N N   . CYS A 1 58  ? -3.511  -9.737  -4.887  1.00 11.31 ? 57   CYS A N   1 
ATOM   422 C CA  . CYS A 1 58  ? -3.553  -8.471  -4.192  1.00 12.11 ? 57   CYS A CA  1 
ATOM   423 C C   . CYS A 1 58  ? -3.255  -7.329  -5.167  1.00 10.25 ? 57   CYS A C   1 
ATOM   424 O O   . CYS A 1 58  ? -2.318  -7.436  -5.945  1.00 9.73  ? 57   CYS A O   1 
ATOM   425 C CB  . CYS A 1 58  ? -2.456  -8.540  -3.122  1.00 13.02 ? 57   CYS A CB  1 
ATOM   426 S SG  . CYS A 1 58  ? -2.271  -7.175  -2.146  1.00 20.60 ? 57   CYS A SG  1 
ATOM   427 N N   . TYR A 1 59  ? -4.066  -6.265  -5.143  1.00 9.33  ? 58   TYR A N   1 
ATOM   428 C CA  . TYR A 1 59  ? -3.692  -5.015  -5.819  1.00 9.19  ? 58   TYR A CA  1 
ATOM   429 C C   . TYR A 1 59  ? -3.467  -3.906  -4.804  1.00 8.81  ? 58   TYR A C   1 
ATOM   430 O O   . TYR A 1 59  ? -4.321  -3.650  -3.961  1.00 9.54  ? 58   TYR A O   1 
ATOM   431 C CB  . TYR A 1 59  ? -4.748  -4.546  -6.830  1.00 8.89  ? 58   TYR A CB  1 
ATOM   432 C CG  . TYR A 1 59  ? -4.374  -3.199  -7.432  1.00 9.41  ? 58   TYR A CG  1 
ATOM   433 C CD1 . TYR A 1 59  ? -3.231  -3.069  -8.220  1.00 10.63 ? 58   TYR A CD1 1 
ATOM   434 C CD2 . TYR A 1 59  ? -5.136  -2.054  -7.159  1.00 11.17 ? 58   TYR A CD2 1 
ATOM   435 C CE1 . TYR A 1 59  ? -2.859  -1.836  -8.742  1.00 10.80 ? 58   TYR A CE1 1 
ATOM   436 C CE2 . TYR A 1 59  ? -4.772  -0.795  -7.680  1.00 10.87 ? 58   TYR A CE2 1 
ATOM   437 C CZ  . TYR A 1 59  ? -3.626  -0.708  -8.460  1.00 10.91 ? 58   TYR A CZ  1 
ATOM   438 O OH  . TYR A 1 59  ? -3.264  0.516   -8.988  1.00 14.58 ? 58   TYR A OH  1 
ATOM   439 N N   . VAL A 1 60  ? -2.348  -3.202  -4.929  1.00 8.77  ? 59   VAL A N   1 
ATOM   440 C CA  . VAL A 1 60  ? -2.051  -2.099  -4.015  1.00 8.54  ? 59   VAL A CA  1 
ATOM   441 C C   . VAL A 1 60  ? -1.912  -0.804  -4.796  1.00 9.06  ? 59   VAL A C   1 
ATOM   442 O O   . VAL A 1 60  ? -1.262  -0.786  -5.830  1.00 9.14  ? 59   VAL A O   1 
ATOM   443 C CB  . VAL A 1 60  ? -0.716  -2.345  -3.284  1.00 8.69  ? 59   VAL A CB  1 
ATOM   444 C CG1 . VAL A 1 60  ? -0.459  -1.252  -2.216  1.00 8.33  ? 59   VAL A CG1 1 
ATOM   445 C CG2 . VAL A 1 60  ? -0.700  -3.751  -2.646  1.00 8.00  ? 59   VAL A CG2 1 
ATOM   446 N N   . GLU A 1 61  ? -2.508  0.278   -4.305  1.00 8.64  ? 60   GLU A N   1 
ATOM   447 C CA  . GLU A 1 61  ? -2.120  1.585   -4.849  1.00 10.05 ? 60   GLU A CA  1 
ATOM   448 C C   . GLU A 1 61  ? -1.311  2.381   -3.840  1.00 9.44  ? 60   GLU A C   1 
ATOM   449 O O   . GLU A 1 61  ? -1.649  2.432   -2.655  1.00 8.52  ? 60   GLU A O   1 
ATOM   450 C CB  . GLU A 1 61  ? -3.289  2.373   -5.398  1.00 12.21 ? 60   GLU A CB  1 
ATOM   451 C CG  . GLU A 1 61  ? -4.466  2.477   -4.538  1.00 15.80 ? 60   GLU A CG  1 
ATOM   452 C CD  . GLU A 1 61  ? -5.459  3.526   -5.053  1.00 19.33 ? 60   GLU A CD  1 
ATOM   453 O OE1 . GLU A 1 61  ? -5.653  3.649   -6.296  1.00 22.24 ? 60   GLU A OE1 1 
ATOM   454 O OE2 . GLU A 1 61  ? -6.048  4.209   -4.205  1.00 18.54 ? 60   GLU A OE2 1 
ATOM   455 N N   . VAL A 1 62  ? -0.205  2.936   -4.322  1.00 9.50  ? 61   VAL A N   1 
ATOM   456 C CA  . VAL A 1 62  ? 0.650   3.768   -3.517  1.00 9.27  ? 61   VAL A CA  1 
ATOM   457 C C   . VAL A 1 62  ? 0.745   5.142   -4.151  1.00 9.12  ? 61   VAL A C   1 
ATOM   458 O O   . VAL A 1 62  ? 1.018   5.246   -5.335  1.00 9.14  ? 61   VAL A O   1 
ATOM   459 C CB  . VAL A 1 62  ? 2.069   3.174   -3.381  1.00 8.99  ? 61   VAL A CB  1 
ATOM   460 C CG1 . VAL A 1 62  ? 3.010   4.164   -2.671  1.00 10.25 ? 61   VAL A CG1 1 
ATOM   461 C CG2 . VAL A 1 62  ? 2.022   1.856   -2.608  1.00 9.75  ? 61   VAL A CG2 1 
ATOM   462 N N   . LYS A 1 63  ? 0.515   6.186   -3.354  1.00 9.38  ? 62   LYS A N   1 
ATOM   463 C CA  . LYS A 1 63  ? 0.696   7.562   -3.823  1.00 9.99  ? 62   LYS A CA  1 
ATOM   464 C C   . LYS A 1 63  ? 1.555   8.340   -2.842  1.00 10.13 ? 62   LYS A C   1 
ATOM   465 O O   . LYS A 1 63  ? 1.547   8.096   -1.640  1.00 9.42  ? 62   LYS A O   1 
ATOM   466 C CB  . LYS A 1 63  ? -0.645  8.282   -4.034  1.00 10.62 ? 62   LYS A CB  1 
ATOM   467 C CG  . LYS A 1 63  ? -1.576  7.609   -5.030  1.00 11.26 ? 62   LYS A CG  1 
ATOM   468 C CD  . LYS A 1 63  ? -2.833  8.445   -5.223  1.00 12.59 ? 62   LYS A CD  1 
ATOM   469 C CE  . LYS A 1 63  ? -3.851  7.746   -6.117  1.00 14.33 ? 62   LYS A CE  1 
ATOM   470 N NZ  . LYS A 1 63  ? -3.279  7.264   -7.419  1.00 14.28 ? 62   LYS A NZ  1 
ATOM   471 N N   . SER A 1 64  ? 2.306   9.295   -3.377  1.00 10.33 ? 63   SER A N   1 
ATOM   472 C CA  . SER A 1 64  ? 3.101   10.179  -2.547  1.00 10.77 ? 63   SER A CA  1 
ATOM   473 C C   . SER A 1 64  ? 3.295   11.492  -3.278  1.00 11.08 ? 63   SER A C   1 
ATOM   474 O O   . SER A 1 64  ? 3.287   11.521  -4.519  1.00 11.94 ? 63   SER A O   1 
ATOM   475 C CB  . SER A 1 64  ? 4.476   9.557   -2.279  1.00 10.76 ? 63   SER A CB  1 
ATOM   476 O OG  . SER A 1 64  ? 5.193   10.335  -1.336  1.00 11.54 ? 63   SER A OG  1 
ATOM   477 N N   . ILE A 1 65  ? 3.448   12.576  -2.512  1.00 11.11 ? 64   ILE A N   1 
ATOM   478 C CA  . ILE A 1 65  ? 3.930   13.822  -3.074  1.00 10.99 ? 64   ILE A CA  1 
ATOM   479 C C   . ILE A 1 65  ? 5.453   13.697  -3.081  1.00 11.29 ? 64   ILE A C   1 
ATOM   480 O O   . ILE A 1 65  ? 6.114   13.828  -2.046  1.00 11.42 ? 64   ILE A O   1 
ATOM   481 C CB  . ILE A 1 65  ? 3.454   15.068  -2.277  1.00 10.74 ? 64   ILE A CB  1 
ATOM   482 C CG1 . ILE A 1 65  ? 1.929   15.207  -2.327  1.00 11.33 ? 64   ILE A CG1 1 
ATOM   483 C CG2 . ILE A 1 65  ? 4.105   16.338  -2.852  1.00 12.24 ? 64   ILE A CG2 1 
ATOM   484 C CD1 . ILE A 1 65  ? 1.380   16.237  -1.344  1.00 11.32 ? 64   ILE A CD1 1 
ATOM   485 N N   . GLY A 1 66  ? 5.990   13.423  -4.260  1.00 11.25 ? 65   GLY A N   1 
ATOM   486 C CA  . GLY A 1 66  ? 7.393   13.087  -4.424  1.00 12.68 ? 65   GLY A CA  1 
ATOM   487 C C   . GLY A 1 66  ? 7.796   11.848  -3.638  1.00 13.28 ? 65   GLY A C   1 
ATOM   488 O O   . GLY A 1 66  ? 6.947   11.018  -3.279  1.00 13.60 ? 65   GLY A O   1 
ATOM   489 N N   . ALA A 1 67  ? 9.103   11.729  -3.402  1.00 13.11 ? 66   ALA A N   1 
ATOM   490 C CA  . ALA A 1 67  ? 9.711   10.651  -2.613  1.00 13.81 ? 66   ALA A CA  1 
ATOM   491 C C   . ALA A 1 67  ? 9.717   9.298   -3.330  1.00 13.43 ? 66   ALA A C   1 
ATOM   492 O O   . ALA A 1 67  ? 9.956   8.264   -2.706  1.00 13.93 ? 66   ALA A O   1 
ATOM   493 C CB  . ALA A 1 67  ? 9.065   10.541  -1.232  1.00 13.58 ? 66   ALA A CB  1 
ATOM   494 N N   . LEU A 1 68  ? 9.462   9.323   -4.635  1.00 13.34 ? 67   LEU A N   1 
ATOM   495 C CA  . LEU A 1 68  ? 9.416   8.100   -5.431  1.00 13.32 ? 67   LEU A CA  1 
ATOM   496 C C   . LEU A 1 68  ? 10.455  8.137   -6.552  1.00 13.67 ? 67   LEU A C   1 
ATOM   497 O O   . LEU A 1 68  ? 10.244  7.595   -7.633  1.00 14.32 ? 67   LEU A O   1 
ATOM   498 C CB  . LEU A 1 68  ? 7.989   7.868   -5.989  1.00 12.89 ? 67   LEU A CB  1 
ATOM   499 C CG  . LEU A 1 68  ? 6.898   7.659   -4.925  1.00 12.49 ? 67   LEU A CG  1 
ATOM   500 C CD1 . LEU A 1 68  ? 5.525   7.618   -5.570  1.00 11.71 ? 67   LEU A CD1 1 
ATOM   501 C CD2 . LEU A 1 68  ? 7.156   6.372   -4.132  1.00 11.98 ? 67   LEU A CD2 1 
ATOM   502 N N   . ASP A 1 69  ? 11.593  8.762   -6.266  1.00 14.31 ? 68   ASP A N   1 
ATOM   503 C CA  . ASP A 1 69  ? 12.667  8.903   -7.240  1.00 13.91 ? 68   ASP A CA  1 
ATOM   504 C C   . ASP A 1 69  ? 13.658  7.736   -7.201  1.00 14.15 ? 68   ASP A C   1 
ATOM   505 O O   . ASP A 1 69  ? 13.820  7.064   -6.170  1.00 14.52 ? 68   ASP A O   1 
ATOM   506 C CB  . ASP A 1 69  ? 13.408  10.224  -6.996  1.00 14.23 ? 68   ASP A CB  1 
ATOM   507 C CG  . ASP A 1 69  ? 12.455  11.422  -6.882  1.00 14.05 ? 68   ASP A CG  1 
ATOM   508 O OD1 . ASP A 1 69  ? 11.693  11.683  -7.832  1.00 14.13 ? 68   ASP A OD1 1 
ATOM   509 O OD2 . ASP A 1 69  ? 12.505  12.132  -5.850  1.00 16.52 ? 68   ASP A OD2 1 
ATOM   510 N N   . GLY A 1 70  ? 14.321  7.520   -8.336  1.00 14.52 ? 69   GLY A N   1 
ATOM   511 C CA  . GLY A 1 70  ? 15.380  6.521   -8.457  1.00 14.53 ? 69   GLY A CA  1 
ATOM   512 C C   . GLY A 1 70  ? 14.881  5.148   -8.072  1.00 14.59 ? 69   GLY A C   1 
ATOM   513 O O   . GLY A 1 70  ? 13.893  4.669   -8.623  1.00 14.74 ? 69   GLY A O   1 
ATOM   514 N N   . SER A 1 71  ? 15.539  4.548   -7.088  1.00 14.77 ? 70   SER A N   1 
ATOM   515 C CA  . SER A 1 71  ? 15.249  3.170   -6.676  1.00 15.70 ? 70   SER A CA  1 
ATOM   516 C C   . SER A 1 71  ? 14.040  3.033   -5.748  1.00 15.35 ? 70   SER A C   1 
ATOM   517 O O   . SER A 1 71  ? 13.671  1.923   -5.358  1.00 15.11 ? 70   SER A O   1 
ATOM   518 C CB  . SER A 1 71  ? 16.481  2.563   -6.001  1.00 15.32 ? 70   SER A CB  1 
ATOM   519 O OG  . SER A 1 71  ? 16.808  3.277   -4.822  1.00 19.16 ? 70   SER A OG  1 
ATOM   520 N N   . ARG A 1 72  ? 13.415  4.154   -5.402  1.00 14.83 ? 71   ARG A N   1 
ATOM   521 C CA  . ARG A 1 72  ? 12.348  4.153   -4.408  1.00 14.48 ? 71   ARG A CA  1 
ATOM   522 C C   . ARG A 1 72  ? 11.157  3.245   -4.723  1.00 13.90 ? 71   ARG A C   1 
ATOM   523 O O   . ARG A 1 72  ? 10.676  2.542   -3.827  1.00 13.38 ? 71   ARG A O   1 
ATOM   524 C CB  . ARG A 1 72  ? 11.872  5.583   -4.130  1.00 15.48 ? 71   ARG A CB  1 
ATOM   525 C CG  . ARG A 1 72  ? 12.741  6.338   -3.146  1.00 16.33 ? 71   ARG A CG  1 
ATOM   526 C CD  . ARG A 1 72  ? 12.305  6.028   -1.726  1.00 15.48 ? 71   ARG A CD  1 
ATOM   527 N NE  . ARG A 1 72  ? 13.167  6.684   -0.745  1.00 17.36 ? 71   ARG A NE  1 
ATOM   528 C CZ  . ARG A 1 72  ? 12.984  7.911   -0.267  1.00 18.39 ? 71   ARG A CZ  1 
ATOM   529 N NH1 . ARG A 1 72  ? 11.952  8.653   -0.656  1.00 18.48 ? 71   ARG A NH1 1 
ATOM   530 N NH2 . ARG A 1 72  ? 13.839  8.399   0.618   1.00 19.00 ? 71   ARG A NH2 1 
ATOM   531 N N   . THR A 1 73  ? 10.685  3.245   -5.972  1.00 13.69 ? 72   THR A N   1 
ATOM   532 C CA  . THR A 1 73  ? 9.534   2.386   -6.295  1.00 13.66 ? 72   THR A CA  1 
ATOM   533 C C   . THR A 1 73  ? 9.911   0.913   -6.173  1.00 13.97 ? 72   THR A C   1 
ATOM   534 O O   . THR A 1 73  ? 9.102   0.119   -5.699  1.00 13.74 ? 72   THR A O   1 
ATOM   535 C CB  . THR A 1 73  ? 8.858   2.686   -7.669  1.00 13.82 ? 72   THR A CB  1 
ATOM   536 O OG1 . THR A 1 73  ? 9.805   2.488   -8.725  1.00 13.68 ? 72   THR A OG1 1 
ATOM   537 C CG2 . THR A 1 73  ? 8.304   4.110   -7.716  1.00 14.54 ? 72   THR A CG2 1 
ATOM   538 N N   . GLN A 1 74  ? 11.146  0.547   -6.541  1.00 14.83 ? 73   GLN A N   1 
ATOM   539 C CA  . GLN A 1 74  ? 11.629  -0.822  -6.270  1.00 15.47 ? 73   GLN A CA  1 
ATOM   540 C C   . GLN A 1 74  ? 11.671  -1.148  -4.768  1.00 14.85 ? 73   GLN A C   1 
ATOM   541 O O   . GLN A 1 74  ? 11.216  -2.215  -4.337  1.00 14.69 ? 73   GLN A O   1 
ATOM   542 C CB  . GLN A 1 74  ? 12.994  -1.102  -6.934  1.00 16.62 ? 73   GLN A CB  1 
ATOM   543 C CG  . GLN A 1 74  ? 12.888  -1.520  -8.402  1.00 21.35 ? 73   GLN A CG  1 
ATOM   544 C CD  . GLN A 1 74  ? 14.228  -1.914  -9.052  1.00 26.48 ? 73   GLN A CD  1 
ATOM   545 O OE1 . GLN A 1 74  ? 15.268  -2.015  -8.391  1.00 28.97 ? 73   GLN A OE1 1 
ATOM   546 N NE2 . GLN A 1 74  ? 14.193  -2.137  -10.369 1.00 29.89 ? 73   GLN A NE2 1 
ATOM   547 N N   . GLU A 1 75  ? 12.218  -0.230  -3.975  1.00 14.67 ? 74   GLU A N   1 
ATOM   548 C CA  . GLU A 1 75  ? 12.333  -0.425  -2.543  1.00 14.77 ? 74   GLU A CA  1 
ATOM   549 C C   . GLU A 1 75  ? 10.976  -0.495  -1.859  1.00 13.67 ? 74   GLU A C   1 
ATOM   550 O O   . GLU A 1 75  ? 10.789  -1.288  -0.936  1.00 13.67 ? 74   GLU A O   1 
ATOM   551 C CB  . GLU A 1 75  ? 13.179  0.694   -1.914  1.00 15.05 ? 74   GLU A CB  1 
ATOM   552 C CG  . GLU A 1 75  ? 14.636  0.660   -2.363  1.00 19.04 ? 74   GLU A CG  1 
ATOM   553 C CD  . GLU A 1 75  ? 15.396  1.932   -2.034  1.00 24.21 ? 74   GLU A CD  1 
ATOM   554 O OE1 . GLU A 1 75  ? 14.860  2.788   -1.300  1.00 27.66 ? 74   GLU A OE1 1 
ATOM   555 O OE2 . GLU A 1 75  ? 16.541  2.079   -2.513  1.00 28.05 ? 74   GLU A OE2 1 
ATOM   556 N N   . VAL A 1 76  ? 10.037  0.342   -2.300  1.00 13.15 ? 75   VAL A N   1 
ATOM   557 C CA  . VAL A 1 76  ? 8.681   0.305   -1.744  1.00 12.73 ? 75   VAL A CA  1 
ATOM   558 C C   . VAL A 1 76  ? 8.017   -1.027  -2.111  1.00 12.38 ? 75   VAL A C   1 
ATOM   559 O O   . VAL A 1 76  ? 7.385   -1.679  -1.274  1.00 12.70 ? 75   VAL A O   1 
ATOM   560 C CB  . VAL A 1 76  ? 7.809   1.512   -2.195  1.00 12.49 ? 75   VAL A CB  1 
ATOM   561 C CG1 . VAL A 1 76  ? 6.361   1.333   -1.742  1.00 12.41 ? 75   VAL A CG1 1 
ATOM   562 C CG2 . VAL A 1 76  ? 8.374   2.838   -1.643  1.00 12.19 ? 75   VAL A CG2 1 
ATOM   563 N N   . SER A 1 77  ? 8.208   -1.467  -3.347  1.00 12.25 ? 76   SER A N   1 
ATOM   564 C CA  . SER A 1 77  ? 7.629   -2.736  -3.763  1.00 12.23 ? 76   SER A CA  1 
ATOM   565 C C   . SER A 1 77  ? 8.195   -3.893  -2.928  1.00 12.56 ? 76   SER A C   1 
ATOM   566 O O   . SER A 1 77  ? 7.459   -4.776  -2.503  1.00 12.05 ? 76   SER A O   1 
ATOM   567 C CB  . SER A 1 77  ? 7.857   -2.971  -5.255  1.00 12.49 ? 76   SER A CB  1 
ATOM   568 O OG  . SER A 1 77  ? 7.307   -4.212  -5.638  1.00 13.52 ? 76   SER A OG  1 
ATOM   569 N N   . GLU A 1 78  ? 9.498   -3.868  -2.672  1.00 12.59 ? 77   GLU A N   1 
ATOM   570 C CA  . GLU A 1 78  ? 10.093  -4.912  -1.846  1.00 13.93 ? 77   GLU A CA  1 
ATOM   571 C C   . GLU A 1 78  ? 9.462   -4.918  -0.446  1.00 13.65 ? 77   GLU A C   1 
ATOM   572 O O   . GLU A 1 78  ? 9.054   -5.975  0.051   1.00 13.04 ? 77   GLU A O   1 
ATOM   573 C CB  . GLU A 1 78  ? 11.618  -4.764  -1.792  1.00 15.10 ? 77   GLU A CB  1 
ATOM   574 C CG  . GLU A 1 78  ? 12.339  -5.869  -1.018  1.00 19.69 ? 77   GLU A CG  1 
ATOM   575 C CD  . GLU A 1 78  ? 13.823  -5.580  -0.827  1.00 26.73 ? 77   GLU A CD  1 
ATOM   576 O OE1 . GLU A 1 78  ? 14.248  -4.408  -0.984  1.00 30.67 ? 77   GLU A OE1 1 
ATOM   577 O OE2 . GLU A 1 78  ? 14.569  -6.534  -0.510  1.00 30.29 ? 77   GLU A OE2 1 
ATOM   578 N N   . LEU A 1 79  ? 9.357   -3.740  0.166   1.00 13.38 ? 78   LEU A N   1 
ATOM   579 C CA  . LEU A 1 79  ? 8.721   -3.596  1.476   1.00 13.25 ? 78   LEU A CA  1 
ATOM   580 C C   . LEU A 1 79  ? 7.284   -4.107  1.477   1.00 12.83 ? 78   LEU A C   1 
ATOM   581 O O   . LEU A 1 79  ? 6.899   -4.939  2.321   1.00 12.62 ? 78   LEU A O   1 
ATOM   582 C CB  . LEU A 1 79  ? 8.751   -2.127  1.938   1.00 13.92 ? 78   LEU A CB  1 
ATOM   583 C CG  . LEU A 1 79  ? 7.817   -1.740  3.099   1.00 15.30 ? 78   LEU A CG  1 
ATOM   584 C CD1 . LEU A 1 79  ? 8.216   -2.403  4.428   1.00 17.68 ? 78   LEU A CD1 1 
ATOM   585 C CD2 . LEU A 1 79  ? 7.749   -0.214  3.227   1.00 17.18 ? 78   LEU A CD2 1 
ATOM   586 N N   . VAL A 1 80  ? 6.497   -3.595  0.534   1.00 11.46 ? 79   VAL A N   1 
ATOM   587 C CA  . VAL A 1 80  ? 5.063   -3.849  0.492   1.00 11.35 ? 79   VAL A CA  1 
ATOM   588 C C   . VAL A 1 80  ? 4.757   -5.313  0.170   1.00 11.28 ? 79   VAL A C   1 
ATOM   589 O O   . VAL A 1 80  ? 3.934   -5.945  0.849   1.00 11.22 ? 79   VAL A O   1 
ATOM   590 C CB  . VAL A 1 80  ? 4.364   -2.890  -0.499  1.00 10.96 ? 79   VAL A CB  1 
ATOM   591 C CG1 . VAL A 1 80  ? 2.914   -3.298  -0.756  1.00 10.99 ? 79   VAL A CG1 1 
ATOM   592 C CG2 . VAL A 1 80  ? 4.428   -1.467  0.049   1.00 10.16 ? 79   VAL A CG2 1 
ATOM   593 N N   . CYS A 1 81  ? 5.416   -5.856  -0.853  1.00 11.15 ? 80   CYS A N   1 
ATOM   594 C CA  . CYS A 1 81  ? 5.201   -7.261  -1.226  1.00 12.58 ? 80   CYS A CA  1 
ATOM   595 C C   . CYS A 1 81  ? 5.622   -8.175  -0.082  1.00 13.12 ? 80   CYS A C   1 
ATOM   596 O O   . CYS A 1 81  ? 4.927   -9.146  0.228   1.00 13.70 ? 80   CYS A O   1 
ATOM   597 C CB  . CYS A 1 81  ? 5.946   -7.627  -2.505  1.00 12.19 ? 80   CYS A CB  1 
ATOM   598 S SG  . CYS A 1 81  ? 5.258   -6.838  -3.967  1.00 13.11 ? 80   CYS A SG  1 
ATOM   599 N N   . GLY A 1 82  ? 6.738   -7.836  0.561   1.00 14.01 ? 81   GLY A N   1 
ATOM   600 C CA  . GLY A 1 82  ? 7.220   -8.620  1.703   1.00 14.27 ? 81   GLY A CA  1 
ATOM   601 C C   . GLY A 1 82  ? 6.259   -8.610  2.882   1.00 14.51 ? 81   GLY A C   1 
ATOM   602 O O   . GLY A 1 82  ? 5.960   -9.668  3.472   1.00 14.84 ? 81   GLY A O   1 
ATOM   603 N N   . HIS A 1 83  ? 5.756   -7.421  3.209   1.00 14.15 ? 82   HIS A N   1 
ATOM   604 C CA  . HIS A 1 83  ? 4.814   -7.241  4.313   1.00 14.75 ? 82   HIS A CA  1 
ATOM   605 C C   . HIS A 1 83  ? 3.519   -8.017  4.043   1.00 14.63 ? 82   HIS A C   1 
ATOM   606 O O   . HIS A 1 83  ? 2.988   -8.704  4.923   1.00 14.53 ? 82   HIS A O   1 
ATOM   607 C CB  . HIS A 1 83  ? 4.524   -5.749  4.523   1.00 14.25 ? 82   HIS A CB  1 
ATOM   608 C CG  . HIS A 1 83  ? 3.839   -5.448  5.818   1.00 15.94 ? 82   HIS A CG  1 
ATOM   609 N ND1 . HIS A 1 83  ? 4.510   -5.422  7.021   1.00 17.40 ? 82   HIS A ND1 1 
ATOM   610 C CD2 . HIS A 1 83  ? 2.542   -5.173  6.100   1.00 16.74 ? 82   HIS A CD2 1 
ATOM   611 C CE1 . HIS A 1 83  ? 3.654   -5.147  7.992   1.00 17.08 ? 82   HIS A CE1 1 
ATOM   612 N NE2 . HIS A 1 83  ? 2.454   -4.982  7.457   1.00 17.49 ? 82   HIS A NE2 1 
ATOM   613 N N   . ILE A 1 84  ? 3.024   -7.930  2.807   1.00 13.71 ? 83   ILE A N   1 
ATOM   614 C CA  . ILE A 1 84  ? 1.787   -8.604  2.441   1.00 14.05 ? 83   ILE A CA  1 
ATOM   615 C C   . ILE A 1 84  ? 1.940   -10.137 2.388   1.00 14.76 ? 83   ILE A C   1 
ATOM   616 O O   . ILE A 1 84  ? 1.053   -10.866 2.822   1.00 14.66 ? 83   ILE A O   1 
ATOM   617 C CB  . ILE A 1 84  ? 1.173   -8.017  1.144   1.00 13.55 ? 83   ILE A CB  1 
ATOM   618 C CG1 . ILE A 1 84  ? 0.691   -6.583  1.419   1.00 13.51 ? 83   ILE A CG1 1 
ATOM   619 C CG2 . ILE A 1 84  ? 0.037   -8.908  0.648   1.00 14.06 ? 83   ILE A CG2 1 
ATOM   620 C CD1 . ILE A 1 84  ? 0.388   -5.764  0.182   1.00 9.83  ? 83   ILE A CD1 1 
ATOM   621 N N   . GLU A 1 85  ? 3.068   -10.605 1.861   1.00 15.61 ? 84   GLU A N   1 
ATOM   622 C CA  . GLU A 1 85  ? 3.421   -12.023 1.839   1.00 17.40 ? 84   GLU A CA  1 
ATOM   623 C C   . GLU A 1 85  ? 3.382   -12.610 3.241   1.00 17.93 ? 84   GLU A C   1 
ATOM   624 O O   . GLU A 1 85  ? 2.754   -13.637 3.478   1.00 17.81 ? 84   GLU A O   1 
ATOM   625 C CB  . GLU A 1 85  ? 4.838   -12.203 1.311   1.00 18.26 ? 84   GLU A CB  1 
ATOM   626 C CG  . GLU A 1 85  ? 4.951   -12.537 -0.142  1.00 22.02 ? 84   GLU A CG  1 
ATOM   627 C CD  . GLU A 1 85  ? 6.189   -13.370 -0.442  1.00 25.61 ? 84   GLU A CD  1 
ATOM   628 O OE1 . GLU A 1 85  ? 6.165   -14.144 -1.414  1.00 26.75 ? 84   GLU A OE1 1 
ATOM   629 O OE2 . GLU A 1 85  ? 7.191   -13.247 0.303   1.00 29.36 ? 84   GLU A OE2 1 
ATOM   630 N N   . GLN A 1 86  ? 4.071   -11.930 4.152   1.00 18.55 ? 85   GLN A N   1 
ATOM   631 C CA  . GLN A 1 86  ? 4.205   -12.356 5.551   1.00 20.15 ? 85   GLN A CA  1 
ATOM   632 C C   . GLN A 1 86  ? 2.863   -12.353 6.302   1.00 20.18 ? 85   GLN A C   1 
ATOM   633 O O   . GLN A 1 86  ? 2.528   -13.319 7.001   1.00 20.32 ? 85   GLN A O   1 
ATOM   634 C CB  . GLN A 1 86  ? 5.238   -11.453 6.242   1.00 20.53 ? 85   GLN A CB  1 
ATOM   635 C CG  . GLN A 1 86  ? 5.406   -11.620 7.743   1.00 25.59 ? 85   GLN A CG  1 
ATOM   636 C CD  . GLN A 1 86  ? 6.572   -12.517 8.091   1.00 30.82 ? 85   GLN A CD  1 
ATOM   637 O OE1 . GLN A 1 86  ? 7.645   -12.042 8.477   1.00 33.65 ? 85   GLN A OE1 1 
ATOM   638 N NE2 . GLN A 1 86  ? 6.378   -13.824 7.946   1.00 32.56 ? 85   GLN A NE2 1 
ATOM   639 N N   . ASN A 1 87  ? 2.089   -11.282 6.134   1.00 19.48 ? 86   ASN A N   1 
ATOM   640 C CA  . ASN A 1 87  ? 0.901   -11.045 6.946   1.00 19.59 ? 86   ASN A CA  1 
ATOM   641 C C   . ASN A 1 87  ? -0.423  -11.541 6.358   1.00 19.17 ? 86   ASN A C   1 
ATOM   642 O O   . ASN A 1 87  ? -1.350  -11.871 7.108   1.00 19.75 ? 86   ASN A O   1 
ATOM   643 C CB  . ASN A 1 87  ? 0.818   -9.561  7.295   1.00 19.64 ? 86   ASN A CB  1 
ATOM   644 C CG  . ASN A 1 87  ? 1.871   -9.152  8.306   1.00 21.44 ? 86   ASN A CG  1 
ATOM   645 O OD1 . ASN A 1 87  ? 1.709   -9.391  9.503   1.00 25.33 ? 86   ASN A OD1 1 
ATOM   646 N ND2 . ASN A 1 87  ? 2.945   -8.530  7.840   1.00 20.72 ? 86   ASN A ND2 1 
ATOM   647 N N   . LEU A 1 88  ? -0.510  -11.613 5.034   1.00 18.80 ? 87   LEU A N   1 
ATOM   648 C CA  . LEU A 1 88  ? -1.734  -12.089 4.378   1.00 18.39 ? 87   LEU A CA  1 
ATOM   649 C C   . LEU A 1 88  ? -1.566  -13.421 3.667   1.00 18.26 ? 87   LEU A C   1 
ATOM   650 O O   . LEU A 1 88  ? -2.546  -13.994 3.208   1.00 18.87 ? 87   LEU A O   1 
ATOM   651 C CB  . LEU A 1 88  ? -2.293  -11.034 3.404   1.00 18.07 ? 87   LEU A CB  1 
ATOM   652 C CG  . LEU A 1 88  ? -2.690  -9.700  4.031   1.00 17.82 ? 87   LEU A CG  1 
ATOM   653 C CD1 . LEU A 1 88  ? -3.113  -8.718  2.938   1.00 15.84 ? 87   LEU A CD1 1 
ATOM   654 C CD2 . LEU A 1 88  ? -3.797  -9.906  5.073   1.00 17.90 ? 87   LEU A CD2 1 
ATOM   655 N N   . GLY A 1 89  ? -0.327  -13.899 3.579   1.00 17.94 ? 88   GLY A N   1 
ATOM   656 C CA  . GLY A 1 89  ? -0.018  -15.155 2.905   1.00 18.20 ? 88   GLY A CA  1 
ATOM   657 C C   . GLY A 1 89  ? -0.249  -15.101 1.405   1.00 18.31 ? 88   GLY A C   1 
ATOM   658 O O   . GLY A 1 89  ? -0.551  -16.122 0.783   1.00 19.43 ? 88   GLY A O   1 
ATOM   659 N N   . ILE A 1 90  ? -0.135  -13.908 0.826   1.00 16.77 ? 89   ILE A N   1 
ATOM   660 C CA  . ILE A 1 90  ? -0.254  -13.746 -0.624  1.00 16.08 ? 89   ILE A CA  1 
ATOM   661 C C   . ILE A 1 90  ? 1.160   -13.702 -1.192  1.00 15.91 ? 89   ILE A C   1 
ATOM   662 O O   . ILE A 1 90  ? 1.963   -12.863 -0.789  1.00 15.77 ? 89   ILE A O   1 
ATOM   663 C CB  . ILE A 1 90  ? -1.018  -12.447 -1.011  1.00 15.47 ? 89   ILE A CB  1 
ATOM   664 C CG1 . ILE A 1 90  ? -2.414  -12.455 -0.384  1.00 15.33 ? 89   ILE A CG1 1 
ATOM   665 C CG2 . ILE A 1 90  ? -1.097  -12.297 -2.539  1.00 15.07 ? 89   ILE A CG2 1 
ATOM   666 C CD1 . ILE A 1 90  ? -3.205  -11.147 -0.554  1.00 13.19 ? 89   ILE A CD1 1 
ATOM   667 N N   . PRO A 1 91  ? 1.472   -14.621 -2.120  1.00 16.35 ? 90   PRO A N   1 
ATOM   668 C CA  . PRO A 1 91  ? 2.792   -14.706 -2.731  1.00 16.22 ? 90   PRO A CA  1 
ATOM   669 C C   . PRO A 1 91  ? 3.129   -13.392 -3.421  1.00 15.41 ? 90   PRO A C   1 
ATOM   670 O O   . PRO A 1 91  ? 2.242   -12.791 -4.036  1.00 16.09 ? 90   PRO A O   1 
ATOM   671 C CB  . PRO A 1 91  ? 2.622   -15.803 -3.788  1.00 15.90 ? 90   PRO A CB  1 
ATOM   672 C CG  . PRO A 1 91  ? 1.406   -16.539 -3.415  1.00 17.62 ? 90   PRO A CG  1 
ATOM   673 C CD  . PRO A 1 91  ? 0.517   -15.566 -2.730  1.00 16.27 ? 90   PRO A CD  1 
ATOM   674 N N   . ALA A 1 92  ? 4.381   -12.958 -3.329  1.00 14.89 ? 91   ALA A N   1 
ATOM   675 C CA  . ALA A 1 92  ? 4.795   -11.691 -3.942  1.00 14.73 ? 91   ALA A CA  1 
ATOM   676 C C   . ALA A 1 92  ? 4.552   -11.676 -5.458  1.00 14.56 ? 91   ALA A C   1 
ATOM   677 O O   . ALA A 1 92  ? 4.291   -10.614 -6.037  1.00 13.48 ? 91   ALA A O   1 
ATOM   678 C CB  . ALA A 1 92  ? 6.248   -11.374 -3.616  1.00 14.77 ? 91   ALA A CB  1 
ATOM   679 N N   . ASP A 1 93  ? 4.621   -12.851 -6.099  1.00 13.98 ? 92   ASP A N   1 
ATOM   680 C CA  . ASP A 1 93  ? 4.387   -12.912 -7.551  1.00 13.96 ? 92   ASP A CA  1 
ATOM   681 C C   . ASP A 1 93  ? 2.909   -12.846 -7.935  1.00 13.33 ? 92   ASP A C   1 
ATOM   682 O O   . ASP A 1 93  ? 2.560   -12.959 -9.124  1.00 13.68 ? 92   ASP A O   1 
ATOM   683 C CB  . ASP A 1 93  ? 5.076   -14.114 -8.212  1.00 14.40 ? 92   ASP A CB  1 
ATOM   684 C CG  . ASP A 1 93  ? 4.500   -15.461 -7.771  1.00 15.83 ? 92   ASP A CG  1 
ATOM   685 O OD1 . ASP A 1 93  ? 3.493   -15.519 -7.030  1.00 17.74 ? 92   ASP A OD1 1 
ATOM   686 O OD2 . ASP A 1 93  ? 5.081   -16.481 -8.195  1.00 19.99 ? 92   ASP A OD2 1 
ATOM   687 N N   . ARG A 1 94  ? 2.042   -12.664 -6.936  1.00 12.25 ? 93   ARG A N   1 
ATOM   688 C CA  . ARG A 1 94  ? 0.632   -12.386 -7.212  1.00 11.45 ? 93   ARG A CA  1 
ATOM   689 C C   . ARG A 1 94  ? 0.202   -11.012 -6.676  1.00 10.77 ? 93   ARG A C   1 
ATOM   690 O O   . ARG A 1 94  ? -0.988  -10.758 -6.442  1.00 11.16 ? 93   ARG A O   1 
ATOM   691 C CB  . ARG A 1 94  ? -0.250  -13.523 -6.693  1.00 12.01 ? 93   ARG A CB  1 
ATOM   692 C CG  . ARG A 1 94  ? -0.081  -14.787 -7.571  1.00 12.05 ? 93   ARG A CG  1 
ATOM   693 C CD  . ARG A 1 94  ? -1.003  -15.924 -7.157  1.00 13.77 ? 93   ARG A CD  1 
ATOM   694 N NE  . ARG A 1 94  ? -2.427  -15.665 -7.384  1.00 15.16 ? 93   ARG A NE  1 
ATOM   695 C CZ  . ARG A 1 94  ? -3.047  -15.731 -8.563  1.00 11.92 ? 93   ARG A CZ  1 
ATOM   696 N NH1 . ARG A 1 94  ? -4.354  -15.492 -8.620  1.00 12.88 ? 93   ARG A NH1 1 
ATOM   697 N NH2 . ARG A 1 94  ? -2.380  -16.027 -9.680  1.00 13.00 ? 93   ARG A NH2 1 
ATOM   698 N N   . ILE A 1 95  ? 1.190   -10.133 -6.493  1.00 10.25 ? 94   ILE A N   1 
ATOM   699 C CA  . ILE A 1 95  ? 0.932   -8.765  -6.009  1.00 9.87  ? 94   ILE A CA  1 
ATOM   700 C C   . ILE A 1 95  ? 1.295   -7.734  -7.071  1.00 9.66  ? 94   ILE A C   1 
ATOM   701 O O   . ILE A 1 95  ? 2.398   -7.773  -7.625  1.00 10.43 ? 94   ILE A O   1 
ATOM   702 C CB  . ILE A 1 95  ? 1.715   -8.467  -4.701  1.00 10.06 ? 94   ILE A CB  1 
ATOM   703 C CG1 . ILE A 1 95  ? 1.339   -9.494  -3.613  1.00 10.93 ? 94   ILE A CG1 1 
ATOM   704 C CG2 . ILE A 1 95  ? 1.473   -7.009  -4.258  1.00 10.60 ? 94   ILE A CG2 1 
ATOM   705 C CD1 . ILE A 1 95  ? 2.146   -9.377  -2.345  1.00 11.78 ? 94   ILE A CD1 1 
ATOM   706 N N   . TYR A 1 96  ? 0.350   -6.839  -7.371  1.00 8.91  ? 95   TYR A N   1 
ATOM   707 C CA  . TYR A 1 96  ? 0.613   -5.681  -8.229  1.00 8.70  ? 95   TYR A CA  1 
ATOM   708 C C   . TYR A 1 96  ? 0.513   -4.411  -7.401  1.00 8.59  ? 95   TYR A C   1 
ATOM   709 O O   . TYR A 1 96  ? -0.330  -4.309  -6.505  1.00 7.85  ? 95   TYR A O   1 
ATOM   710 C CB  . TYR A 1 96  ? -0.431  -5.593  -9.340  1.00 8.55  ? 95   TYR A CB  1 
ATOM   711 C CG  . TYR A 1 96  ? -0.109  -6.321  -10.624 1.00 9.55  ? 95   TYR A CG  1 
ATOM   712 C CD1 . TYR A 1 96  ? 1.136   -6.901  -10.839 1.00 10.05 ? 95   TYR A CD1 1 
ATOM   713 C CD2 . TYR A 1 96  ? -1.037  -6.355  -11.661 1.00 8.84  ? 95   TYR A CD2 1 
ATOM   714 C CE1 . TYR A 1 96  ? 1.439   -7.537  -12.049 1.00 9.20  ? 95   TYR A CE1 1 
ATOM   715 C CE2 . TYR A 1 96  ? -0.750  -6.997  -12.861 1.00 10.37 ? 95   TYR A CE2 1 
ATOM   716 C CZ  . TYR A 1 96  ? 0.488   -7.573  -13.050 1.00 11.03 ? 95   TYR A CZ  1 
ATOM   717 O OH  . TYR A 1 96  ? 0.799   -8.194  -14.247 1.00 9.75  ? 95   TYR A OH  1 
ATOM   718 N N   . ILE A 1 97  ? 1.372   -3.445  -7.721  1.00 8.63  ? 96   ILE A N   1 
ATOM   719 C CA  . ILE A 1 97  ? 1.338   -2.136  -7.090  1.00 7.91  ? 96   ILE A CA  1 
ATOM   720 C C   . ILE A 1 97  ? 1.301   -1.053  -8.145  1.00 7.99  ? 96   ILE A C   1 
ATOM   721 O O   . ILE A 1 97  ? 2.211   -0.976  -9.002  1.00 8.67  ? 96   ILE A O   1 
ATOM   722 C CB  . ILE A 1 97  ? 2.549   -1.895  -6.140  1.00 7.88  ? 96   ILE A CB  1 
ATOM   723 C CG1 . ILE A 1 97  ? 2.682   -3.030  -5.105  1.00 8.07  ? 96   ILE A CG1 1 
ATOM   724 C CG2 . ILE A 1 97  ? 2.404   -0.550  -5.439  1.00 7.61  ? 96   ILE A CG2 1 
ATOM   725 C CD1 . ILE A 1 97  ? 4.022   -3.004  -4.372  1.00 9.03  ? 96   ILE A CD1 1 
ATOM   726 N N   . GLY A 1 98  ? 0.281   -0.194  -8.080  1.00 7.79  ? 97   GLY A N   1 
ATOM   727 C CA  . GLY A 1 98  ? 0.249   1.001   -8.950  1.00 8.25  ? 97   GLY A CA  1 
ATOM   728 C C   . GLY A 1 98  ? 0.750   2.209   -8.179  1.00 8.63  ? 97   GLY A C   1 
ATOM   729 O O   . GLY A 1 98  ? 0.157   2.586   -7.151  1.00 9.33  ? 97   GLY A O   1 
ATOM   730 N N   . PHE A 1 99  ? 1.822   2.830   -8.681  1.00 8.82  ? 98   PHE A N   1 
ATOM   731 C CA  . PHE A 1 99  ? 2.413   4.020   -8.044  1.00 9.47  ? 98   PHE A CA  1 
ATOM   732 C C   . PHE A 1 99  ? 2.001   5.311   -8.751  1.00 10.45 ? 98   PHE A C   1 
ATOM   733 O O   . PHE A 1 99  ? 1.867   5.331   -9.978  1.00 10.59 ? 98   PHE A O   1 
ATOM   734 C CB  . PHE A 1 99  ? 3.954   3.959   -8.115  1.00 9.75  ? 98   PHE A CB  1 
ATOM   735 C CG  . PHE A 1 99  ? 4.576   2.930   -7.221  1.00 7.89  ? 98   PHE A CG  1 
ATOM   736 C CD1 . PHE A 1 99  ? 4.956   3.258   -5.914  1.00 9.16  ? 98   PHE A CD1 1 
ATOM   737 C CD2 . PHE A 1 99  ? 4.807   1.639   -7.686  1.00 10.12 ? 98   PHE A CD2 1 
ATOM   738 C CE1 . PHE A 1 99  ? 5.548   2.322   -5.101  1.00 10.03 ? 98   PHE A CE1 1 
ATOM   739 C CE2 . PHE A 1 99  ? 5.408   0.676   -6.879  1.00 9.92  ? 98   PHE A CE2 1 
ATOM   740 C CZ  . PHE A 1 99  ? 5.772   1.005   -5.570  1.00 10.54 ? 98   PHE A CZ  1 
ATOM   741 N N   . GLU A 1 100 ? 1.867   6.396   -7.988  1.00 11.42 ? 99   GLU A N   1 
ATOM   742 C CA  . GLU A 1 100 ? 1.665   7.726   -8.563  1.00 12.30 ? 99   GLU A CA  1 
ATOM   743 C C   . GLU A 1 100 ? 2.422   8.754   -7.713  1.00 12.03 ? 99   GLU A C   1 
ATOM   744 O O   . GLU A 1 100 ? 2.312   8.759   -6.487  1.00 10.76 ? 99   GLU A O   1 
ATOM   745 C CB  . GLU A 1 100 ? 0.173   8.068   -8.600  1.00 13.05 ? 99   GLU A CB  1 
ATOM   746 C CG  . GLU A 1 100 ? -0.156  9.410   -9.247  1.00 17.04 ? 99   GLU A CG  1 
ATOM   747 C CD  . GLU A 1 100 ? -1.652  9.599   -9.448  1.00 21.20 ? 99   GLU A CD  1 
ATOM   748 O OE1 . GLU A 1 100 ? -2.401  9.665   -8.448  1.00 19.21 ? 99   GLU A OE1 1 
ATOM   749 O OE2 . GLU A 1 100 ? -2.086  9.673   -10.618 1.00 26.31 ? 99   GLU A OE2 1 
ATOM   750 N N   . ASP A 1 101 ? 3.243   9.572   -8.373  1.00 11.92 ? 100  ASP A N   1 
ATOM   751 C CA  . ASP A 1 101 ? 3.840   10.745  -7.749  1.00 12.33 ? 100  ASP A CA  1 
ATOM   752 C C   . ASP A 1 101 ? 2.873   11.897  -8.037  1.00 12.16 ? 100  ASP A C   1 
ATOM   753 O O   . ASP A 1 101 ? 2.733   12.356  -9.182  1.00 12.09 ? 100  ASP A O   1 
ATOM   754 C CB  . ASP A 1 101 ? 5.245   10.989  -8.336  1.00 12.72 ? 100  ASP A CB  1 
ATOM   755 C CG  . ASP A 1 101 ? 5.906   12.258  -7.807  1.00 14.21 ? 100  ASP A CG  1 
ATOM   756 O OD1 . ASP A 1 101 ? 5.249   13.062  -7.102  1.00 14.46 ? 100  ASP A OD1 1 
ATOM   757 O OD2 . ASP A 1 101 ? 7.099   12.460  -8.123  1.00 16.40 ? 100  ASP A OD2 1 
ATOM   758 N N   . VAL A 1 102 ? 2.171   12.336  -6.993  1.00 11.51 ? 101  VAL A N   1 
ATOM   759 C CA  . VAL A 1 102 ? 1.062   13.283  -7.130  1.00 11.88 ? 101  VAL A CA  1 
ATOM   760 C C   . VAL A 1 102 ? 1.553   14.703  -6.860  1.00 11.92 ? 101  VAL A C   1 
ATOM   761 O O   . VAL A 1 102 ? 2.205   14.929  -5.836  1.00 11.65 ? 101  VAL A O   1 
ATOM   762 C CB  . VAL A 1 102 ? -0.061  12.971  -6.115  1.00 11.57 ? 101  VAL A CB  1 
ATOM   763 C CG1 . VAL A 1 102 ? -1.250  13.914  -6.334  1.00 11.11 ? 101  VAL A CG1 1 
ATOM   764 C CG2 . VAL A 1 102 ? -0.516  11.520  -6.239  1.00 13.18 ? 101  VAL A CG2 1 
ATOM   765 N N   . PRO A 1 103 ? 1.262   15.652  -7.776  1.00 12.27 ? 102  PRO A N   1 
ATOM   766 C CA  . PRO A 1 103 ? 1.601   17.038  -7.453  1.00 12.25 ? 102  PRO A CA  1 
ATOM   767 C C   . PRO A 1 103 ? 0.832   17.493  -6.228  1.00 12.27 ? 102  PRO A C   1 
ATOM   768 O O   . PRO A 1 103 ? -0.333  17.101  -6.037  1.00 11.94 ? 102  PRO A O   1 
ATOM   769 C CB  . PRO A 1 103 ? 1.151   17.810  -8.705  1.00 12.15 ? 102  PRO A CB  1 
ATOM   770 C CG  . PRO A 1 103 ? 1.180   16.797  -9.788  1.00 13.67 ? 102  PRO A CG  1 
ATOM   771 C CD  . PRO A 1 103 ? 0.688   15.544  -9.125  1.00 12.46 ? 102  PRO A CD  1 
ATOM   772 N N   . ALA A 1 104 ? 1.483   18.292  -5.381  1.00 12.11 ? 103  ALA A N   1 
ATOM   773 C CA  . ALA A 1 104 ? 0.885   18.737  -4.123  1.00 12.02 ? 103  ALA A CA  1 
ATOM   774 C C   . ALA A 1 104 ? -0.476  19.421  -4.314  1.00 11.29 ? 103  ALA A C   1 
ATOM   775 O O   . ALA A 1 104 ? -1.407  19.205  -3.527  1.00 10.43 ? 103  ALA A O   1 
ATOM   776 C CB  . ALA A 1 104 ? 1.855   19.629  -3.361  1.00 12.19 ? 103  ALA A CB  1 
ATOM   777 N N   . ARG A 1 105 ? -0.615  20.213  -5.371  1.00 11.36 ? 104  ARG A N   1 
ATOM   778 C CA  . ARG A 1 105 ? -1.901  20.882  -5.640  1.00 11.98 ? 104  ARG A CA  1 
ATOM   779 C C   . ARG A 1 105 ? -3.041  19.926  -6.040  1.00 11.34 ? 104  ARG A C   1 
ATOM   780 O O   . ARG A 1 105 ? -4.218  20.323  -6.040  1.00 11.72 ? 104  ARG A O   1 
ATOM   781 C CB  . ARG A 1 105 ? -1.741  21.986  -6.688  1.00 11.85 ? 104  ARG A CB  1 
ATOM   782 C CG  . ARG A 1 105 ? -1.333  21.530  -8.072  1.00 15.69 ? 104  ARG A CG  1 
ATOM   783 C CD  . ARG A 1 105 ? -1.414  22.707  -9.061  1.00 19.68 ? 104  ARG A CD  1 
ATOM   784 N NE  . ARG A 1 105 ? -2.789  23.207  -9.219  1.00 23.15 ? 104  ARG A NE  1 
ATOM   785 C CZ  . ARG A 1 105 ? -3.682  22.702  -10.070 1.00 24.59 ? 104  ARG A CZ  1 
ATOM   786 N NH1 . ARG A 1 105 ? -3.363  21.683  -10.861 1.00 23.39 ? 104  ARG A NH1 1 
ATOM   787 N NH2 . ARG A 1 105 ? -4.895  23.226  -10.138 1.00 25.12 ? 104  ARG A NH2 1 
ATOM   788 N N   . LEU A 1 106 ? -2.690  18.675  -6.338  1.00 11.24 ? 105  LEU A N   1 
ATOM   789 C CA  . LEU A 1 106 ? -3.675  17.619  -6.639  1.00 10.46 ? 105  LEU A CA  1 
ATOM   790 C C   . LEU A 1 106 ? -3.915  16.684  -5.446  1.00 10.08 ? 105  LEU A C   1 
ATOM   791 O O   . LEU A 1 106 ? -4.496  15.605  -5.596  1.00 10.16 ? 105  LEU A O   1 
ATOM   792 C CB  . LEU A 1 106 ? -3.267  16.811  -7.879  1.00 10.86 ? 105  LEU A CB  1 
ATOM   793 C CG  . LEU A 1 106 ? -3.135  17.608  -9.188  1.00 11.24 ? 105  LEU A CG  1 
ATOM   794 C CD1 . LEU A 1 106 ? -2.784  16.715  -10.357 1.00 14.41 ? 105  LEU A CD1 1 
ATOM   795 C CD2 . LEU A 1 106 ? -4.413  18.395  -9.447  1.00 11.53 ? 105  LEU A CD2 1 
ATOM   796 N N   . TRP A 1 107 ? -3.477  17.116  -4.263  1.00 9.77  ? 106  TRP A N   1 
ATOM   797 C CA  . TRP A 1 107 ? -3.613  16.328  -3.057  1.00 9.32  ? 106  TRP A CA  1 
ATOM   798 C C   . TRP A 1 107 ? -4.366  17.153  -2.015  1.00 9.81  ? 106  TRP A C   1 
ATOM   799 O O   . TRP A 1 107 ? -3.805  18.068  -1.403  1.00 10.14 ? 106  TRP A O   1 
ATOM   800 C CB  . TRP A 1 107 ? -2.235  15.897  -2.526  1.00 9.02  ? 106  TRP A CB  1 
ATOM   801 C CG  . TRP A 1 107 ? -2.313  14.767  -1.511  1.00 9.09  ? 106  TRP A CG  1 
ATOM   802 C CD1 . TRP A 1 107 ? -3.059  14.735  -0.359  1.00 8.59  ? 106  TRP A CD1 1 
ATOM   803 C CD2 . TRP A 1 107 ? -1.651  13.504  -1.594  1.00 8.36  ? 106  TRP A CD2 1 
ATOM   804 N NE1 . TRP A 1 107 ? -2.893  13.527  0.279   1.00 8.68  ? 106  TRP A NE1 1 
ATOM   805 C CE2 . TRP A 1 107 ? -2.032  12.754  -0.455  1.00 8.93  ? 106  TRP A CE2 1 
ATOM   806 C CE3 . TRP A 1 107 ? -0.785  12.925  -2.526  1.00 8.11  ? 106  TRP A CE3 1 
ATOM   807 C CZ2 . TRP A 1 107 ? -1.554  11.462  -0.209  1.00 10.03 ? 106  TRP A CZ2 1 
ATOM   808 C CZ3 . TRP A 1 107 ? -0.301  11.640  -2.287  1.00 10.32 ? 106  TRP A CZ3 1 
ATOM   809 C CH2 . TRP A 1 107 ? -0.699  10.917  -1.134  1.00 9.87  ? 106  TRP A CH2 1 
ATOM   810 N N   . GLY A 1 108 ? -5.630  16.805  -1.804  1.00 9.30  ? 107  GLY A N   1 
ATOM   811 C CA  . GLY A 1 108 ? -6.458  17.515  -0.835  1.00 9.53  ? 107  GLY A CA  1 
ATOM   812 C C   . GLY A 1 108 ? -6.308  16.990  0.570   1.00 10.46 ? 107  GLY A C   1 
ATOM   813 O O   . GLY A 1 108 ? -6.124  15.794  0.784   1.00 10.11 ? 107  GLY A O   1 
ATOM   814 N N   . TRP A 1 109 ? -6.359  17.900  1.541   1.00 10.19 ? 108  TRP A N   1 
ATOM   815 C CA  . TRP A 1 109 ? -6.275  17.523  2.943   1.00 11.06 ? 108  TRP A CA  1 
ATOM   816 C C   . TRP A 1 109 ? -6.794  18.708  3.752   1.00 11.74 ? 108  TRP A C   1 
ATOM   817 O O   . TRP A 1 109 ? -6.490  19.852  3.428   1.00 11.54 ? 108  TRP A O   1 
ATOM   818 C CB  . TRP A 1 109 ? -4.831  17.191  3.335   1.00 11.26 ? 108  TRP A CB  1 
ATOM   819 C CG  . TRP A 1 109 ? -4.662  17.010  4.807   1.00 11.62 ? 108  TRP A CG  1 
ATOM   820 C CD1 . TRP A 1 109 ? -5.268  16.071  5.576   1.00 12.14 ? 108  TRP A CD1 1 
ATOM   821 C CD2 . TRP A 1 109 ? -3.860  17.802  5.688   1.00 13.03 ? 108  TRP A CD2 1 
ATOM   822 N NE1 . TRP A 1 109 ? -4.888  16.213  6.887   1.00 12.96 ? 108  TRP A NE1 1 
ATOM   823 C CE2 . TRP A 1 109 ? -4.019  17.269  6.985   1.00 13.53 ? 108  TRP A CE2 1 
ATOM   824 C CE3 . TRP A 1 109 ? -3.019  18.909  5.509   1.00 15.24 ? 108  TRP A CE3 1 
ATOM   825 C CZ2 . TRP A 1 109 ? -3.367  17.806  8.113   1.00 15.36 ? 108  TRP A CZ2 1 
ATOM   826 C CZ3 . TRP A 1 109 ? -2.363  19.443  6.628   1.00 17.50 ? 108  TRP A CZ3 1 
ATOM   827 C CH2 . TRP A 1 109 ? -2.550  18.890  7.914   1.00 16.24 ? 108  TRP A CH2 1 
ATOM   828 N N   . ASN A 1 110 ? -7.621  18.430  4.761   1.00 12.73 ? 109  ASN A N   1 
ATOM   829 C CA  . ASN A 1 110 ? -8.041  19.471  5.713   1.00 13.21 ? 109  ASN A CA  1 
ATOM   830 C C   . ASN A 1 110 ? -8.703  20.707  5.060   1.00 13.62 ? 109  ASN A C   1 
ATOM   831 O O   . ASN A 1 110 ? -8.395  21.861  5.402   1.00 14.28 ? 109  ASN A O   1 
ATOM   832 C CB  . ASN A 1 110 ? -6.840  19.879  6.584   1.00 13.87 ? 109  ASN A CB  1 
ATOM   833 C CG  . ASN A 1 110 ? -7.251  20.636  7.843   1.00 15.83 ? 109  ASN A CG  1 
ATOM   834 O OD1 . ASN A 1 110 ? -8.362  20.467  8.361   1.00 18.57 ? 109  ASN A OD1 1 
ATOM   835 N ND2 . ASN A 1 110 ? -6.340  21.468  8.348   1.00 20.99 ? 109  ASN A ND2 1 
ATOM   836 N N   . GLY A 1 111 ? -9.584  20.464  4.089   1.00 13.52 ? 110  GLY A N   1 
ATOM   837 C CA  . GLY A 1 111 ? -10.306 21.538  3.417   1.00 14.18 ? 110  GLY A CA  1 
ATOM   838 C C   . GLY A 1 111 ? -9.540  22.368  2.396   1.00 13.55 ? 110  GLY A C   1 
ATOM   839 O O   . GLY A 1 111 ? -10.099 23.309  1.816   1.00 14.17 ? 110  GLY A O   1 
ATOM   840 N N   . SER A 1 112 ? -8.268  22.032  2.170   1.00 13.55 ? 111  SER A N   1 
ATOM   841 C CA  . SER A 1 112 ? -7.431  22.710  1.181   1.00 13.65 ? 111  SER A CA  1 
ATOM   842 C C   . SER A 1 112 ? -6.603  21.657  0.426   1.00 13.80 ? 111  SER A C   1 
ATOM   843 O O   . SER A 1 112 ? -7.018  20.500  0.326   1.00 13.82 ? 111  SER A O   1 
ATOM   844 C CB  . SER A 1 112 ? -6.524  23.738  1.865   1.00 14.16 ? 111  SER A CB  1 
ATOM   845 O OG  . SER A 1 112 ? -5.923  24.600  0.928   1.00 15.62 ? 111  SER A OG  1 
ATOM   846 N N   . THR A 1 113 ? -5.463  22.063  -0.134  1.00 13.72 ? 112  THR A N   1 
ATOM   847 C CA  . THR A 1 113 ? -4.510  21.115  -0.742  1.00 14.17 ? 112  THR A CA  1 
ATOM   848 C C   . THR A 1 113 ? -3.112  21.386  -0.203  1.00 14.79 ? 112  THR A C   1 
ATOM   849 O O   . THR A 1 113 ? -2.888  22.407  0.446   1.00 14.96 ? 112  THR A O   1 
ATOM   850 C CB  . THR A 1 113 ? -4.422  21.258  -2.275  1.00 14.55 ? 112  THR A CB  1 
ATOM   851 O OG1 . THR A 1 113 ? -3.802  22.511  -2.596  1.00 14.75 ? 112  THR A OG1 1 
ATOM   852 C CG2 . THR A 1 113 ? -5.800  21.202  -2.948  1.00 14.39 ? 112  THR A CG2 1 
ATOM   853 N N   . PHE A 1 114 ? -2.164  20.495  -0.513  1.00 14.64 ? 113  PHE A N   1 
ATOM   854 C CA  . PHE A 1 114 ? -0.774  20.673  -0.079  1.00 15.75 ? 113  PHE A CA  1 
ATOM   855 C C   . PHE A 1 114 ? 0.000   21.676  -0.946  1.00 16.64 ? 113  PHE A C   1 
ATOM   856 O O   . PHE A 1 114 ? 1.163   21.983  -0.659  1.00 17.32 ? 113  PHE A O   1 
ATOM   857 C CB  . PHE A 1 114 ? -0.034  19.324  -0.052  1.00 15.43 ? 113  PHE A CB  1 
ATOM   858 C CG  . PHE A 1 114 ? -0.316  18.492  1.173   1.00 15.27 ? 113  PHE A CG  1 
ATOM   859 C CD1 . PHE A 1 114 ? -1.204  17.424  1.119   1.00 15.05 ? 113  PHE A CD1 1 
ATOM   860 C CD2 . PHE A 1 114 ? 0.339   18.761  2.382   1.00 13.68 ? 113  PHE A CD2 1 
ATOM   861 C CE1 . PHE A 1 114 ? -1.450  16.648  2.244   1.00 17.14 ? 113  PHE A CE1 1 
ATOM   862 C CE2 . PHE A 1 114 ? 0.092   17.996  3.518   1.00 15.15 ? 113  PHE A CE2 1 
ATOM   863 C CZ  . PHE A 1 114 ? -0.805  16.936  3.454   1.00 16.21 ? 113  PHE A CZ  1 
ATOM   864 N N   . GLY A 1 115 ? -0.628  22.165  -2.013  1.00 17.57 ? 114  GLY A N   1 
ATOM   865 C CA  . GLY A 1 115 ? 0.025   23.107  -2.938  1.00 18.59 ? 114  GLY A CA  1 
ATOM   866 C C   . GLY A 1 115 ? -0.174  24.569  -2.560  1.00 19.68 ? 114  GLY A C   1 
ATOM   867 O O   . GLY A 1 115 ? -0.482  24.886  -1.402  1.00 20.78 ? 114  GLY A O   1 
HETATM 868 C C1  . PEG B 2 .   ? 4.249   15.896  3.474   1.00 27.75 ? 1115 PEG A C1  1 
HETATM 869 O O1  . PEG B 2 .   ? 5.423   15.942  2.647   1.00 30.56 ? 1115 PEG A O1  1 
HETATM 870 C C2  . PEG B 2 .   ? 2.999   15.870  2.600   1.00 25.11 ? 1115 PEG A C2  1 
HETATM 871 O O2  . PEG B 2 .   ? 2.971   14.700  1.768   1.00 20.68 ? 1115 PEG A O2  1 
HETATM 872 C C3  . PEG B 2 .   ? 1.766   13.974  1.991   1.00 20.06 ? 1115 PEG A C3  1 
HETATM 873 C C4  . PEG B 2 .   ? 1.453   13.161  0.748   1.00 19.28 ? 1115 PEG A C4  1 
HETATM 874 O O4  . PEG B 2 .   ? 2.505   12.219  0.563   1.00 17.92 ? 1115 PEG A O4  1 
HETATM 875 O O   . HOH C 3 .   ? -9.807  2.371   -5.830  0.33 19.20 ? 2001 HOH A O   1 
HETATM 876 O O   . HOH C 3 .   ? -10.889 1.026   -4.212  0.33 33.69 ? 2002 HOH A O   1 
HETATM 877 O O   . HOH C 3 .   ? -6.136  -0.712  -3.922  1.00 24.15 ? 2003 HOH A O   1 
HETATM 878 O O   . HOH C 3 .   ? -13.593 -13.686 1.925   1.00 32.51 ? 2004 HOH A O   1 
HETATM 879 O O   . HOH C 3 .   ? -8.115  -0.311  -5.677  1.00 44.49 ? 2005 HOH A O   1 
HETATM 880 O O   . HOH C 3 .   ? -12.712 -4.678  13.629  1.00 37.27 ? 2006 HOH A O   1 
HETATM 881 O O   . HOH C 3 .   ? -7.553  -17.115 13.499  1.00 34.23 ? 2007 HOH A O   1 
HETATM 882 O O   . HOH C 3 .   ? -8.050  -15.754 -2.996  1.00 21.05 ? 2008 HOH A O   1 
HETATM 883 O O   . HOH C 3 .   ? -11.867 -13.103 -3.033  1.00 29.06 ? 2009 HOH A O   1 
HETATM 884 O O   . HOH C 3 .   ? -11.783 -14.839 0.248   1.00 24.79 ? 2010 HOH A O   1 
HETATM 885 O O   . HOH C 3 .   ? -6.992  -14.249 5.086   1.00 18.37 ? 2011 HOH A O   1 
HETATM 886 O O   . HOH C 3 .   ? 10.874  3.601   11.701  1.00 25.34 ? 2012 HOH A O   1 
HETATM 887 O O   . HOH C 3 .   ? 9.877   7.681   10.658  1.00 36.21 ? 2013 HOH A O   1 
HETATM 888 O O   . HOH C 3 .   ? -13.613 -11.519 4.235   1.00 25.82 ? 2014 HOH A O   1 
HETATM 889 O O   . HOH C 3 .   ? -12.382 -13.506 7.857   1.00 31.80 ? 2015 HOH A O   1 
HETATM 890 O O   . HOH C 3 .   ? -9.273  -7.388  7.067   1.00 23.88 ? 2016 HOH A O   1 
HETATM 891 O O   . HOH C 3 .   ? -10.606 -6.482  9.138   1.00 37.85 ? 2017 HOH A O   1 
HETATM 892 O O   . HOH C 3 .   ? 14.820  8.902   5.109   1.00 31.70 ? 2018 HOH A O   1 
HETATM 893 O O   . HOH C 3 .   ? 14.991  7.834   9.305   1.00 28.76 ? 2019 HOH A O   1 
HETATM 894 O O   . HOH C 3 .   ? -7.733  -5.314  13.411  1.00 20.30 ? 2020 HOH A O   1 
HETATM 895 O O   . HOH C 3 .   ? -7.949  -13.533 11.439  1.00 29.48 ? 2021 HOH A O   1 
HETATM 896 O O   . HOH C 3 .   ? -0.776  -9.634  14.492  1.00 33.74 ? 2022 HOH A O   1 
HETATM 897 O O   . HOH C 3 .   ? 4.729   2.926   14.965  1.00 35.48 ? 2023 HOH A O   1 
HETATM 898 O O   . HOH C 3 .   ? 5.329   9.540   -14.963 1.00 28.00 ? 2024 HOH A O   1 
HETATM 899 O O   . HOH C 3 .   ? -6.878  -0.957  16.758  1.00 37.46 ? 2025 HOH A O   1 
HETATM 900 O O   . HOH C 3 .   ? -10.103 -4.159  11.785  1.00 38.11 ? 2026 HOH A O   1 
HETATM 901 O O   . HOH C 3 .   ? -6.497  -4.554  15.751  1.00 40.23 ? 2027 HOH A O   1 
HETATM 902 O O   . HOH C 3 .   ? -12.991 -5.640  5.764   1.00 25.26 ? 2028 HOH A O   1 
HETATM 903 O O   . HOH C 3 .   ? -2.108  -3.102  17.298  1.00 35.89 ? 2029 HOH A O   1 
HETATM 904 O O   . HOH C 3 .   ? 0.343   -6.025  17.829  1.00 36.43 ? 2030 HOH A O   1 
HETATM 905 O O   . HOH C 3 .   ? -4.444  -6.181  16.039  1.00 19.81 ? 2031 HOH A O   1 
HETATM 906 O O   . HOH C 3 .   ? -18.587 -11.891 -2.848  1.00 32.81 ? 2032 HOH A O   1 
HETATM 907 O O   . HOH C 3 .   ? 4.977   -8.161  9.816   1.00 23.75 ? 2033 HOH A O   1 
HETATM 908 O O   . HOH C 3 .   ? 1.648   -6.955  11.295  1.00 31.38 ? 2034 HOH A O   1 
HETATM 909 O O   . HOH C 3 .   ? 7.702   -4.444  12.657  1.00 44.31 ? 2035 HOH A O   1 
HETATM 910 O O   . HOH C 3 .   ? -1.160  5.620   9.139   1.00 12.41 ? 2036 HOH A O   1 
HETATM 911 O O   . HOH C 3 .   ? 8.567   5.498   10.853  1.00 32.33 ? 2037 HOH A O   1 
HETATM 912 O O   . HOH C 3 .   ? 4.475   -0.949  14.370  1.00 41.19 ? 2038 HOH A O   1 
HETATM 913 O O   . HOH C 3 .   ? 11.173  1.225   6.385   1.00 21.14 ? 2039 HOH A O   1 
HETATM 914 O O   . HOH C 3 .   ? 10.231  -4.319  6.616   1.00 39.94 ? 2040 HOH A O   1 
HETATM 915 O O   . HOH C 3 .   ? 14.963  9.344   -2.816  1.00 34.96 ? 2041 HOH A O   1 
HETATM 916 O O   . HOH C 3 .   ? 16.878  1.457   -9.375  1.00 46.01 ? 2042 HOH A O   1 
HETATM 917 O O   . HOH C 3 .   ? 16.440  9.539   -4.960  1.00 32.95 ? 2043 HOH A O   1 
HETATM 918 O O   . HOH C 3 .   ? 13.337  8.316   7.175   1.00 30.23 ? 2044 HOH A O   1 
HETATM 919 O O   . HOH C 3 .   ? 18.013  -1.639  -10.955 1.00 46.37 ? 2045 HOH A O   1 
HETATM 920 O O   . HOH C 3 .   ? 14.687  6.731   2.788   1.00 23.76 ? 2046 HOH A O   1 
HETATM 921 O O   . HOH C 3 .   ? 12.196  11.275  0.713   1.00 28.35 ? 2047 HOH A O   1 
HETATM 922 O O   . HOH C 3 .   ? 2.306   2.848   13.236  1.00 23.01 ? 2048 HOH A O   1 
HETATM 923 O O   . HOH C 3 .   ? 7.165   9.816   11.889  1.00 22.33 ? 2049 HOH A O   1 
HETATM 924 O O   . HOH C 3 .   ? 2.117   10.391  13.755  1.00 31.84 ? 2050 HOH A O   1 
HETATM 925 O O   . HOH C 3 .   ? -2.829  19.302  11.380  1.00 37.75 ? 2051 HOH A O   1 
HETATM 926 O O   . HOH C 3 .   ? 4.472   12.079  12.583  1.00 24.41 ? 2052 HOH A O   1 
HETATM 927 O O   . HOH C 3 .   ? 2.632   8.664   -13.474 1.00 26.75 ? 2053 HOH A O   1 
HETATM 928 O O   . HOH C 3 .   ? 5.734   10.261  -12.189 1.00 34.72 ? 2054 HOH A O   1 
HETATM 929 O O   . HOH C 3 .   ? 1.397   10.946  -13.235 1.00 36.33 ? 2055 HOH A O   1 
HETATM 930 O O   . HOH C 3 .   ? 2.733   15.207  -12.825 1.00 35.34 ? 2056 HOH A O   1 
HETATM 931 O O   . HOH C 3 .   ? 4.876   16.187  -9.368  1.00 34.04 ? 2057 HOH A O   1 
HETATM 932 O O   . HOH C 3 .   ? -8.255  -0.577  0.290   1.00 12.79 ? 2058 HOH A O   1 
HETATM 933 O O   . HOH C 3 .   ? -10.310 -5.815  5.101   1.00 15.88 ? 2059 HOH A O   1 
HETATM 934 O O   . HOH C 3 .   ? -8.812  -0.244  -2.399  1.00 29.54 ? 2060 HOH A O   1 
HETATM 935 O O   . HOH C 3 .   ? -13.241 -7.454  3.953   1.00 38.07 ? 2061 HOH A O   1 
HETATM 936 O O   . HOH C 3 .   ? -15.501 -12.813 -1.859  1.00 32.84 ? 2062 HOH A O   1 
HETATM 937 O O   . HOH C 3 .   ? -11.367 -14.324 -6.122  1.00 20.57 ? 2063 HOH A O   1 
HETATM 938 O O   . HOH C 3 .   ? -9.365  -18.870 -16.570 1.00 29.80 ? 2064 HOH A O   1 
HETATM 939 O O   . HOH C 3 .   ? -1.268  -19.570 -9.295  1.00 33.30 ? 2065 HOH A O   1 
HETATM 940 O O   . HOH C 3 .   ? -8.298  -21.027 -9.193  1.00 32.36 ? 2066 HOH A O   1 
HETATM 941 O O   . HOH C 3 .   ? -10.668 -20.027 -10.344 1.00 34.45 ? 2067 HOH A O   1 
HETATM 942 O O   . HOH C 3 .   ? -7.998  -21.640 -6.758  1.00 20.94 ? 2068 HOH A O   1 
HETATM 943 O O   . HOH C 3 .   ? -1.566  -17.487 -4.209  1.00 32.28 ? 2069 HOH A O   1 
HETATM 944 O O   . HOH C 3 .   ? -7.616  1.996   -7.071  1.00 27.04 ? 2070 HOH A O   1 
HETATM 945 O O   . HOH C 3 .   ? -4.846  2.587   -8.466  1.00 28.04 ? 2071 HOH A O   1 
HETATM 946 O O   . HOH C 3 .   ? -1.462  5.141   -7.110  1.00 19.18 ? 2072 HOH A O   1 
HETATM 947 O O   . HOH C 3 .   ? 12.630  9.984   -3.905  1.00 19.48 ? 2073 HOH A O   1 
HETATM 948 O O   . HOH C 3 .   ? 10.846  13.857  -4.661  1.00 20.94 ? 2074 HOH A O   1 
HETATM 949 O O   . HOH C 3 .   ? 14.782  13.501  -5.099  1.00 33.55 ? 2075 HOH A O   1 
HETATM 950 O O   . HOH C 3 .   ? 16.619  3.745   -10.712 1.00 38.84 ? 2076 HOH A O   1 
HETATM 951 O O   . HOH C 3 .   ? 17.168  6.846   -5.382  1.00 34.22 ? 2077 HOH A O   1 
HETATM 952 O O   . HOH C 3 .   ? 16.133  6.660   -2.742  1.00 38.30 ? 2078 HOH A O   1 
HETATM 953 O O   . HOH C 3 .   ? 12.582  2.175   -8.733  1.00 19.01 ? 2079 HOH A O   1 
HETATM 954 O O   . HOH C 3 .   ? 16.429  -2.757  -12.586 1.00 38.17 ? 2080 HOH A O   1 
HETATM 955 O O   . HOH C 3 .   ? 18.543  -2.852  -8.565  1.00 35.85 ? 2081 HOH A O   1 
HETATM 956 O O   . HOH C 3 .   ? 12.721  -2.109  0.799   1.00 23.77 ? 2082 HOH A O   1 
HETATM 957 O O   . HOH C 3 .   ? 15.586  5.175   -0.508  1.00 27.85 ? 2083 HOH A O   1 
HETATM 958 O O   . HOH C 3 .   ? 9.881   -8.441  -0.959  1.00 27.74 ? 2084 HOH A O   1 
HETATM 959 O O   . HOH C 3 .   ? 10.991  -7.442  2.516   1.00 48.35 ? 2085 HOH A O   1 
HETATM 960 O O   . HOH C 3 .   ? 8.639   -6.237  4.351   1.00 28.21 ? 2086 HOH A O   1 
HETATM 961 O O   . HOH C 3 .   ? 9.434   -13.447 -2.772  1.00 42.93 ? 2087 HOH A O   1 
HETATM 962 O O   . HOH C 3 .   ? 8.600   -11.011 -0.335  1.00 36.69 ? 2088 HOH A O   1 
HETATM 963 O O   . HOH C 3 .   ? -3.135  -11.418 8.994   1.00 29.83 ? 2089 HOH A O   1 
HETATM 964 O O   . HOH C 3 .   ? -4.684  -15.209 4.112   1.00 36.45 ? 2090 HOH A O   1 
HETATM 965 O O   . HOH C 3 .   ? -0.566  -15.549 6.705   1.00 37.15 ? 2091 HOH A O   1 
HETATM 966 O O   . HOH C 3 .   ? 2.938   -14.786 -11.139 1.00 17.45 ? 2092 HOH A O   1 
HETATM 967 O O   . HOH C 3 .   ? 1.929   -17.754 -7.415  1.00 22.17 ? 2093 HOH A O   1 
HETATM 968 O O   . HOH C 3 .   ? 4.909   -16.312 -11.092 1.00 40.92 ? 2094 HOH A O   1 
HETATM 969 O O   . HOH C 3 .   ? 6.261   -15.058 -5.115  1.00 21.28 ? 2095 HOH A O   1 
HETATM 970 O O   . HOH C 3 .   ? 7.774   -16.517 -8.888  1.00 32.87 ? 2096 HOH A O   1 
HETATM 971 O O   . HOH C 3 .   ? 0.193   -17.206 -10.070 1.00 25.15 ? 2097 HOH A O   1 
HETATM 972 O O   . HOH C 3 .   ? -2.323  4.060   -9.105  1.00 23.13 ? 2098 HOH A O   1 
HETATM 973 O O   . HOH C 3 .   ? 1.340   6.922   -12.201 1.00 28.36 ? 2099 HOH A O   1 
HETATM 974 O O   . HOH C 3 .   ? -4.980  8.856   -10.317 1.00 23.43 ? 2100 HOH A O   1 
HETATM 975 O O   . HOH C 3 .   ? -4.281  11.422  -7.532  1.00 16.22 ? 2101 HOH A O   1 
HETATM 976 O O   . HOH C 3 .   ? 9.160   11.207  -6.830  1.00 16.62 ? 2102 HOH A O   1 
HETATM 977 O O   . HOH C 3 .   ? 4.630   15.599  -6.790  1.00 20.31 ? 2103 HOH A O   1 
HETATM 978 O O   . HOH C 3 .   ? 7.644   11.407  -10.761 1.00 36.73 ? 2104 HOH A O   1 
HETATM 979 O O   . HOH C 3 .   ? 3.979   14.247  -10.676 1.00 33.17 ? 2105 HOH A O   1 
HETATM 980 O O   . HOH C 3 .   ? 3.672   9.610   -11.130 1.00 21.97 ? 2106 HOH A O   1 
HETATM 981 O O   . HOH C 3 .   ? -5.049  21.304  -13.059 1.00 22.16 ? 2107 HOH A O   1 
HETATM 982 O O   . HOH C 3 .   ? -7.031  23.560  -9.218  1.00 25.79 ? 2108 HOH A O   1 
HETATM 983 O O   . HOH C 3 .   ? -0.836  20.185  -10.978 1.00 33.88 ? 2109 HOH A O   1 
HETATM 984 O O   . HOH C 3 .   ? 1.689   21.477  -6.825  1.00 16.27 ? 2110 HOH A O   1 
HETATM 985 O O   . HOH C 3 .   ? -6.810  22.963  11.004  1.00 44.86 ? 2111 HOH A O   1 
HETATM 986 O O   . HOH C 3 .   ? -4.441  22.638  5.565   1.00 40.22 ? 2112 HOH A O   1 
HETATM 987 O O   . HOH C 3 .   ? -9.753  25.841  1.137   1.00 29.35 ? 2113 HOH A O   1 
HETATM 988 O O   . HOH C 3 .   ? 0.921   27.419  -3.532  1.00 42.88 ? 2114 HOH A O   1 
# 
loop_
_pdbx_poly_seq_scheme.asym_id 
_pdbx_poly_seq_scheme.entity_id 
_pdbx_poly_seq_scheme.seq_id 
_pdbx_poly_seq_scheme.mon_id 
_pdbx_poly_seq_scheme.ndb_seq_num 
_pdbx_poly_seq_scheme.pdb_seq_num 
_pdbx_poly_seq_scheme.auth_seq_num 
_pdbx_poly_seq_scheme.pdb_mon_id 
_pdbx_poly_seq_scheme.auth_mon_id 
_pdbx_poly_seq_scheme.pdb_strand_id 
_pdbx_poly_seq_scheme.pdb_ins_code 
_pdbx_poly_seq_scheme.hetero 
A 1 1   MET 1   0   ?   ?   ?   A . n 
A 1 2   PRO 2   1   1   PRO PRO A . n 
A 1 3   LEU 3   2   2   LEU LEU A . n 
A 1 4   ILE 4   3   3   ILE ILE A . n 
A 1 5   ASN 5   4   4   ASN ASN A . n 
A 1 6   ILE 6   5   5   ILE ILE A . n 
A 1 7   GLN 7   6   6   GLN GLN A . n 
A 1 8   ALA 8   7   7   ALA ALA A . n 
A 1 9   SER 9   8   8   SER SER A . n 
A 1 10  VAL 10  9   9   VAL VAL A . n 
A 1 11  PRO 11  10  10  PRO PRO A . n 
A 1 12  ALA 12  11  11  ALA ALA A . n 
A 1 13  VAL 13  12  12  VAL VAL A . n 
A 1 14  ALA 14  13  13  ALA ALA A . n 
A 1 15  ASP 15  14  14  ASP ASP A . n 
A 1 16  ALA 16  15  15  ALA ALA A . n 
A 1 17  ASN 17  16  16  ASN ASN A . n 
A 1 18  SER 18  17  17  SER SER A . n 
A 1 19  LEU 19  18  18  LEU LEU A . n 
A 1 20  LEU 20  19  19  LEU LEU A . n 
A 1 21  GLN 21  20  20  GLN GLN A . n 
A 1 22  GLU 22  21  21  GLU GLU A . n 
A 1 23  LEU 23  22  22  LEU LEU A . n 
A 1 24  SER 24  23  23  SER SER A . n 
A 1 25  SER 25  24  24  SER SER A . n 
A 1 26  LYS 26  25  25  LYS LYS A . n 
A 1 27  LEU 27  26  26  LEU LEU A . n 
A 1 28  ALA 28  27  27  ALA ALA A . n 
A 1 29  GLU 29  28  28  GLU GLU A . n 
A 1 30  LEU 30  29  29  LEU LEU A . n 
A 1 31  LEU 31  30  30  LEU LEU A . n 
A 1 32  GLY 32  31  31  GLY GLY A . n 
A 1 33  LYS 33  32  32  LYS LYS A . n 
A 1 34  PRO 34  33  33  PRO PRO A . n 
A 1 35  GLU 35  34  34  GLU GLU A . n 
A 1 36  LYS 36  35  35  LYS LYS A . n 
A 1 37  TYR 37  36  36  TYR TYR A . n 
A 1 38  VAL 38  37  37  VAL VAL A . n 
A 1 39  MET 39  38  38  MET MET A . n 
A 1 40  THR 40  39  39  THR THR A . n 
A 1 41  SER 41  40  40  SER SER A . n 
A 1 42  LEU 42  41  41  LEU LEU A . n 
A 1 43  GLN 43  42  42  GLN GLN A . n 
A 1 44  CYS 44  43  43  CYS CYS A . n 
A 1 45  GLY 45  44  44  GLY GLY A . n 
A 1 46  VAL 46  45  45  VAL VAL A . n 
A 1 47  PRO 47  46  46  PRO PRO A . n 
A 1 48  MET 48  47  47  MET MET A . n 
A 1 49  THR 49  48  48  THR THR A . n 
A 1 50  PHE 50  49  49  PHE PHE A . n 
A 1 51  SER 51  50  50  SER SER A . n 
A 1 52  GLY 52  51  51  GLY GLY A . n 
A 1 53  ASN 53  52  52  ASN ASN A . n 
A 1 54  THR 54  53  53  THR THR A . n 
A 1 55  GLU 55  54  54  GLU GLU A . n 
A 1 56  PRO 56  55  55  PRO PRO A . n 
A 1 57  THR 57  56  56  THR THR A . n 
A 1 58  CYS 58  57  57  CYS CYS A . n 
A 1 59  TYR 59  58  58  TYR TYR A . n 
A 1 60  VAL 60  59  59  VAL VAL A . n 
A 1 61  GLU 61  60  60  GLU GLU A . n 
A 1 62  VAL 62  61  61  VAL VAL A . n 
A 1 63  LYS 63  62  62  LYS LYS A . n 
A 1 64  SER 64  63  63  SER SER A . n 
A 1 65  ILE 65  64  64  ILE ILE A . n 
A 1 66  GLY 66  65  65  GLY GLY A . n 
A 1 67  ALA 67  66  66  ALA ALA A . n 
A 1 68  LEU 68  67  67  LEU LEU A . n 
A 1 69  ASP 69  68  68  ASP ASP A . n 
A 1 70  GLY 70  69  69  GLY GLY A . n 
A 1 71  SER 71  70  70  SER SER A . n 
A 1 72  ARG 72  71  71  ARG ARG A . n 
A 1 73  THR 73  72  72  THR THR A . n 
A 1 74  GLN 74  73  73  GLN GLN A . n 
A 1 75  GLU 75  74  74  GLU GLU A . n 
A 1 76  VAL 76  75  75  VAL VAL A . n 
A 1 77  SER 77  76  76  SER SER A . n 
A 1 78  GLU 78  77  77  GLU GLU A . n 
A 1 79  LEU 79  78  78  LEU LEU A . n 
A 1 80  VAL 80  79  79  VAL VAL A . n 
A 1 81  CYS 81  80  80  CYS CYS A . n 
A 1 82  GLY 82  81  81  GLY GLY A . n 
A 1 83  HIS 83  82  82  HIS HIS A . n 
A 1 84  ILE 84  83  83  ILE ILE A . n 
A 1 85  GLU 85  84  84  GLU GLU A . n 
A 1 86  GLN 86  85  85  GLN GLN A . n 
A 1 87  ASN 87  86  86  ASN ASN A . n 
A 1 88  LEU 88  87  87  LEU LEU A . n 
A 1 89  GLY 89  88  88  GLY GLY A . n 
A 1 90  ILE 90  89  89  ILE ILE A . n 
A 1 91  PRO 91  90  90  PRO PRO A . n 
A 1 92  ALA 92  91  91  ALA ALA A . n 
A 1 93  ASP 93  92  92  ASP ASP A . n 
A 1 94  ARG 94  93  93  ARG ARG A . n 
A 1 95  ILE 95  94  94  ILE ILE A . n 
A 1 96  TYR 96  95  95  TYR TYR A . n 
A 1 97  ILE 97  96  96  ILE ILE A . n 
A 1 98  GLY 98  97  97  GLY GLY A . n 
A 1 99  PHE 99  98  98  PHE PHE A . n 
A 1 100 GLU 100 99  99  GLU GLU A . n 
A 1 101 ASP 101 100 100 ASP ASP A . n 
A 1 102 VAL 102 101 101 VAL VAL A . n 
A 1 103 PRO 103 102 102 PRO PRO A . n 
A 1 104 ALA 104 103 103 ALA ALA A . n 
A 1 105 ARG 105 104 104 ARG ARG A . n 
A 1 106 LEU 106 105 105 LEU LEU A . n 
A 1 107 TRP 107 106 106 TRP TRP A . n 
A 1 108 GLY 108 107 107 GLY GLY A . n 
A 1 109 TRP 109 108 108 TRP TRP A . n 
A 1 110 ASN 110 109 109 ASN ASN A . n 
A 1 111 GLY 111 110 110 GLY GLY A . n 
A 1 112 SER 112 111 111 SER SER A . n 
A 1 113 THR 113 112 112 THR THR A . n 
A 1 114 PHE 114 113 113 PHE PHE A . n 
A 1 115 GLY 115 114 114 GLY GLY A . n 
# 
loop_
_pdbx_nonpoly_scheme.asym_id 
_pdbx_nonpoly_scheme.entity_id 
_pdbx_nonpoly_scheme.mon_id 
_pdbx_nonpoly_scheme.ndb_seq_num 
_pdbx_nonpoly_scheme.pdb_seq_num 
_pdbx_nonpoly_scheme.auth_seq_num 
_pdbx_nonpoly_scheme.pdb_mon_id 
_pdbx_nonpoly_scheme.auth_mon_id 
_pdbx_nonpoly_scheme.pdb_strand_id 
_pdbx_nonpoly_scheme.pdb_ins_code 
B 2 PEG 1   1115 1115 PEG PEG A . 
C 3 HOH 1   2001 2001 HOH HOH A . 
C 3 HOH 2   2002 2002 HOH HOH A . 
C 3 HOH 3   2003 2003 HOH HOH A . 
C 3 HOH 4   2004 2004 HOH HOH A . 
C 3 HOH 5   2005 2005 HOH HOH A . 
C 3 HOH 6   2006 2006 HOH HOH A . 
C 3 HOH 7   2007 2007 HOH HOH A . 
C 3 HOH 8   2008 2008 HOH HOH A . 
C 3 HOH 9   2009 2009 HOH HOH A . 
C 3 HOH 10  2010 2010 HOH HOH A . 
C 3 HOH 11  2011 2011 HOH HOH A . 
C 3 HOH 12  2012 2012 HOH HOH A . 
C 3 HOH 13  2013 2013 HOH HOH A . 
C 3 HOH 14  2014 2014 HOH HOH A . 
C 3 HOH 15  2015 2015 HOH HOH A . 
C 3 HOH 16  2016 2016 HOH HOH A . 
C 3 HOH 17  2017 2017 HOH HOH A . 
C 3 HOH 18  2018 2018 HOH HOH A . 
C 3 HOH 19  2019 2019 HOH HOH A . 
C 3 HOH 20  2020 2020 HOH HOH A . 
C 3 HOH 21  2021 2021 HOH HOH A . 
C 3 HOH 22  2022 2022 HOH HOH A . 
C 3 HOH 23  2023 2023 HOH HOH A . 
C 3 HOH 24  2024 2024 HOH HOH A . 
C 3 HOH 25  2025 2025 HOH HOH A . 
C 3 HOH 26  2026 2026 HOH HOH A . 
C 3 HOH 27  2027 2027 HOH HOH A . 
C 3 HOH 28  2028 2028 HOH HOH A . 
C 3 HOH 29  2029 2029 HOH HOH A . 
C 3 HOH 30  2030 2030 HOH HOH A . 
C 3 HOH 31  2031 2031 HOH HOH A . 
C 3 HOH 32  2032 2032 HOH HOH A . 
C 3 HOH 33  2033 2033 HOH HOH A . 
C 3 HOH 34  2034 2034 HOH HOH A . 
C 3 HOH 35  2035 2035 HOH HOH A . 
C 3 HOH 36  2036 2036 HOH HOH A . 
C 3 HOH 37  2037 2037 HOH HOH A . 
C 3 HOH 38  2038 2038 HOH HOH A . 
C 3 HOH 39  2039 2039 HOH HOH A . 
C 3 HOH 40  2040 2040 HOH HOH A . 
C 3 HOH 41  2041 2041 HOH HOH A . 
C 3 HOH 42  2042 2042 HOH HOH A . 
C 3 HOH 43  2043 2043 HOH HOH A . 
C 3 HOH 44  2044 2044 HOH HOH A . 
C 3 HOH 45  2045 2045 HOH HOH A . 
C 3 HOH 46  2046 2046 HOH HOH A . 
C 3 HOH 47  2047 2047 HOH HOH A . 
C 3 HOH 48  2048 2048 HOH HOH A . 
C 3 HOH 49  2049 2049 HOH HOH A . 
C 3 HOH 50  2050 2050 HOH HOH A . 
C 3 HOH 51  2051 2051 HOH HOH A . 
C 3 HOH 52  2052 2052 HOH HOH A . 
C 3 HOH 53  2053 2053 HOH HOH A . 
C 3 HOH 54  2054 2054 HOH HOH A . 
C 3 HOH 55  2055 2055 HOH HOH A . 
C 3 HOH 56  2056 2056 HOH HOH A . 
C 3 HOH 57  2057 2057 HOH HOH A . 
C 3 HOH 58  2058 2058 HOH HOH A . 
C 3 HOH 59  2059 2059 HOH HOH A . 
C 3 HOH 60  2060 2060 HOH HOH A . 
C 3 HOH 61  2061 2061 HOH HOH A . 
C 3 HOH 62  2062 2062 HOH HOH A . 
C 3 HOH 63  2063 2063 HOH HOH A . 
C 3 HOH 64  2064 2064 HOH HOH A . 
C 3 HOH 65  2065 2065 HOH HOH A . 
C 3 HOH 66  2066 2066 HOH HOH A . 
C 3 HOH 67  2067 2067 HOH HOH A . 
C 3 HOH 68  2068 2068 HOH HOH A . 
C 3 HOH 69  2069 2069 HOH HOH A . 
C 3 HOH 70  2070 2070 HOH HOH A . 
C 3 HOH 71  2071 2071 HOH HOH A . 
C 3 HOH 72  2072 2072 HOH HOH A . 
C 3 HOH 73  2073 2073 HOH HOH A . 
C 3 HOH 74  2074 2074 HOH HOH A . 
C 3 HOH 75  2075 2075 HOH HOH A . 
C 3 HOH 76  2076 2076 HOH HOH A . 
C 3 HOH 77  2077 2077 HOH HOH A . 
C 3 HOH 78  2078 2078 HOH HOH A . 
C 3 HOH 79  2079 2079 HOH HOH A . 
C 3 HOH 80  2080 2080 HOH HOH A . 
C 3 HOH 81  2081 2081 HOH HOH A . 
C 3 HOH 82  2082 2082 HOH HOH A . 
C 3 HOH 83  2083 2083 HOH HOH A . 
C 3 HOH 84  2084 2084 HOH HOH A . 
C 3 HOH 85  2085 2085 HOH HOH A . 
C 3 HOH 86  2086 2086 HOH HOH A . 
C 3 HOH 87  2087 2087 HOH HOH A . 
C 3 HOH 88  2088 2088 HOH HOH A . 
C 3 HOH 89  2089 2089 HOH HOH A . 
C 3 HOH 90  2090 2090 HOH HOH A . 
C 3 HOH 91  2091 2091 HOH HOH A . 
C 3 HOH 92  2092 2092 HOH HOH A . 
C 3 HOH 93  2093 2093 HOH HOH A . 
C 3 HOH 94  2094 2094 HOH HOH A . 
C 3 HOH 95  2095 2095 HOH HOH A . 
C 3 HOH 96  2096 2096 HOH HOH A . 
C 3 HOH 97  2097 2097 HOH HOH A . 
C 3 HOH 98  2098 2098 HOH HOH A . 
C 3 HOH 99  2099 2099 HOH HOH A . 
C 3 HOH 100 2100 2100 HOH HOH A . 
C 3 HOH 101 2101 2101 HOH HOH A . 
C 3 HOH 102 2102 2102 HOH HOH A . 
C 3 HOH 103 2103 2103 HOH HOH A . 
C 3 HOH 104 2104 2104 HOH HOH A . 
C 3 HOH 105 2105 2105 HOH HOH A . 
C 3 HOH 106 2106 2106 HOH HOH A . 
C 3 HOH 107 2107 2107 HOH HOH A . 
C 3 HOH 108 2108 2108 HOH HOH A . 
C 3 HOH 109 2109 2109 HOH HOH A . 
C 3 HOH 110 2110 2110 HOH HOH A . 
C 3 HOH 111 2111 2111 HOH HOH A . 
C 3 HOH 112 2112 2112 HOH HOH A . 
C 3 HOH 113 2113 2113 HOH HOH A . 
C 3 HOH 114 2114 2114 HOH HOH A . 
# 
_pdbx_struct_assembly.id                   1 
_pdbx_struct_assembly.details              author_and_software_defined_assembly 
_pdbx_struct_assembly.method_details       PISA 
_pdbx_struct_assembly.oligomeric_details   trimeric 
_pdbx_struct_assembly.oligomeric_count     3 
# 
_pdbx_struct_assembly_gen.assembly_id       1 
_pdbx_struct_assembly_gen.oper_expression   1,2,3 
_pdbx_struct_assembly_gen.asym_id_list      A,B,C 
# 
loop_
_pdbx_struct_assembly_prop.biol_id 
_pdbx_struct_assembly_prop.type 
_pdbx_struct_assembly_prop.value 
_pdbx_struct_assembly_prop.details 
1 'ABSA (A^2)' 7150  ? 
1 MORE         -29.9 ? 
1 'SSA (A^2)'  13030 ? 
# 
loop_
_pdbx_struct_oper_list.id 
_pdbx_struct_oper_list.type 
_pdbx_struct_oper_list.name 
_pdbx_struct_oper_list.symmetry_operation 
_pdbx_struct_oper_list.matrix[1][1] 
_pdbx_struct_oper_list.matrix[1][2] 
_pdbx_struct_oper_list.matrix[1][3] 
_pdbx_struct_oper_list.vector[1] 
_pdbx_struct_oper_list.matrix[2][1] 
_pdbx_struct_oper_list.matrix[2][2] 
_pdbx_struct_oper_list.matrix[2][3] 
_pdbx_struct_oper_list.vector[2] 
_pdbx_struct_oper_list.matrix[3][1] 
_pdbx_struct_oper_list.matrix[3][2] 
_pdbx_struct_oper_list.matrix[3][3] 
_pdbx_struct_oper_list.vector[3] 
1 'identity operation'         1_555 x,y,z        1.0000000000 0.0000000000 0.0000000000  0.0000000000   0.0000000000 1.0000000000  0.0000000000  0.0000000000  0.0000000000  0.0000000000  1.0000000000  0.0000000000   
2 'crystal symmetry operation' 3_565 -x+y,-x+1,z  0.0311351810 0.9992225477 -0.0241847222 -12.0283928235 0.0059978827 -0.0243827985 -0.9996847026 -3.3801108616 -0.9994971866 0.0309803070  -0.0067523825 -15.8009646881 
3 'crystal symmetry operation' 2_665 -y+1,x-y+1,z 0.0311351810 0.0059978827 -0.9994971866 -15.3982400553 0.9992225477 -0.0243827985 0.0309803070  12.4261434958 -0.0241847222 -0.9996847026 -0.0067523825 -3.7766426181 
# 
_pdbx_struct_special_symmetry.id              1 
_pdbx_struct_special_symmetry.PDB_model_num   1 
_pdbx_struct_special_symmetry.auth_asym_id    A 
_pdbx_struct_special_symmetry.auth_comp_id    HOH 
_pdbx_struct_special_symmetry.auth_seq_id     2001 
_pdbx_struct_special_symmetry.PDB_ins_code    ? 
_pdbx_struct_special_symmetry.label_asym_id   C 
_pdbx_struct_special_symmetry.label_comp_id   HOH 
_pdbx_struct_special_symmetry.label_seq_id    . 
# 
loop_
_pdbx_audit_revision_history.ordinal 
_pdbx_audit_revision_history.data_content_type 
_pdbx_audit_revision_history.major_revision 
_pdbx_audit_revision_history.minor_revision 
_pdbx_audit_revision_history.revision_date 
1 'Structure model' 1 0 2010-09-01 
2 'Structure model' 1 1 2011-06-30 
3 'Structure model' 1 2 2011-07-13 
4 'Structure model' 1 3 2017-07-05 
5 'Structure model' 1 4 2019-01-30 
6 'Structure model' 1 5 2019-02-06 
7 'Structure model' 1 6 2023-12-20 
# 
_pdbx_audit_revision_details.ordinal             1 
_pdbx_audit_revision_details.revision_ordinal    1 
_pdbx_audit_revision_details.data_content_type   'Structure model' 
_pdbx_audit_revision_details.provider            repository 
_pdbx_audit_revision_details.type                'Initial release' 
_pdbx_audit_revision_details.description         ? 
_pdbx_audit_revision_details.details             ? 
# 
loop_
_pdbx_audit_revision_group.ordinal 
_pdbx_audit_revision_group.revision_ordinal 
_pdbx_audit_revision_group.data_content_type 
_pdbx_audit_revision_group.group 
1  2 'Structure model' 'Version format compliance' 
2  3 'Structure model' 'Version format compliance' 
3  4 'Structure model' 'Data collection'           
4  5 'Structure model' 'Data collection'           
5  5 'Structure model' 'Experimental preparation'  
6  6 'Structure model' 'Data collection'           
7  6 'Structure model' 'Experimental preparation'  
8  7 'Structure model' 'Data collection'           
9  7 'Structure model' 'Database references'       
10 7 'Structure model' 'Derived calculations'      
11 7 'Structure model' Other                       
12 7 'Structure model' 'Refinement description'    
# 
loop_
_pdbx_audit_revision_category.ordinal 
_pdbx_audit_revision_category.revision_ordinal 
_pdbx_audit_revision_category.data_content_type 
_pdbx_audit_revision_category.category 
1 4 'Structure model' diffrn_source                 
2 5 'Structure model' exptl_crystal_grow            
3 6 'Structure model' exptl_crystal_grow            
4 7 'Structure model' chem_comp_atom                
5 7 'Structure model' chem_comp_bond                
6 7 'Structure model' database_2                    
7 7 'Structure model' pdbx_database_status          
8 7 'Structure model' pdbx_initial_refinement_model 
9 7 'Structure model' struct_site                   
# 
loop_
_pdbx_audit_revision_item.ordinal 
_pdbx_audit_revision_item.revision_ordinal 
_pdbx_audit_revision_item.data_content_type 
_pdbx_audit_revision_item.item 
1 4 'Structure model' '_diffrn_source.type'                  
2 5 'Structure model' '_exptl_crystal_grow.method'           
3 6 'Structure model' '_exptl_crystal_grow.temp'             
4 7 'Structure model' '_database_2.pdbx_DOI'                 
5 7 'Structure model' '_database_2.pdbx_database_accession'  
6 7 'Structure model' '_pdbx_database_status.status_code_sf' 
7 7 'Structure model' '_struct_site.pdbx_auth_asym_id'       
8 7 'Structure model' '_struct_site.pdbx_auth_comp_id'       
9 7 'Structure model' '_struct_site.pdbx_auth_seq_id'        
# 
loop_
_software.name 
_software.classification 
_software.version 
_software.citation_id 
_software.pdbx_ordinal 
_software.date 
_software.type 
_software.location 
_software.language 
REFMAC  refinement       5.5.0102 ? 1 ? ? ? ? 
iMOSFLM 'data reduction' .        ? 2 ? ? ? ? 
SCALA   'data scaling'   .        ? 3 ? ? ? ? 
PHASER  phasing          .        ? 4 ? ? ? ? 
# 
_pdbx_validate_rmsd_bond.id                        1 
_pdbx_validate_rmsd_bond.PDB_model_num             1 
_pdbx_validate_rmsd_bond.auth_atom_id_1            CB 
_pdbx_validate_rmsd_bond.auth_asym_id_1            A 
_pdbx_validate_rmsd_bond.auth_comp_id_1            CYS 
_pdbx_validate_rmsd_bond.auth_seq_id_1             57 
_pdbx_validate_rmsd_bond.PDB_ins_code_1            ? 
_pdbx_validate_rmsd_bond.label_alt_id_1            ? 
_pdbx_validate_rmsd_bond.auth_atom_id_2            SG 
_pdbx_validate_rmsd_bond.auth_asym_id_2            A 
_pdbx_validate_rmsd_bond.auth_comp_id_2            CYS 
_pdbx_validate_rmsd_bond.auth_seq_id_2             57 
_pdbx_validate_rmsd_bond.PDB_ins_code_2            ? 
_pdbx_validate_rmsd_bond.label_alt_id_2            ? 
_pdbx_validate_rmsd_bond.bond_value                1.688 
_pdbx_validate_rmsd_bond.bond_target_value         1.812 
_pdbx_validate_rmsd_bond.bond_deviation            -0.124 
_pdbx_validate_rmsd_bond.bond_standard_deviation   0.016 
_pdbx_validate_rmsd_bond.linker_flag               N 
# 
_pdbx_validate_torsion.id              1 
_pdbx_validate_torsion.PDB_model_num   1 
_pdbx_validate_torsion.auth_comp_id    SER 
_pdbx_validate_torsion.auth_asym_id    A 
_pdbx_validate_torsion.auth_seq_id     111 
_pdbx_validate_torsion.PDB_ins_code    ? 
_pdbx_validate_torsion.label_alt_id    ? 
_pdbx_validate_torsion.phi             -138.33 
_pdbx_validate_torsion.psi             -155.67 
# 
loop_
_pdbx_distant_solvent_atoms.id 
_pdbx_distant_solvent_atoms.PDB_model_num 
_pdbx_distant_solvent_atoms.auth_atom_id 
_pdbx_distant_solvent_atoms.label_alt_id 
_pdbx_distant_solvent_atoms.auth_asym_id 
_pdbx_distant_solvent_atoms.auth_comp_id 
_pdbx_distant_solvent_atoms.auth_seq_id 
_pdbx_distant_solvent_atoms.PDB_ins_code 
_pdbx_distant_solvent_atoms.neighbor_macromolecule_distance 
_pdbx_distant_solvent_atoms.neighbor_ligand_distance 
1 1 O ? A HOH 2007 ? 6.79 . 
2 1 O ? A HOH 2024 ? 6.91 . 
# 
_pdbx_unobs_or_zero_occ_residues.id               1 
_pdbx_unobs_or_zero_occ_residues.PDB_model_num    1 
_pdbx_unobs_or_zero_occ_residues.polymer_flag     Y 
_pdbx_unobs_or_zero_occ_residues.occupancy_flag   1 
_pdbx_unobs_or_zero_occ_residues.auth_asym_id     A 
_pdbx_unobs_or_zero_occ_residues.auth_comp_id     MET 
_pdbx_unobs_or_zero_occ_residues.auth_seq_id      0 
_pdbx_unobs_or_zero_occ_residues.PDB_ins_code     ? 
_pdbx_unobs_or_zero_occ_residues.label_asym_id    A 
_pdbx_unobs_or_zero_occ_residues.label_comp_id    MET 
_pdbx_unobs_or_zero_occ_residues.label_seq_id     1 
# 
loop_
_chem_comp_atom.comp_id 
_chem_comp_atom.atom_id 
_chem_comp_atom.type_symbol 
_chem_comp_atom.pdbx_aromatic_flag 
_chem_comp_atom.pdbx_stereo_config 
_chem_comp_atom.pdbx_ordinal 
ALA N    N N N 1   
ALA CA   C N S 2   
ALA C    C N N 3   
ALA O    O N N 4   
ALA CB   C N N 5   
ALA OXT  O N N 6   
ALA H    H N N 7   
ALA H2   H N N 8   
ALA HA   H N N 9   
ALA HB1  H N N 10  
ALA HB2  H N N 11  
ALA HB3  H N N 12  
ALA HXT  H N N 13  
ARG N    N N N 14  
ARG CA   C N S 15  
ARG C    C N N 16  
ARG O    O N N 17  
ARG CB   C N N 18  
ARG CG   C N N 19  
ARG CD   C N N 20  
ARG NE   N N N 21  
ARG CZ   C N N 22  
ARG NH1  N N N 23  
ARG NH2  N N N 24  
ARG OXT  O N N 25  
ARG H    H N N 26  
ARG H2   H N N 27  
ARG HA   H N N 28  
ARG HB2  H N N 29  
ARG HB3  H N N 30  
ARG HG2  H N N 31  
ARG HG3  H N N 32  
ARG HD2  H N N 33  
ARG HD3  H N N 34  
ARG HE   H N N 35  
ARG HH11 H N N 36  
ARG HH12 H N N 37  
ARG HH21 H N N 38  
ARG HH22 H N N 39  
ARG HXT  H N N 40  
ASN N    N N N 41  
ASN CA   C N S 42  
ASN C    C N N 43  
ASN O    O N N 44  
ASN CB   C N N 45  
ASN CG   C N N 46  
ASN OD1  O N N 47  
ASN ND2  N N N 48  
ASN OXT  O N N 49  
ASN H    H N N 50  
ASN H2   H N N 51  
ASN HA   H N N 52  
ASN HB2  H N N 53  
ASN HB3  H N N 54  
ASN HD21 H N N 55  
ASN HD22 H N N 56  
ASN HXT  H N N 57  
ASP N    N N N 58  
ASP CA   C N S 59  
ASP C    C N N 60  
ASP O    O N N 61  
ASP CB   C N N 62  
ASP CG   C N N 63  
ASP OD1  O N N 64  
ASP OD2  O N N 65  
ASP OXT  O N N 66  
ASP H    H N N 67  
ASP H2   H N N 68  
ASP HA   H N N 69  
ASP HB2  H N N 70  
ASP HB3  H N N 71  
ASP HD2  H N N 72  
ASP HXT  H N N 73  
CYS N    N N N 74  
CYS CA   C N R 75  
CYS C    C N N 76  
CYS O    O N N 77  
CYS CB   C N N 78  
CYS SG   S N N 79  
CYS OXT  O N N 80  
CYS H    H N N 81  
CYS H2   H N N 82  
CYS HA   H N N 83  
CYS HB2  H N N 84  
CYS HB3  H N N 85  
CYS HG   H N N 86  
CYS HXT  H N N 87  
GLN N    N N N 88  
GLN CA   C N S 89  
GLN C    C N N 90  
GLN O    O N N 91  
GLN CB   C N N 92  
GLN CG   C N N 93  
GLN CD   C N N 94  
GLN OE1  O N N 95  
GLN NE2  N N N 96  
GLN OXT  O N N 97  
GLN H    H N N 98  
GLN H2   H N N 99  
GLN HA   H N N 100 
GLN HB2  H N N 101 
GLN HB3  H N N 102 
GLN HG2  H N N 103 
GLN HG3  H N N 104 
GLN HE21 H N N 105 
GLN HE22 H N N 106 
GLN HXT  H N N 107 
GLU N    N N N 108 
GLU CA   C N S 109 
GLU C    C N N 110 
GLU O    O N N 111 
GLU CB   C N N 112 
GLU CG   C N N 113 
GLU CD   C N N 114 
GLU OE1  O N N 115 
GLU OE2  O N N 116 
GLU OXT  O N N 117 
GLU H    H N N 118 
GLU H2   H N N 119 
GLU HA   H N N 120 
GLU HB2  H N N 121 
GLU HB3  H N N 122 
GLU HG2  H N N 123 
GLU HG3  H N N 124 
GLU HE2  H N N 125 
GLU HXT  H N N 126 
GLY N    N N N 127 
GLY CA   C N N 128 
GLY C    C N N 129 
GLY O    O N N 130 
GLY OXT  O N N 131 
GLY H    H N N 132 
GLY H2   H N N 133 
GLY HA2  H N N 134 
GLY HA3  H N N 135 
GLY HXT  H N N 136 
HIS N    N N N 137 
HIS CA   C N S 138 
HIS C    C N N 139 
HIS O    O N N 140 
HIS CB   C N N 141 
HIS CG   C Y N 142 
HIS ND1  N Y N 143 
HIS CD2  C Y N 144 
HIS CE1  C Y N 145 
HIS NE2  N Y N 146 
HIS OXT  O N N 147 
HIS H    H N N 148 
HIS H2   H N N 149 
HIS HA   H N N 150 
HIS HB2  H N N 151 
HIS HB3  H N N 152 
HIS HD1  H N N 153 
HIS HD2  H N N 154 
HIS HE1  H N N 155 
HIS HE2  H N N 156 
HIS HXT  H N N 157 
HOH O    O N N 158 
HOH H1   H N N 159 
HOH H2   H N N 160 
ILE N    N N N 161 
ILE CA   C N S 162 
ILE C    C N N 163 
ILE O    O N N 164 
ILE CB   C N S 165 
ILE CG1  C N N 166 
ILE CG2  C N N 167 
ILE CD1  C N N 168 
ILE OXT  O N N 169 
ILE H    H N N 170 
ILE H2   H N N 171 
ILE HA   H N N 172 
ILE HB   H N N 173 
ILE HG12 H N N 174 
ILE HG13 H N N 175 
ILE HG21 H N N 176 
ILE HG22 H N N 177 
ILE HG23 H N N 178 
ILE HD11 H N N 179 
ILE HD12 H N N 180 
ILE HD13 H N N 181 
ILE HXT  H N N 182 
LEU N    N N N 183 
LEU CA   C N S 184 
LEU C    C N N 185 
LEU O    O N N 186 
LEU CB   C N N 187 
LEU CG   C N N 188 
LEU CD1  C N N 189 
LEU CD2  C N N 190 
LEU OXT  O N N 191 
LEU H    H N N 192 
LEU H2   H N N 193 
LEU HA   H N N 194 
LEU HB2  H N N 195 
LEU HB3  H N N 196 
LEU HG   H N N 197 
LEU HD11 H N N 198 
LEU HD12 H N N 199 
LEU HD13 H N N 200 
LEU HD21 H N N 201 
LEU HD22 H N N 202 
LEU HD23 H N N 203 
LEU HXT  H N N 204 
LYS N    N N N 205 
LYS CA   C N S 206 
LYS C    C N N 207 
LYS O    O N N 208 
LYS CB   C N N 209 
LYS CG   C N N 210 
LYS CD   C N N 211 
LYS CE   C N N 212 
LYS NZ   N N N 213 
LYS OXT  O N N 214 
LYS H    H N N 215 
LYS H2   H N N 216 
LYS HA   H N N 217 
LYS HB2  H N N 218 
LYS HB3  H N N 219 
LYS HG2  H N N 220 
LYS HG3  H N N 221 
LYS HD2  H N N 222 
LYS HD3  H N N 223 
LYS HE2  H N N 224 
LYS HE3  H N N 225 
LYS HZ1  H N N 226 
LYS HZ2  H N N 227 
LYS HZ3  H N N 228 
LYS HXT  H N N 229 
MET N    N N N 230 
MET CA   C N S 231 
MET C    C N N 232 
MET O    O N N 233 
MET CB   C N N 234 
MET CG   C N N 235 
MET SD   S N N 236 
MET CE   C N N 237 
MET OXT  O N N 238 
MET H    H N N 239 
MET H2   H N N 240 
MET HA   H N N 241 
MET HB2  H N N 242 
MET HB3  H N N 243 
MET HG2  H N N 244 
MET HG3  H N N 245 
MET HE1  H N N 246 
MET HE2  H N N 247 
MET HE3  H N N 248 
MET HXT  H N N 249 
PEG C1   C N N 250 
PEG O1   O N N 251 
PEG C2   C N N 252 
PEG O2   O N N 253 
PEG C3   C N N 254 
PEG C4   C N N 255 
PEG O4   O N N 256 
PEG H11  H N N 257 
PEG H12  H N N 258 
PEG HO1  H N N 259 
PEG H21  H N N 260 
PEG H22  H N N 261 
PEG H31  H N N 262 
PEG H32  H N N 263 
PEG H41  H N N 264 
PEG H42  H N N 265 
PEG HO4  H N N 266 
PHE N    N N N 267 
PHE CA   C N S 268 
PHE C    C N N 269 
PHE O    O N N 270 
PHE CB   C N N 271 
PHE CG   C Y N 272 
PHE CD1  C Y N 273 
PHE CD2  C Y N 274 
PHE CE1  C Y N 275 
PHE CE2  C Y N 276 
PHE CZ   C Y N 277 
PHE OXT  O N N 278 
PHE H    H N N 279 
PHE H2   H N N 280 
PHE HA   H N N 281 
PHE HB2  H N N 282 
PHE HB3  H N N 283 
PHE HD1  H N N 284 
PHE HD2  H N N 285 
PHE HE1  H N N 286 
PHE HE2  H N N 287 
PHE HZ   H N N 288 
PHE HXT  H N N 289 
PRO N    N N N 290 
PRO CA   C N S 291 
PRO C    C N N 292 
PRO O    O N N 293 
PRO CB   C N N 294 
PRO CG   C N N 295 
PRO CD   C N N 296 
PRO OXT  O N N 297 
PRO H    H N N 298 
PRO HA   H N N 299 
PRO HB2  H N N 300 
PRO HB3  H N N 301 
PRO HG2  H N N 302 
PRO HG3  H N N 303 
PRO HD2  H N N 304 
PRO HD3  H N N 305 
PRO HXT  H N N 306 
SER N    N N N 307 
SER CA   C N S 308 
SER C    C N N 309 
SER O    O N N 310 
SER CB   C N N 311 
SER OG   O N N 312 
SER OXT  O N N 313 
SER H    H N N 314 
SER H2   H N N 315 
SER HA   H N N 316 
SER HB2  H N N 317 
SER HB3  H N N 318 
SER HG   H N N 319 
SER HXT  H N N 320 
THR N    N N N 321 
THR CA   C N S 322 
THR C    C N N 323 
THR O    O N N 324 
THR CB   C N R 325 
THR OG1  O N N 326 
THR CG2  C N N 327 
THR OXT  O N N 328 
THR H    H N N 329 
THR H2   H N N 330 
THR HA   H N N 331 
THR HB   H N N 332 
THR HG1  H N N 333 
THR HG21 H N N 334 
THR HG22 H N N 335 
THR HG23 H N N 336 
THR HXT  H N N 337 
TRP N    N N N 338 
TRP CA   C N S 339 
TRP C    C N N 340 
TRP O    O N N 341 
TRP CB   C N N 342 
TRP CG   C Y N 343 
TRP CD1  C Y N 344 
TRP CD2  C Y N 345 
TRP NE1  N Y N 346 
TRP CE2  C Y N 347 
TRP CE3  C Y N 348 
TRP CZ2  C Y N 349 
TRP CZ3  C Y N 350 
TRP CH2  C Y N 351 
TRP OXT  O N N 352 
TRP H    H N N 353 
TRP H2   H N N 354 
TRP HA   H N N 355 
TRP HB2  H N N 356 
TRP HB3  H N N 357 
TRP HD1  H N N 358 
TRP HE1  H N N 359 
TRP HE3  H N N 360 
TRP HZ2  H N N 361 
TRP HZ3  H N N 362 
TRP HH2  H N N 363 
TRP HXT  H N N 364 
TYR N    N N N 365 
TYR CA   C N S 366 
TYR C    C N N 367 
TYR O    O N N 368 
TYR CB   C N N 369 
TYR CG   C Y N 370 
TYR CD1  C Y N 371 
TYR CD2  C Y N 372 
TYR CE1  C Y N 373 
TYR CE2  C Y N 374 
TYR CZ   C Y N 375 
TYR OH   O N N 376 
TYR OXT  O N N 377 
TYR H    H N N 378 
TYR H2   H N N 379 
TYR HA   H N N 380 
TYR HB2  H N N 381 
TYR HB3  H N N 382 
TYR HD1  H N N 383 
TYR HD2  H N N 384 
TYR HE1  H N N 385 
TYR HE2  H N N 386 
TYR HH   H N N 387 
TYR HXT  H N N 388 
VAL N    N N N 389 
VAL CA   C N S 390 
VAL C    C N N 391 
VAL O    O N N 392 
VAL CB   C N N 393 
VAL CG1  C N N 394 
VAL CG2  C N N 395 
VAL OXT  O N N 396 
VAL H    H N N 397 
VAL H2   H N N 398 
VAL HA   H N N 399 
VAL HB   H N N 400 
VAL HG11 H N N 401 
VAL HG12 H N N 402 
VAL HG13 H N N 403 
VAL HG21 H N N 404 
VAL HG22 H N N 405 
VAL HG23 H N N 406 
VAL HXT  H N N 407 
# 
loop_
_chem_comp_bond.comp_id 
_chem_comp_bond.atom_id_1 
_chem_comp_bond.atom_id_2 
_chem_comp_bond.value_order 
_chem_comp_bond.pdbx_aromatic_flag 
_chem_comp_bond.pdbx_stereo_config 
_chem_comp_bond.pdbx_ordinal 
ALA N   CA   sing N N 1   
ALA N   H    sing N N 2   
ALA N   H2   sing N N 3   
ALA CA  C    sing N N 4   
ALA CA  CB   sing N N 5   
ALA CA  HA   sing N N 6   
ALA C   O    doub N N 7   
ALA C   OXT  sing N N 8   
ALA CB  HB1  sing N N 9   
ALA CB  HB2  sing N N 10  
ALA CB  HB3  sing N N 11  
ALA OXT HXT  sing N N 12  
ARG N   CA   sing N N 13  
ARG N   H    sing N N 14  
ARG N   H2   sing N N 15  
ARG CA  C    sing N N 16  
ARG CA  CB   sing N N 17  
ARG CA  HA   sing N N 18  
ARG C   O    doub N N 19  
ARG C   OXT  sing N N 20  
ARG CB  CG   sing N N 21  
ARG CB  HB2  sing N N 22  
ARG CB  HB3  sing N N 23  
ARG CG  CD   sing N N 24  
ARG CG  HG2  sing N N 25  
ARG CG  HG3  sing N N 26  
ARG CD  NE   sing N N 27  
ARG CD  HD2  sing N N 28  
ARG CD  HD3  sing N N 29  
ARG NE  CZ   sing N N 30  
ARG NE  HE   sing N N 31  
ARG CZ  NH1  sing N N 32  
ARG CZ  NH2  doub N N 33  
ARG NH1 HH11 sing N N 34  
ARG NH1 HH12 sing N N 35  
ARG NH2 HH21 sing N N 36  
ARG NH2 HH22 sing N N 37  
ARG OXT HXT  sing N N 38  
ASN N   CA   sing N N 39  
ASN N   H    sing N N 40  
ASN N   H2   sing N N 41  
ASN CA  C    sing N N 42  
ASN CA  CB   sing N N 43  
ASN CA  HA   sing N N 44  
ASN C   O    doub N N 45  
ASN C   OXT  sing N N 46  
ASN CB  CG   sing N N 47  
ASN CB  HB2  sing N N 48  
ASN CB  HB3  sing N N 49  
ASN CG  OD1  doub N N 50  
ASN CG  ND2  sing N N 51  
ASN ND2 HD21 sing N N 52  
ASN ND2 HD22 sing N N 53  
ASN OXT HXT  sing N N 54  
ASP N   CA   sing N N 55  
ASP N   H    sing N N 56  
ASP N   H2   sing N N 57  
ASP CA  C    sing N N 58  
ASP CA  CB   sing N N 59  
ASP CA  HA   sing N N 60  
ASP C   O    doub N N 61  
ASP C   OXT  sing N N 62  
ASP CB  CG   sing N N 63  
ASP CB  HB2  sing N N 64  
ASP CB  HB3  sing N N 65  
ASP CG  OD1  doub N N 66  
ASP CG  OD2  sing N N 67  
ASP OD2 HD2  sing N N 68  
ASP OXT HXT  sing N N 69  
CYS N   CA   sing N N 70  
CYS N   H    sing N N 71  
CYS N   H2   sing N N 72  
CYS CA  C    sing N N 73  
CYS CA  CB   sing N N 74  
CYS CA  HA   sing N N 75  
CYS C   O    doub N N 76  
CYS C   OXT  sing N N 77  
CYS CB  SG   sing N N 78  
CYS CB  HB2  sing N N 79  
CYS CB  HB3  sing N N 80  
CYS SG  HG   sing N N 81  
CYS OXT HXT  sing N N 82  
GLN N   CA   sing N N 83  
GLN N   H    sing N N 84  
GLN N   H2   sing N N 85  
GLN CA  C    sing N N 86  
GLN CA  CB   sing N N 87  
GLN CA  HA   sing N N 88  
GLN C   O    doub N N 89  
GLN C   OXT  sing N N 90  
GLN CB  CG   sing N N 91  
GLN CB  HB2  sing N N 92  
GLN CB  HB3  sing N N 93  
GLN CG  CD   sing N N 94  
GLN CG  HG2  sing N N 95  
GLN CG  HG3  sing N N 96  
GLN CD  OE1  doub N N 97  
GLN CD  NE2  sing N N 98  
GLN NE2 HE21 sing N N 99  
GLN NE2 HE22 sing N N 100 
GLN OXT HXT  sing N N 101 
GLU N   CA   sing N N 102 
GLU N   H    sing N N 103 
GLU N   H2   sing N N 104 
GLU CA  C    sing N N 105 
GLU CA  CB   sing N N 106 
GLU CA  HA   sing N N 107 
GLU C   O    doub N N 108 
GLU C   OXT  sing N N 109 
GLU CB  CG   sing N N 110 
GLU CB  HB2  sing N N 111 
GLU CB  HB3  sing N N 112 
GLU CG  CD   sing N N 113 
GLU CG  HG2  sing N N 114 
GLU CG  HG3  sing N N 115 
GLU CD  OE1  doub N N 116 
GLU CD  OE2  sing N N 117 
GLU OE2 HE2  sing N N 118 
GLU OXT HXT  sing N N 119 
GLY N   CA   sing N N 120 
GLY N   H    sing N N 121 
GLY N   H2   sing N N 122 
GLY CA  C    sing N N 123 
GLY CA  HA2  sing N N 124 
GLY CA  HA3  sing N N 125 
GLY C   O    doub N N 126 
GLY C   OXT  sing N N 127 
GLY OXT HXT  sing N N 128 
HIS N   CA   sing N N 129 
HIS N   H    sing N N 130 
HIS N   H2   sing N N 131 
HIS CA  C    sing N N 132 
HIS CA  CB   sing N N 133 
HIS CA  HA   sing N N 134 
HIS C   O    doub N N 135 
HIS C   OXT  sing N N 136 
HIS CB  CG   sing N N 137 
HIS CB  HB2  sing N N 138 
HIS CB  HB3  sing N N 139 
HIS CG  ND1  sing Y N 140 
HIS CG  CD2  doub Y N 141 
HIS ND1 CE1  doub Y N 142 
HIS ND1 HD1  sing N N 143 
HIS CD2 NE2  sing Y N 144 
HIS CD2 HD2  sing N N 145 
HIS CE1 NE2  sing Y N 146 
HIS CE1 HE1  sing N N 147 
HIS NE2 HE2  sing N N 148 
HIS OXT HXT  sing N N 149 
HOH O   H1   sing N N 150 
HOH O   H2   sing N N 151 
ILE N   CA   sing N N 152 
ILE N   H    sing N N 153 
ILE N   H2   sing N N 154 
ILE CA  C    sing N N 155 
ILE CA  CB   sing N N 156 
ILE CA  HA   sing N N 157 
ILE C   O    doub N N 158 
ILE C   OXT  sing N N 159 
ILE CB  CG1  sing N N 160 
ILE CB  CG2  sing N N 161 
ILE CB  HB   sing N N 162 
ILE CG1 CD1  sing N N 163 
ILE CG1 HG12 sing N N 164 
ILE CG1 HG13 sing N N 165 
ILE CG2 HG21 sing N N 166 
ILE CG2 HG22 sing N N 167 
ILE CG2 HG23 sing N N 168 
ILE CD1 HD11 sing N N 169 
ILE CD1 HD12 sing N N 170 
ILE CD1 HD13 sing N N 171 
ILE OXT HXT  sing N N 172 
LEU N   CA   sing N N 173 
LEU N   H    sing N N 174 
LEU N   H2   sing N N 175 
LEU CA  C    sing N N 176 
LEU CA  CB   sing N N 177 
LEU CA  HA   sing N N 178 
LEU C   O    doub N N 179 
LEU C   OXT  sing N N 180 
LEU CB  CG   sing N N 181 
LEU CB  HB2  sing N N 182 
LEU CB  HB3  sing N N 183 
LEU CG  CD1  sing N N 184 
LEU CG  CD2  sing N N 185 
LEU CG  HG   sing N N 186 
LEU CD1 HD11 sing N N 187 
LEU CD1 HD12 sing N N 188 
LEU CD1 HD13 sing N N 189 
LEU CD2 HD21 sing N N 190 
LEU CD2 HD22 sing N N 191 
LEU CD2 HD23 sing N N 192 
LEU OXT HXT  sing N N 193 
LYS N   CA   sing N N 194 
LYS N   H    sing N N 195 
LYS N   H2   sing N N 196 
LYS CA  C    sing N N 197 
LYS CA  CB   sing N N 198 
LYS CA  HA   sing N N 199 
LYS C   O    doub N N 200 
LYS C   OXT  sing N N 201 
LYS CB  CG   sing N N 202 
LYS CB  HB2  sing N N 203 
LYS CB  HB3  sing N N 204 
LYS CG  CD   sing N N 205 
LYS CG  HG2  sing N N 206 
LYS CG  HG3  sing N N 207 
LYS CD  CE   sing N N 208 
LYS CD  HD2  sing N N 209 
LYS CD  HD3  sing N N 210 
LYS CE  NZ   sing N N 211 
LYS CE  HE2  sing N N 212 
LYS CE  HE3  sing N N 213 
LYS NZ  HZ1  sing N N 214 
LYS NZ  HZ2  sing N N 215 
LYS NZ  HZ3  sing N N 216 
LYS OXT HXT  sing N N 217 
MET N   CA   sing N N 218 
MET N   H    sing N N 219 
MET N   H2   sing N N 220 
MET CA  C    sing N N 221 
MET CA  CB   sing N N 222 
MET CA  HA   sing N N 223 
MET C   O    doub N N 224 
MET C   OXT  sing N N 225 
MET CB  CG   sing N N 226 
MET CB  HB2  sing N N 227 
MET CB  HB3  sing N N 228 
MET CG  SD   sing N N 229 
MET CG  HG2  sing N N 230 
MET CG  HG3  sing N N 231 
MET SD  CE   sing N N 232 
MET CE  HE1  sing N N 233 
MET CE  HE2  sing N N 234 
MET CE  HE3  sing N N 235 
MET OXT HXT  sing N N 236 
PEG C1  O1   sing N N 237 
PEG C1  C2   sing N N 238 
PEG C1  H11  sing N N 239 
PEG C1  H12  sing N N 240 
PEG O1  HO1  sing N N 241 
PEG C2  O2   sing N N 242 
PEG C2  H21  sing N N 243 
PEG C2  H22  sing N N 244 
PEG O2  C3   sing N N 245 
PEG C3  C4   sing N N 246 
PEG C3  H31  sing N N 247 
PEG C3  H32  sing N N 248 
PEG C4  O4   sing N N 249 
PEG C4  H41  sing N N 250 
PEG C4  H42  sing N N 251 
PEG O4  HO4  sing N N 252 
PHE N   CA   sing N N 253 
PHE N   H    sing N N 254 
PHE N   H2   sing N N 255 
PHE CA  C    sing N N 256 
PHE CA  CB   sing N N 257 
PHE CA  HA   sing N N 258 
PHE C   O    doub N N 259 
PHE C   OXT  sing N N 260 
PHE CB  CG   sing N N 261 
PHE CB  HB2  sing N N 262 
PHE CB  HB3  sing N N 263 
PHE CG  CD1  doub Y N 264 
PHE CG  CD2  sing Y N 265 
PHE CD1 CE1  sing Y N 266 
PHE CD1 HD1  sing N N 267 
PHE CD2 CE2  doub Y N 268 
PHE CD2 HD2  sing N N 269 
PHE CE1 CZ   doub Y N 270 
PHE CE1 HE1  sing N N 271 
PHE CE2 CZ   sing Y N 272 
PHE CE2 HE2  sing N N 273 
PHE CZ  HZ   sing N N 274 
PHE OXT HXT  sing N N 275 
PRO N   CA   sing N N 276 
PRO N   CD   sing N N 277 
PRO N   H    sing N N 278 
PRO CA  C    sing N N 279 
PRO CA  CB   sing N N 280 
PRO CA  HA   sing N N 281 
PRO C   O    doub N N 282 
PRO C   OXT  sing N N 283 
PRO CB  CG   sing N N 284 
PRO CB  HB2  sing N N 285 
PRO CB  HB3  sing N N 286 
PRO CG  CD   sing N N 287 
PRO CG  HG2  sing N N 288 
PRO CG  HG3  sing N N 289 
PRO CD  HD2  sing N N 290 
PRO CD  HD3  sing N N 291 
PRO OXT HXT  sing N N 292 
SER N   CA   sing N N 293 
SER N   H    sing N N 294 
SER N   H2   sing N N 295 
SER CA  C    sing N N 296 
SER CA  CB   sing N N 297 
SER CA  HA   sing N N 298 
SER C   O    doub N N 299 
SER C   OXT  sing N N 300 
SER CB  OG   sing N N 301 
SER CB  HB2  sing N N 302 
SER CB  HB3  sing N N 303 
SER OG  HG   sing N N 304 
SER OXT HXT  sing N N 305 
THR N   CA   sing N N 306 
THR N   H    sing N N 307 
THR N   H2   sing N N 308 
THR CA  C    sing N N 309 
THR CA  CB   sing N N 310 
THR CA  HA   sing N N 311 
THR C   O    doub N N 312 
THR C   OXT  sing N N 313 
THR CB  OG1  sing N N 314 
THR CB  CG2  sing N N 315 
THR CB  HB   sing N N 316 
THR OG1 HG1  sing N N 317 
THR CG2 HG21 sing N N 318 
THR CG2 HG22 sing N N 319 
THR CG2 HG23 sing N N 320 
THR OXT HXT  sing N N 321 
TRP N   CA   sing N N 322 
TRP N   H    sing N N 323 
TRP N   H2   sing N N 324 
TRP CA  C    sing N N 325 
TRP CA  CB   sing N N 326 
TRP CA  HA   sing N N 327 
TRP C   O    doub N N 328 
TRP C   OXT  sing N N 329 
TRP CB  CG   sing N N 330 
TRP CB  HB2  sing N N 331 
TRP CB  HB3  sing N N 332 
TRP CG  CD1  doub Y N 333 
TRP CG  CD2  sing Y N 334 
TRP CD1 NE1  sing Y N 335 
TRP CD1 HD1  sing N N 336 
TRP CD2 CE2  doub Y N 337 
TRP CD2 CE3  sing Y N 338 
TRP NE1 CE2  sing Y N 339 
TRP NE1 HE1  sing N N 340 
TRP CE2 CZ2  sing Y N 341 
TRP CE3 CZ3  doub Y N 342 
TRP CE3 HE3  sing N N 343 
TRP CZ2 CH2  doub Y N 344 
TRP CZ2 HZ2  sing N N 345 
TRP CZ3 CH2  sing Y N 346 
TRP CZ3 HZ3  sing N N 347 
TRP CH2 HH2  sing N N 348 
TRP OXT HXT  sing N N 349 
TYR N   CA   sing N N 350 
TYR N   H    sing N N 351 
TYR N   H2   sing N N 352 
TYR CA  C    sing N N 353 
TYR CA  CB   sing N N 354 
TYR CA  HA   sing N N 355 
TYR C   O    doub N N 356 
TYR C   OXT  sing N N 357 
TYR CB  CG   sing N N 358 
TYR CB  HB2  sing N N 359 
TYR CB  HB3  sing N N 360 
TYR CG  CD1  doub Y N 361 
TYR CG  CD2  sing Y N 362 
TYR CD1 CE1  sing Y N 363 
TYR CD1 HD1  sing N N 364 
TYR CD2 CE2  doub Y N 365 
TYR CD2 HD2  sing N N 366 
TYR CE1 CZ   doub Y N 367 
TYR CE1 HE1  sing N N 368 
TYR CE2 CZ   sing Y N 369 
TYR CE2 HE2  sing N N 370 
TYR CZ  OH   sing N N 371 
TYR OH  HH   sing N N 372 
TYR OXT HXT  sing N N 373 
VAL N   CA   sing N N 374 
VAL N   H    sing N N 375 
VAL N   H2   sing N N 376 
VAL CA  C    sing N N 377 
VAL CA  CB   sing N N 378 
VAL CA  HA   sing N N 379 
VAL C   O    doub N N 380 
VAL C   OXT  sing N N 381 
VAL CB  CG1  sing N N 382 
VAL CB  CG2  sing N N 383 
VAL CB  HB   sing N N 384 
VAL CG1 HG11 sing N N 385 
VAL CG1 HG12 sing N N 386 
VAL CG1 HG13 sing N N 387 
VAL CG2 HG21 sing N N 388 
VAL CG2 HG22 sing N N 389 
VAL CG2 HG23 sing N N 390 
VAL OXT HXT  sing N N 391 
# 
loop_
_pdbx_entity_nonpoly.entity_id 
_pdbx_entity_nonpoly.name 
_pdbx_entity_nonpoly.comp_id 
2 'DI(HYDROXYETHYL)ETHER' PEG 
3 water                   HOH 
# 
loop_
_pdbx_initial_refinement_model.id 
_pdbx_initial_refinement_model.entity_id_list 
_pdbx_initial_refinement_model.type 
_pdbx_initial_refinement_model.source_name 
_pdbx_initial_refinement_model.accession_code 
_pdbx_initial_refinement_model.details 
1 ? 'experimental model' PDB 1GIF 'PDB ENTRIES 1GIF, 1GCZ, 1FIM, 1UIZ.' 
2 ? 'experimental model' PDB 1GCZ 'PDB ENTRIES 1GIF, 1GCZ, 1FIM, 1UIZ.' 
3 ? 'experimental model' PDB 1FIM 'PDB ENTRIES 1GIF, 1GCZ, 1FIM, 1UIZ.' 
4 ? 'experimental model' PDB 1UIZ 'PDB ENTRIES 1GIF, 1GCZ, 1FIM, 1UIZ.' 
# 
